data_8YVS
#
_entry.id   8YVS
#
_cell.length_a   122.991
_cell.length_b   194.508
_cell.length_c   112.19
_cell.angle_alpha   90
_cell.angle_beta   117.214
_cell.angle_gamma   90
#
_symmetry.space_group_name_H-M   'C 1 2 1'
#
loop_
_entity.id
_entity.type
_entity.pdbx_description
1 polymer 'Candidate alpha glycoside phosphorylase Glycoside hydrolase family 65'
2 non-polymer CASTANOSPERMINE
3 non-polymer 1,2-ETHANEDIOL
4 water water
#
_entity_poly.entity_id   1
_entity_poly.type   'polypeptide(L)'
_entity_poly.pdbx_seq_one_letter_code
;MGSSHHHHHHSSGLVPRGSHQDPWKLSADKPDSNNYYGETVANGMIGIISSPEPLKVKEVVLAGTYDIYKRGRVSSFIPN
YNLLNMKLAFNGESVQTYNINNYKQELDMRNGAFTGSFQFKDLATVTYSYYALRHLPHCIMMVVNINTQKDTEINVENLL
ETPSSLNNQQNYFQNITNTHVNIPLLTSVAFTPTGRSKIAVSNTFLFDEGKKLQPEILHRMNDADMHAMSFDKKIKAGKT
YSFALIGSLISSDHINDPYNEAERLTIYAALEGKSRLLNRHMQEWNSLWQSDIQVEGDPQAQQDIRSMLYHLYSFTRKST
SLSPSPMGLSGLGYNGHVFWDTEIWMFPPMLLLHPEIAKSMIEYRYQRLDAARKKAAIYGYDGAMFPWESADSGAEETPV
NALTGAFEHHVTGDVAIAAWQYYLVTGDKEWLKEKGWPILKATAEFWASRVEKNDKGEYEIKNVVAADEWAENIDNNAYT
NGTAIRNLQYASKCATVLGVIAPKEWTLIADKILISKMSNGVTREHDSYTDQNIKQADANLLAYPLKLITDKEQIERDLK
YYQTKIPQSDTPAMTQAIFSLLYSRLEDSDQAYHWFKDAYQPNLNPPFRVISECKGGTNPYFSTGAGGVLQAVIMGFGGL
DIDAAGGIKQVKSVLPKNWKKLTITGIGIEKKTFVLTH
;
_entity_poly.pdbx_strand_id   A,B,C
#
# COMPACT_ATOMS: atom_id res chain seq x y z
N HIS A 20 13.54 11.07 49.95
CA HIS A 20 12.92 10.69 48.65
C HIS A 20 13.88 10.96 47.47
N GLN A 21 15.18 10.73 47.70
CA GLN A 21 16.24 11.05 46.73
C GLN A 21 17.13 9.83 46.49
N ASP A 22 16.50 8.66 46.43
CA ASP A 22 17.12 7.46 45.91
C ASP A 22 17.49 7.71 44.45
N PRO A 23 18.69 7.31 43.99
CA PRO A 23 19.13 7.59 42.63
C PRO A 23 18.47 6.73 41.55
N TRP A 24 17.72 5.71 41.98
CA TRP A 24 17.07 4.78 41.07
C TRP A 24 15.56 4.76 41.21
N LYS A 25 15.02 5.32 42.29
CA LYS A 25 13.60 5.17 42.59
C LYS A 25 12.98 6.52 42.93
N LEU A 26 11.78 6.76 42.39
CA LEU A 26 10.97 7.90 42.76
C LEU A 26 9.89 7.41 43.71
N SER A 27 9.71 8.06 44.87
CA SER A 27 8.79 7.58 45.88
C SER A 27 7.82 8.66 46.34
N ALA A 28 6.58 8.25 46.66
CA ALA A 28 5.58 9.14 47.23
C ALA A 28 4.87 8.44 48.38
N ASP A 29 4.86 9.09 49.55
CA ASP A 29 4.12 8.61 50.72
C ASP A 29 2.74 9.22 50.73
N LYS A 30 1.74 8.39 51.04
CA LYS A 30 0.34 8.81 51.15
C LYS A 30 -0.01 9.80 50.04
N PRO A 31 -0.14 9.33 48.79
CA PRO A 31 -0.57 10.17 47.67
C PRO A 31 -1.71 11.12 48.03
N ASP A 32 -1.54 12.39 47.64
CA ASP A 32 -2.55 13.40 47.84
C ASP A 32 -3.22 13.66 46.50
N SER A 33 -4.47 13.19 46.34
CA SER A 33 -5.16 13.27 45.07
C SER A 33 -5.46 14.72 44.68
N ASN A 34 -5.43 15.65 45.65
CA ASN A 34 -5.65 17.07 45.37
C ASN A 34 -4.41 17.74 44.79
N ASN A 35 -3.25 17.08 44.82
CA ASN A 35 -2.02 17.65 44.31
C ASN A 35 -1.11 16.54 43.78
N TYR A 36 -1.61 15.80 42.79
CA TYR A 36 -0.96 14.58 42.34
C TYR A 36 -0.87 14.58 40.82
N TYR A 37 0.34 14.39 40.30
CA TYR A 37 0.58 14.20 38.88
C TYR A 37 1.27 12.85 38.68
N GLY A 38 0.57 11.91 38.04
CA GLY A 38 1.02 10.54 37.98
C GLY A 38 2.26 10.38 37.10
N GLU A 39 2.99 9.30 37.41
CA GLU A 39 4.16 8.88 36.66
C GLU A 39 3.78 7.76 35.69
N THR A 40 4.65 7.55 34.69
CA THR A 40 4.35 6.66 33.58
C THR A 40 5.32 5.48 33.62
N VAL A 41 4.81 4.29 33.32
CA VAL A 41 5.63 3.18 32.85
C VAL A 41 5.27 2.91 31.40
N ALA A 42 6.28 2.61 30.57
CA ALA A 42 6.04 2.44 29.16
C ALA A 42 7.18 1.67 28.51
N ASN A 43 6.84 1.07 27.36
CA ASN A 43 7.72 0.24 26.60
C ASN A 43 7.85 0.76 25.17
N GLY A 44 7.50 2.05 24.95
CA GLY A 44 7.56 2.65 23.63
C GLY A 44 6.33 2.37 22.79
N MET A 45 5.42 1.50 23.31
CA MET A 45 4.18 1.18 22.62
C MET A 45 2.97 1.49 23.50
N ILE A 46 2.99 1.03 24.74
CA ILE A 46 1.93 1.33 25.70
C ILE A 46 2.54 2.16 26.81
N GLY A 47 1.80 3.19 27.22
CA GLY A 47 2.14 3.92 28.41
C GLY A 47 0.99 3.79 29.40
N ILE A 48 1.36 3.62 30.68
CA ILE A 48 0.41 3.54 31.78
C ILE A 48 0.78 4.61 32.79
N ILE A 49 -0.20 5.49 33.09
CA ILE A 49 0.02 6.62 33.98
C ILE A 49 -0.73 6.35 35.27
N SER A 50 -0.02 6.60 36.39
CA SER A 50 -0.46 6.19 37.71
C SER A 50 -1.64 7.02 38.17
N SER A 51 -2.46 6.38 39.04
CA SER A 51 -3.49 7.04 39.80
C SER A 51 -3.04 7.17 41.25
N PRO A 52 -3.48 8.20 41.99
CA PRO A 52 -3.25 8.23 43.43
C PRO A 52 -3.99 7.13 44.18
N GLU A 53 -5.03 6.56 43.55
CA GLU A 53 -5.85 5.53 44.19
C GLU A 53 -5.17 4.17 44.06
N PRO A 54 -5.24 3.31 45.11
CA PRO A 54 -4.62 1.99 45.03
C PRO A 54 -5.29 1.08 44.01
N LEU A 55 -4.47 0.34 43.24
CA LEU A 55 -4.94 -0.71 42.34
C LEU A 55 -5.76 -0.12 41.18
N LYS A 56 -5.55 1.18 40.89
CA LYS A 56 -6.15 1.80 39.73
C LYS A 56 -5.04 2.43 38.89
N VAL A 57 -5.37 2.68 37.63
CA VAL A 57 -4.50 3.51 36.80
C VAL A 57 -5.32 4.69 36.26
N LYS A 58 -4.63 5.80 35.99
CA LYS A 58 -5.31 6.99 35.52
C LYS A 58 -5.67 6.87 34.05
N GLU A 59 -4.68 6.51 33.21
CA GLU A 59 -4.84 6.60 31.76
C GLU A 59 -3.87 5.62 31.14
N VAL A 60 -4.26 5.12 29.97
CA VAL A 60 -3.46 4.20 29.18
C VAL A 60 -3.47 4.71 27.75
N VAL A 61 -2.26 4.80 27.15
CA VAL A 61 -2.09 5.34 25.83
C VAL A 61 -1.39 4.28 24.98
N LEU A 62 -1.94 4.05 23.78
CA LEU A 62 -1.29 3.20 22.79
C LEU A 62 -0.70 4.03 21.67
N ALA A 63 0.60 3.88 21.43
CA ALA A 63 1.24 4.57 20.34
C ALA A 63 0.67 4.11 18.99
N GLY A 64 0.70 4.99 17.98
CA GLY A 64 0.42 4.61 16.61
C GLY A 64 -1.08 4.55 16.29
N THR A 65 -1.92 4.77 17.29
CA THR A 65 -3.37 4.80 17.10
C THR A 65 -3.86 6.24 17.16
N TYR A 66 -4.35 6.74 16.01
CA TYR A 66 -4.80 8.13 15.91
C TYR A 66 -6.18 8.18 15.26
N ASP A 67 -7.05 9.04 15.81
CA ASP A 67 -8.29 9.37 15.15
C ASP A 67 -8.65 10.80 15.51
N ILE A 68 -9.65 11.36 14.81
CA ILE A 68 -10.25 12.64 15.18
C ILE A 68 -10.87 12.51 16.56
N TYR A 69 -10.52 13.43 17.45
CA TYR A 69 -10.90 13.40 18.87
C TYR A 69 -10.41 14.70 19.53
N LYS A 70 -11.39 15.35 20.14
CA LYS A 70 -11.23 16.57 20.91
C LYS A 70 -10.32 17.59 20.22
N ARG A 71 -9.20 17.91 20.89
CA ARG A 71 -8.42 19.11 20.58
C ARG A 71 -8.00 19.14 19.11
N GLY A 72 -8.17 20.33 18.52
CA GLY A 72 -7.53 20.67 17.27
C GLY A 72 -8.21 20.18 16.00
N ARG A 73 -9.24 19.31 16.12
CA ARG A 73 -10.02 18.83 14.99
C ARG A 73 -9.18 18.02 14.01
N VAL A 74 -8.05 17.52 14.48
CA VAL A 74 -7.11 16.70 13.74
C VAL A 74 -6.89 15.38 14.50
N SER A 75 -6.11 14.48 13.90
CA SER A 75 -5.82 13.16 14.45
C SER A 75 -5.19 13.29 15.83
N SER A 76 -5.51 12.37 16.74
CA SER A 76 -5.08 12.41 18.12
C SER A 76 -4.90 10.99 18.63
N PHE A 77 -3.98 10.84 19.59
CA PHE A 77 -4.03 9.72 20.51
C PHE A 77 -5.40 9.72 21.20
N ILE A 78 -5.79 8.49 21.57
CA ILE A 78 -7.12 8.22 22.08
C ILE A 78 -6.97 7.64 23.49
N PRO A 79 -7.68 8.13 24.51
CA PRO A 79 -7.66 7.49 25.83
C PRO A 79 -8.13 6.04 25.66
N ASN A 80 -7.41 5.09 26.22
CA ASN A 80 -7.66 3.68 25.97
C ASN A 80 -8.14 3.00 27.26
N TYR A 81 -8.38 1.70 27.16
CA TYR A 81 -8.81 0.89 28.27
C TYR A 81 -7.85 0.96 29.43
N ASN A 82 -8.38 1.32 30.61
CA ASN A 82 -7.64 1.26 31.87
C ASN A 82 -7.60 -0.20 32.30
N LEU A 83 -6.76 -1.00 31.65
CA LEU A 83 -6.93 -2.45 31.61
C LEU A 83 -6.52 -3.08 32.94
N LEU A 84 -5.78 -2.35 33.80
CA LEU A 84 -5.31 -2.90 35.06
C LEU A 84 -6.28 -2.61 36.22
N ASN A 85 -7.40 -1.97 35.95
CA ASN A 85 -8.24 -1.53 37.02
C ASN A 85 -8.78 -2.75 37.78
N MET A 86 -8.58 -2.68 39.10
CA MET A 86 -8.88 -3.80 39.98
C MET A 86 -9.55 -3.27 41.25
N LYS A 87 -10.49 -4.07 41.76
CA LYS A 87 -11.07 -3.89 43.07
C LYS A 87 -10.70 -5.08 43.96
N LEU A 88 -10.34 -4.79 45.21
CA LEU A 88 -10.00 -5.80 46.20
C LEU A 88 -10.85 -5.57 47.45
N ALA A 89 -11.48 -6.64 47.95
CA ALA A 89 -12.18 -6.64 49.21
C ALA A 89 -11.66 -7.73 50.13
N PHE A 90 -11.76 -7.49 51.44
CA PHE A 90 -11.46 -8.48 52.46
C PHE A 90 -12.73 -8.77 53.22
N ASN A 91 -13.23 -10.00 53.13
CA ASN A 91 -14.52 -10.41 53.69
C ASN A 91 -15.64 -9.43 53.33
N GLY A 92 -15.69 -9.00 52.06
CA GLY A 92 -16.79 -8.19 51.58
C GLY A 92 -16.51 -6.70 51.69
N GLU A 93 -15.48 -6.34 52.45
CA GLU A 93 -15.19 -4.93 52.68
C GLU A 93 -14.15 -4.45 51.66
N SER A 94 -14.58 -3.54 50.79
CA SER A 94 -13.73 -3.05 49.72
C SER A 94 -12.66 -2.15 50.30
N VAL A 95 -11.51 -2.16 49.64
CA VAL A 95 -10.38 -1.34 50.01
C VAL A 95 -10.60 0.11 49.59
N GLN A 96 -10.40 1.05 50.55
CA GLN A 96 -10.68 2.46 50.34
C GLN A 96 -9.63 3.31 51.05
N THR A 97 -9.56 4.60 50.68
CA THR A 97 -8.78 5.61 51.39
C THR A 97 -8.83 5.36 52.89
N TYR A 98 -10.07 5.16 53.38
CA TYR A 98 -10.33 5.35 54.79
C TYR A 98 -9.87 4.13 55.59
N ASN A 99 -9.74 2.94 54.97
CA ASN A 99 -9.47 1.73 55.74
C ASN A 99 -8.09 1.15 55.41
N ILE A 100 -7.24 1.94 54.74
CA ILE A 100 -5.86 1.55 54.51
C ILE A 100 -4.96 2.52 55.27
N ASN A 101 -3.73 2.07 55.54
CA ASN A 101 -2.72 2.90 56.15
C ASN A 101 -1.36 2.50 55.56
N ASN A 102 -0.36 3.33 55.86
CA ASN A 102 1.02 3.16 55.40
C ASN A 102 1.04 3.03 53.88
N TYR A 103 0.20 3.79 53.16
CA TYR A 103 0.11 3.71 51.71
C TYR A 103 1.28 4.46 51.08
N LYS A 104 1.99 3.78 50.16
CA LYS A 104 3.17 4.32 49.50
C LYS A 104 3.20 3.87 48.04
N GLN A 105 3.72 4.74 47.18
CA GLN A 105 3.98 4.41 45.79
C GLN A 105 5.45 4.63 45.47
N GLU A 106 5.95 3.85 44.52
CA GLU A 106 7.35 3.92 44.12
C GLU A 106 7.47 3.53 42.66
N LEU A 107 8.25 4.32 41.92
CA LEU A 107 8.63 3.99 40.55
C LEU A 107 10.09 3.56 40.58
N ASP A 108 10.34 2.31 40.21
CA ASP A 108 11.71 1.81 40.07
C ASP A 108 12.16 2.04 38.63
N MET A 109 13.10 2.98 38.47
CA MET A 109 13.51 3.41 37.14
C MET A 109 14.42 2.36 36.51
N ARG A 110 14.97 1.46 37.33
CA ARG A 110 15.81 0.38 36.81
C ARG A 110 15.02 -0.55 35.89
N ASN A 111 13.72 -0.72 36.15
CA ASN A 111 12.96 -1.67 35.36
C ASN A 111 11.54 -1.19 35.07
N GLY A 112 11.29 0.11 35.23
CA GLY A 112 9.97 0.63 34.95
C GLY A 112 8.87 -0.05 35.76
N ALA A 113 9.14 -0.40 37.01
CA ALA A 113 8.11 -1.02 37.83
C ALA A 113 7.44 0.06 38.66
N PHE A 114 6.12 0.15 38.56
CA PHE A 114 5.34 1.03 39.43
C PHE A 114 4.74 0.15 40.54
N THR A 115 5.04 0.47 41.80
CA THR A 115 4.62 -0.37 42.92
C THR A 115 3.85 0.46 43.93
N GLY A 116 2.70 -0.06 44.37
CA GLY A 116 2.04 0.47 45.54
C GLY A 116 2.08 -0.56 46.65
N SER A 117 2.12 -0.07 47.89
CA SER A 117 2.02 -0.94 49.04
C SER A 117 1.16 -0.26 50.10
N PHE A 118 0.40 -1.07 50.83
CA PHE A 118 -0.43 -0.53 51.90
C PHE A 118 -0.81 -1.65 52.85
N GLN A 119 -1.25 -1.25 54.04
CA GLN A 119 -1.80 -2.17 55.02
C GLN A 119 -3.31 -1.97 55.04
N PHE A 120 -4.08 -3.06 55.01
CA PHE A 120 -5.51 -3.02 55.18
C PHE A 120 -5.84 -3.25 56.65
N LYS A 121 -6.31 -2.21 57.34
CA LYS A 121 -6.54 -2.24 58.79
C LYS A 121 -5.30 -2.81 59.50
N ASP A 122 -5.51 -3.79 60.37
CA ASP A 122 -4.45 -4.52 61.06
C ASP A 122 -4.41 -5.96 60.53
N LEU A 123 -5.03 -6.21 59.38
CA LEU A 123 -5.32 -7.58 58.93
C LEU A 123 -4.31 -8.10 57.90
N ALA A 124 -3.89 -7.27 56.94
CA ALA A 124 -3.04 -7.75 55.86
C ALA A 124 -2.29 -6.62 55.17
N THR A 125 -1.13 -6.98 54.60
CA THR A 125 -0.35 -6.08 53.77
C THR A 125 -0.50 -6.48 52.30
N VAL A 126 -0.59 -5.46 51.44
CA VAL A 126 -0.81 -5.64 50.01
C VAL A 126 0.30 -4.90 49.28
N THR A 127 0.95 -5.58 48.32
CA THR A 127 1.80 -4.88 47.36
C THR A 127 1.33 -5.25 45.96
N TYR A 128 1.41 -4.26 45.07
CA TYR A 128 1.20 -4.52 43.66
C TYR A 128 2.28 -3.79 42.85
N SER A 129 2.73 -4.48 41.79
CA SER A 129 3.70 -3.88 40.87
C SER A 129 3.19 -4.08 39.46
N TYR A 130 3.31 -3.06 38.61
CA TYR A 130 2.92 -3.24 37.24
C TYR A 130 4.02 -2.75 36.30
N TYR A 131 3.91 -3.26 35.09
CA TYR A 131 4.94 -3.17 34.07
C TYR A 131 4.29 -3.06 32.69
N ALA A 132 4.87 -2.20 31.83
CA ALA A 132 4.66 -2.28 30.41
C ALA A 132 5.80 -3.13 29.86
N LEU A 133 5.51 -4.40 29.54
CA LEU A 133 6.58 -5.38 29.37
C LEU A 133 7.51 -4.94 28.25
N ARG A 134 8.81 -4.97 28.52
CA ARG A 134 9.73 -4.25 27.65
C ARG A 134 9.93 -5.00 26.32
N HIS A 135 9.89 -6.34 26.38
CA HIS A 135 10.08 -7.17 25.19
C HIS A 135 8.80 -7.38 24.38
N LEU A 136 7.61 -7.20 24.99
CA LEU A 136 6.34 -7.50 24.37
C LEU A 136 5.57 -6.18 24.28
N PRO A 137 5.63 -5.48 23.14
CA PRO A 137 5.15 -4.11 23.04
C PRO A 137 3.69 -3.96 23.44
N HIS A 138 2.89 -5.01 23.22
CA HIS A 138 1.45 -4.91 23.42
C HIS A 138 0.97 -5.58 24.72
N CYS A 139 1.87 -5.94 25.62
CA CYS A 139 1.51 -6.66 26.84
C CYS A 139 1.94 -5.91 28.10
N ILE A 140 1.03 -5.96 29.08
CA ILE A 140 1.19 -5.38 30.41
C ILE A 140 1.03 -6.50 31.44
N MET A 141 1.63 -6.34 32.63
CA MET A 141 1.38 -7.26 33.72
C MET A 141 1.39 -6.50 35.04
N MET A 142 0.46 -6.88 35.93
CA MET A 142 0.47 -6.43 37.31
C MET A 142 0.53 -7.67 38.21
N VAL A 143 1.44 -7.67 39.18
CA VAL A 143 1.61 -8.75 40.13
C VAL A 143 1.13 -8.27 41.50
N VAL A 144 0.25 -9.03 42.15
CA VAL A 144 -0.30 -8.66 43.43
C VAL A 144 0.09 -9.70 44.48
N ASN A 145 0.58 -9.20 45.63
CA ASN A 145 0.96 -10.03 46.77
C ASN A 145 0.18 -9.61 48.01
N ILE A 146 -0.40 -10.58 48.70
CA ILE A 146 -1.24 -10.31 49.85
C ILE A 146 -0.77 -11.19 51.01
N ASN A 147 -0.37 -10.56 52.11
CA ASN A 147 0.13 -11.28 53.28
C ASN A 147 -0.81 -10.98 54.43
N THR A 148 -1.57 -11.99 54.90
CA THR A 148 -2.57 -11.77 55.93
C THR A 148 -2.05 -12.21 57.28
N GLN A 149 -2.49 -11.53 58.34
CA GLN A 149 -2.10 -11.83 59.71
C GLN A 149 -3.16 -12.69 60.40
N LYS A 150 -4.31 -12.88 59.75
CA LYS A 150 -5.34 -13.79 60.22
C LYS A 150 -5.96 -14.47 59.00
N ASP A 151 -6.68 -15.59 59.22
CA ASP A 151 -7.45 -16.19 58.14
C ASP A 151 -8.39 -15.13 57.57
N THR A 152 -8.44 -15.05 56.23
CA THR A 152 -9.35 -14.11 55.62
C THR A 152 -9.70 -14.61 54.21
N GLU A 153 -10.67 -13.91 53.61
CA GLU A 153 -11.09 -14.21 52.25
C GLU A 153 -11.02 -12.92 51.44
N ILE A 154 -10.37 -12.98 50.28
CA ILE A 154 -10.33 -11.82 49.41
C ILE A 154 -11.31 -12.04 48.27
N ASN A 155 -11.90 -10.95 47.79
CA ASN A 155 -12.59 -10.89 46.52
C ASN A 155 -11.80 -9.94 45.64
N VAL A 156 -11.49 -10.39 44.43
CA VAL A 156 -10.75 -9.63 43.45
C VAL A 156 -11.62 -9.48 42.21
N GLU A 157 -11.70 -8.26 41.70
CA GLU A 157 -12.37 -8.01 40.44
C GLU A 157 -11.46 -7.21 39.52
N ASN A 158 -11.34 -7.67 38.26
CA ASN A 158 -10.71 -6.91 37.20
C ASN A 158 -11.80 -6.36 36.27
N LEU A 159 -11.78 -5.05 36.04
CA LEU A 159 -12.83 -4.35 35.29
C LEU A 159 -12.30 -3.89 33.95
N LEU A 160 -13.09 -4.11 32.89
CA LEU A 160 -12.78 -3.51 31.59
C LEU A 160 -13.91 -2.53 31.26
N GLU A 161 -13.68 -1.27 31.63
CA GLU A 161 -14.55 -0.17 31.28
C GLU A 161 -14.16 0.41 29.93
N THR A 162 -15.13 0.46 28.99
CA THR A 162 -14.86 1.12 27.73
C THR A 162 -14.85 2.62 27.96
N PRO A 163 -13.76 3.31 27.71
CA PRO A 163 -13.73 4.76 27.85
C PRO A 163 -14.68 5.43 26.86
N SER A 164 -15.08 6.65 27.22
CA SER A 164 -16.02 7.41 26.43
C SER A 164 -15.42 7.84 25.09
N SER A 165 -14.11 7.71 24.94
CA SER A 165 -13.45 7.99 23.69
C SER A 165 -13.77 6.94 22.63
N LEU A 166 -14.27 5.79 23.06
CA LEU A 166 -14.52 4.66 22.15
C LEU A 166 -16.01 4.40 22.03
N ASN A 167 -16.36 3.64 20.99
CA ASN A 167 -17.73 3.36 20.66
C ASN A 167 -17.91 1.94 20.10
N ASN A 168 -19.16 1.51 20.07
CA ASN A 168 -19.57 0.24 19.46
C ASN A 168 -18.87 -0.94 20.13
N GLN A 169 -18.68 -0.83 21.46
CA GLN A 169 -17.93 -1.84 22.17
C GLN A 169 -18.71 -3.16 22.25
N GLN A 170 -17.92 -4.21 22.43
CA GLN A 170 -18.37 -5.56 22.69
C GLN A 170 -17.54 -6.14 23.82
N ASN A 171 -18.24 -6.78 24.76
CA ASN A 171 -17.69 -7.36 25.98
C ASN A 171 -17.84 -8.88 25.99
N TYR A 172 -16.71 -9.60 25.96
CA TYR A 172 -16.66 -11.05 25.87
C TYR A 172 -15.92 -11.68 27.06
N PHE A 173 -16.22 -12.96 27.27
CA PHE A 173 -15.49 -13.77 28.24
C PHE A 173 -15.47 -15.22 27.76
N GLN A 174 -14.36 -15.92 27.97
CA GLN A 174 -14.32 -17.34 27.60
C GLN A 174 -13.15 -18.01 28.33
N ASN A 175 -13.25 -19.33 28.37
CA ASN A 175 -12.23 -20.19 28.94
C ASN A 175 -11.44 -20.88 27.82
N ILE A 176 -10.11 -20.72 27.85
CA ILE A 176 -9.19 -21.45 27.00
C ILE A 176 -8.62 -22.58 27.85
N THR A 177 -8.87 -23.82 27.44
CA THR A 177 -8.49 -24.96 28.27
C THR A 177 -7.68 -25.98 27.48
N ASN A 178 -6.95 -26.78 28.25
CA ASN A 178 -6.48 -28.10 27.85
C ASN A 178 -6.37 -28.91 29.13
N THR A 179 -5.68 -30.06 29.09
CA THR A 179 -5.65 -30.93 30.28
C THR A 179 -4.86 -30.24 31.39
N HIS A 180 -4.03 -29.24 31.05
CA HIS A 180 -3.13 -28.63 32.01
C HIS A 180 -3.63 -27.26 32.52
N VAL A 181 -4.38 -26.51 31.69
CA VAL A 181 -4.67 -25.11 32.02
C VAL A 181 -6.13 -24.75 31.79
N ASN A 182 -6.56 -23.71 32.52
CA ASN A 182 -7.80 -22.97 32.29
C ASN A 182 -7.43 -21.50 32.36
N ILE A 183 -7.33 -20.87 31.18
CA ILE A 183 -7.02 -19.46 31.01
C ILE A 183 -8.32 -18.71 30.74
N PRO A 184 -8.85 -17.97 31.72
CA PRO A 184 -10.07 -17.20 31.49
C PRO A 184 -9.71 -15.87 30.87
N LEU A 185 -10.31 -15.57 29.71
CA LEU A 185 -10.02 -14.35 28.98
C LEU A 185 -11.20 -13.38 29.11
N LEU A 186 -10.89 -12.19 29.64
CA LEU A 186 -11.79 -11.05 29.63
C LEU A 186 -11.40 -10.13 28.49
N THR A 187 -12.26 -10.00 27.48
CA THR A 187 -11.90 -9.28 26.27
C THR A 187 -12.95 -8.22 25.94
N SER A 188 -12.49 -7.07 25.48
CA SER A 188 -13.36 -6.05 24.88
C SER A 188 -12.81 -5.65 23.51
N VAL A 189 -13.72 -5.31 22.59
CA VAL A 189 -13.33 -4.76 21.29
C VAL A 189 -14.16 -3.48 21.08
N ALA A 190 -13.52 -2.43 20.59
CA ALA A 190 -14.23 -1.17 20.42
C ALA A 190 -13.58 -0.37 19.30
N PHE A 191 -14.18 0.76 18.98
CA PHE A 191 -13.74 1.58 17.85
C PHE A 191 -13.46 3.01 18.31
N THR A 192 -12.45 3.60 17.69
CA THR A 192 -12.18 5.02 17.85
C THR A 192 -13.30 5.86 17.23
N PRO A 193 -13.37 7.17 17.56
CA PRO A 193 -14.53 7.98 17.20
C PRO A 193 -15.12 7.87 15.79
N THR A 194 -14.26 7.92 14.75
CA THR A 194 -14.76 7.90 13.38
C THR A 194 -14.77 6.47 12.82
N GLY A 195 -14.43 5.48 13.63
CA GLY A 195 -14.37 4.11 13.15
C GLY A 195 -13.01 3.78 12.51
N ARG A 196 -12.05 4.69 12.59
CA ARG A 196 -10.78 4.55 11.87
C ARG A 196 -9.98 3.34 12.37
N SER A 197 -10.06 3.09 13.67
CA SER A 197 -9.26 2.05 14.29
CA SER A 197 -9.26 2.05 14.30
C SER A 197 -10.13 1.20 15.22
N LYS A 198 -9.92 -0.10 15.12
CA LYS A 198 -10.50 -1.08 16.00
C LYS A 198 -9.47 -1.45 17.06
N ILE A 199 -9.86 -1.38 18.33
CA ILE A 199 -9.07 -1.68 19.50
C ILE A 199 -9.55 -2.97 20.12
N ALA A 200 -8.62 -3.85 20.47
CA ALA A 200 -8.92 -5.06 21.25
C ALA A 200 -8.04 -5.12 22.49
N VAL A 201 -8.64 -5.52 23.63
CA VAL A 201 -7.94 -5.71 24.88
C VAL A 201 -8.36 -7.06 25.44
N SER A 202 -7.38 -7.86 25.93
CA SER A 202 -7.71 -9.16 26.51
C SER A 202 -6.84 -9.45 27.73
N ASN A 203 -7.50 -9.73 28.88
CA ASN A 203 -6.86 -9.89 30.17
C ASN A 203 -7.08 -11.30 30.70
N THR A 204 -6.12 -11.80 31.50
CA THR A 204 -6.32 -13.05 32.21
C THR A 204 -5.63 -12.94 33.57
N PHE A 205 -6.03 -13.80 34.49
CA PHE A 205 -5.34 -13.96 35.75
C PHE A 205 -4.38 -15.15 35.66
N LEU A 206 -3.20 -14.97 36.28
CA LEU A 206 -2.24 -16.05 36.45
C LEU A 206 -2.16 -16.45 37.92
N PHE A 207 -2.29 -17.75 38.19
CA PHE A 207 -2.17 -18.30 39.53
C PHE A 207 -1.00 -19.29 39.63
N ASP A 208 -0.49 -19.47 40.83
CA ASP A 208 0.61 -20.42 41.05
C ASP A 208 0.09 -21.82 41.32
N GLU A 209 -1.14 -21.94 41.83
CA GLU A 209 -1.59 -23.20 42.42
C GLU A 209 -2.04 -24.27 41.41
N GLY A 210 -2.21 -23.92 40.14
CA GLY A 210 -2.54 -24.96 39.16
C GLY A 210 -4.05 -25.11 38.94
N LYS A 211 -4.42 -25.77 37.83
CA LYS A 211 -5.77 -25.73 37.27
C LYS A 211 -6.82 -26.20 38.28
N LYS A 212 -6.53 -27.29 39.00
CA LYS A 212 -7.52 -27.88 39.89
C LYS A 212 -7.78 -26.98 41.11
N LEU A 213 -6.76 -26.29 41.61
CA LEU A 213 -6.90 -25.55 42.86
C LEU A 213 -7.18 -24.07 42.62
N GLN A 214 -6.95 -23.56 41.41
CA GLN A 214 -7.14 -22.14 41.15
C GLN A 214 -8.60 -21.73 41.38
N PRO A 215 -8.85 -20.45 41.72
CA PRO A 215 -10.22 -19.98 41.98
C PRO A 215 -11.05 -20.05 40.70
N GLU A 216 -12.35 -20.36 40.85
CA GLU A 216 -13.33 -20.20 39.80
C GLU A 216 -13.46 -18.72 39.43
N ILE A 217 -13.43 -18.42 38.12
CA ILE A 217 -13.55 -17.04 37.64
C ILE A 217 -14.97 -16.79 37.16
N LEU A 218 -15.60 -15.79 37.77
CA LEU A 218 -16.92 -15.36 37.36
C LEU A 218 -16.86 -14.14 36.43
N HIS A 219 -17.91 -14.00 35.63
CA HIS A 219 -18.01 -12.92 34.67
C HIS A 219 -19.32 -12.16 34.86
N ARG A 220 -19.26 -10.84 34.94
CA ARG A 220 -20.45 -10.00 34.99
C ARG A 220 -20.37 -8.95 33.88
N MET A 221 -21.52 -8.64 33.29
CA MET A 221 -21.65 -7.65 32.24
C MET A 221 -22.89 -6.80 32.58
N ASN A 222 -22.74 -5.98 33.62
CA ASN A 222 -23.93 -5.35 34.17
C ASN A 222 -24.21 -3.97 33.57
N ASP A 223 -23.24 -3.38 32.90
CA ASP A 223 -23.33 -2.06 32.29
C ASP A 223 -23.07 -2.15 30.80
N ALA A 224 -23.50 -1.09 30.10
CA ALA A 224 -23.23 -0.96 28.67
C ALA A 224 -21.77 -0.85 28.38
N ASP A 225 -21.02 -0.22 29.29
CA ASP A 225 -19.64 0.17 29.04
C ASP A 225 -18.68 -0.47 30.03
N MET A 226 -19.11 -1.51 30.74
CA MET A 226 -18.20 -2.21 31.64
C MET A 226 -18.63 -3.65 31.89
N HIS A 227 -17.65 -4.55 31.86
CA HIS A 227 -17.76 -5.91 32.34
C HIS A 227 -16.52 -6.23 33.15
N ALA A 228 -16.60 -7.34 33.89
CA ALA A 228 -15.57 -7.65 34.85
C ALA A 228 -15.46 -9.17 35.08
N MET A 229 -14.23 -9.60 35.42
CA MET A 229 -14.06 -10.95 35.91
C MET A 229 -13.63 -10.90 37.38
N SER A 230 -14.01 -11.92 38.13
CA SER A 230 -13.80 -11.85 39.57
C SER A 230 -13.57 -13.24 40.13
N PHE A 231 -12.97 -13.27 41.31
CA PHE A 231 -12.87 -14.50 42.07
C PHE A 231 -12.81 -14.20 43.56
N ASP A 232 -12.98 -15.27 44.33
CA ASP A 232 -12.70 -15.27 45.76
C ASP A 232 -11.58 -16.25 46.07
N LYS A 233 -10.82 -15.94 47.15
CA LYS A 233 -9.78 -16.85 47.60
C LYS A 233 -9.65 -16.71 49.11
N LYS A 234 -9.75 -17.86 49.79
CA LYS A 234 -9.37 -17.98 51.19
C LYS A 234 -7.84 -17.99 51.33
N ILE A 235 -7.34 -17.18 52.26
CA ILE A 235 -5.92 -17.13 52.60
C ILE A 235 -5.78 -17.39 54.10
N LYS A 236 -4.94 -18.37 54.43
CA LYS A 236 -4.70 -18.73 55.83
C LYS A 236 -3.75 -17.70 56.46
N ALA A 237 -3.90 -17.52 57.78
CA ALA A 237 -3.04 -16.64 58.57
C ALA A 237 -1.56 -16.93 58.33
N GLY A 238 -0.77 -15.85 58.17
CA GLY A 238 0.68 -15.98 58.05
C GLY A 238 1.19 -16.33 56.64
N LYS A 239 0.29 -16.49 55.67
CA LYS A 239 0.68 -16.91 54.33
C LYS A 239 0.54 -15.74 53.36
N THR A 240 1.32 -15.84 52.28
CA THR A 240 1.29 -14.87 51.21
C THR A 240 0.62 -15.53 50.01
N TYR A 241 -0.35 -14.82 49.44
CA TYR A 241 -1.01 -15.27 48.24
C TYR A 241 -0.72 -14.26 47.17
N SER A 242 -0.35 -14.80 46.01
CA SER A 242 0.13 -14.04 44.88
C SER A 242 -0.72 -14.38 43.67
N PHE A 243 -1.01 -13.38 42.85
CA PHE A 243 -1.60 -13.63 41.54
C PHE A 243 -1.14 -12.51 40.61
N ALA A 244 -1.26 -12.75 39.30
CA ALA A 244 -0.93 -11.71 38.36
C ALA A 244 -2.11 -11.48 37.41
N LEU A 245 -2.18 -10.26 36.92
CA LEU A 245 -3.06 -9.90 35.84
C LEU A 245 -2.19 -9.58 34.63
N ILE A 246 -2.46 -10.26 33.53
CA ILE A 246 -1.80 -10.01 32.26
C ILE A 246 -2.82 -9.45 31.29
N GLY A 247 -2.42 -8.42 30.53
CA GLY A 247 -3.30 -7.86 29.52
C GLY A 247 -2.56 -7.49 28.24
N SER A 248 -3.26 -7.66 27.11
CA SER A 248 -2.74 -7.30 25.79
C SER A 248 -3.66 -6.26 25.19
N LEU A 249 -3.09 -5.25 24.54
CA LEU A 249 -3.82 -4.08 24.05
C LEU A 249 -3.23 -3.75 22.69
N ILE A 250 -4.05 -3.86 21.66
CA ILE A 250 -3.56 -3.76 20.29
C ILE A 250 -4.71 -3.25 19.41
N SER A 251 -4.37 -2.70 18.24
CA SER A 251 -5.36 -2.09 17.35
C SER A 251 -5.12 -2.47 15.90
N SER A 252 -6.05 -2.07 15.04
CA SER A 252 -5.96 -2.27 13.60
C SER A 252 -4.83 -1.46 12.96
N ASP A 253 -4.30 -0.48 13.71
CA ASP A 253 -3.11 0.24 13.27
C ASP A 253 -1.86 -0.64 13.35
N HIS A 254 -1.91 -1.69 14.16
CA HIS A 254 -0.76 -2.54 14.49
C HIS A 254 -0.88 -3.92 13.84
N ILE A 255 -2.12 -4.41 13.63
CA ILE A 255 -2.33 -5.76 13.17
C ILE A 255 -3.71 -5.78 12.51
N ASN A 256 -3.90 -6.65 11.51
CA ASN A 256 -5.16 -6.65 10.76
C ASN A 256 -6.33 -7.12 11.63
N ASP A 257 -6.06 -8.12 12.47
CA ASP A 257 -7.06 -8.80 13.28
C ASP A 257 -6.73 -8.60 14.76
N PRO A 258 -6.96 -7.38 15.32
CA PRO A 258 -6.61 -7.12 16.72
C PRO A 258 -7.39 -7.96 17.73
N TYR A 259 -8.62 -8.34 17.40
CA TYR A 259 -9.44 -9.14 18.32
C TYR A 259 -8.74 -10.47 18.64
N ASN A 260 -8.44 -11.27 17.62
CA ASN A 260 -7.88 -12.60 17.81
C ASN A 260 -6.40 -12.43 18.21
N GLU A 261 -5.75 -11.36 17.73
CA GLU A 261 -4.34 -11.19 18.13
C GLU A 261 -4.19 -10.84 19.62
N ALA A 262 -5.15 -10.10 20.20
CA ALA A 262 -5.05 -9.76 21.61
C ALA A 262 -5.19 -11.04 22.44
N GLU A 263 -6.20 -11.87 22.08
CA GLU A 263 -6.42 -13.10 22.83
C GLU A 263 -5.22 -14.03 22.69
N ARG A 264 -4.71 -14.15 21.47
CA ARG A 264 -3.53 -14.93 21.20
C ARG A 264 -2.35 -14.50 22.07
N LEU A 265 -2.12 -13.20 22.15
CA LEU A 265 -1.01 -12.61 22.90
C LEU A 265 -1.15 -12.91 24.38
N THR A 266 -2.39 -12.79 24.90
CA THR A 266 -2.57 -12.98 26.32
C THR A 266 -2.39 -14.46 26.67
N ILE A 267 -2.88 -15.36 25.80
CA ILE A 267 -2.67 -16.79 26.01
C ILE A 267 -1.17 -17.09 26.02
N TYR A 268 -0.48 -16.58 25.01
CA TYR A 268 0.96 -16.72 24.91
C TYR A 268 1.66 -16.28 26.21
N ALA A 269 1.38 -15.05 26.64
CA ALA A 269 1.98 -14.49 27.84
C ALA A 269 1.70 -15.38 29.05
N ALA A 270 0.44 -15.84 29.21
CA ALA A 270 0.06 -16.68 30.33
C ALA A 270 0.90 -17.96 30.35
N LEU A 271 1.16 -18.51 29.17
CA LEU A 271 1.87 -19.78 29.12
C LEU A 271 3.38 -19.55 29.16
N GLU A 272 3.86 -18.34 28.87
CA GLU A 272 5.24 -17.97 29.19
C GLU A 272 5.43 -17.96 30.71
N GLY A 273 4.44 -17.36 31.40
CA GLY A 273 4.41 -17.23 32.84
C GLY A 273 5.15 -16.00 33.37
N LYS A 274 4.80 -15.60 34.60
CA LYS A 274 5.31 -14.39 35.23
C LYS A 274 6.83 -14.35 35.24
N SER A 275 7.49 -15.45 35.66
CA SER A 275 8.92 -15.46 35.88
C SER A 275 9.69 -15.24 34.56
N ARG A 276 9.28 -15.93 33.50
CA ARG A 276 9.86 -15.79 32.17
C ARG A 276 9.63 -14.39 31.63
N LEU A 277 8.41 -13.86 31.79
CA LEU A 277 8.11 -12.52 31.30
C LEU A 277 8.99 -11.48 32.00
N LEU A 278 9.10 -11.55 33.34
CA LEU A 278 9.84 -10.53 34.07
C LEU A 278 11.34 -10.66 33.79
N ASN A 279 11.83 -11.86 33.54
CA ASN A 279 13.23 -12.06 33.21
C ASN A 279 13.57 -11.37 31.89
N ARG A 280 12.73 -11.57 30.87
CA ARG A 280 12.92 -10.91 29.58
C ARG A 280 12.85 -9.39 29.74
N HIS A 281 11.84 -8.93 30.48
CA HIS A 281 11.65 -7.52 30.77
C HIS A 281 12.92 -6.93 31.37
N MET A 282 13.48 -7.63 32.36
CA MET A 282 14.63 -7.17 33.11
C MET A 282 15.85 -7.11 32.20
N GLN A 283 16.01 -8.10 31.32
CA GLN A 283 17.16 -8.16 30.43
C GLN A 283 17.17 -6.95 29.48
N GLU A 284 15.98 -6.55 28.99
CA GLU A 284 15.87 -5.45 28.06
C GLU A 284 16.19 -4.12 28.78
N TRP A 285 15.70 -3.99 30.02
CA TRP A 285 15.95 -2.78 30.81
C TRP A 285 17.44 -2.70 31.17
N ASN A 286 18.03 -3.84 31.53
CA ASN A 286 19.46 -3.88 31.82
C ASN A 286 20.28 -3.33 30.65
N SER A 287 19.93 -3.70 29.42
CA SER A 287 20.62 -3.21 28.23
C SER A 287 20.49 -1.69 28.09
N LEU A 288 19.27 -1.20 28.27
CA LEU A 288 19.06 0.23 28.17
C LEU A 288 19.97 0.98 29.15
N TRP A 289 20.15 0.46 30.38
CA TRP A 289 20.91 1.20 31.40
C TRP A 289 22.42 0.98 31.30
N GLN A 290 22.87 0.23 30.31
CA GLN A 290 24.31 0.19 30.03
C GLN A 290 24.80 1.56 29.53
N SER A 291 23.90 2.41 29.05
CA SER A 291 24.16 3.82 28.82
C SER A 291 23.51 4.64 29.92
N ASP A 292 24.34 5.38 30.68
CA ASP A 292 23.93 5.94 31.96
C ASP A 292 24.72 7.22 32.21
N ILE A 293 24.22 8.02 33.14
CA ILE A 293 24.89 9.26 33.57
C ILE A 293 24.91 9.22 35.10
N GLN A 294 26.11 9.33 35.67
CA GLN A 294 26.31 9.29 37.11
C GLN A 294 26.92 10.60 37.56
N VAL A 295 26.31 11.20 38.59
CA VAL A 295 26.76 12.45 39.16
C VAL A 295 27.08 12.22 40.64
N GLU A 296 28.31 12.56 41.04
CA GLU A 296 28.69 12.57 42.45
C GLU A 296 28.62 13.98 43.01
N GLY A 297 27.98 14.11 44.18
CA GLY A 297 27.99 15.34 44.96
C GLY A 297 26.66 16.08 44.91
N ASP A 298 25.67 15.50 44.19
CA ASP A 298 24.37 16.15 44.02
C ASP A 298 23.32 15.06 43.82
N PRO A 299 22.83 14.46 44.92
CA PRO A 299 21.83 13.39 44.81
C PRO A 299 20.58 13.82 44.04
N GLN A 300 20.19 15.10 44.17
CA GLN A 300 18.99 15.58 43.50
C GLN A 300 19.21 15.59 41.99
N ALA A 301 20.34 16.14 41.53
CA ALA A 301 20.67 16.07 40.11
C ALA A 301 20.73 14.63 39.62
N GLN A 302 21.36 13.76 40.40
CA GLN A 302 21.51 12.36 40.01
C GLN A 302 20.15 11.74 39.74
N GLN A 303 19.20 11.93 40.67
CA GLN A 303 17.85 11.40 40.53
C GLN A 303 17.09 12.06 39.36
N ASP A 304 17.22 13.38 39.21
CA ASP A 304 16.52 14.12 38.15
C ASP A 304 16.98 13.64 36.79
N ILE A 305 18.28 13.47 36.62
CA ILE A 305 18.86 13.07 35.35
C ILE A 305 18.47 11.63 35.01
N ARG A 306 18.49 10.75 36.03
CA ARG A 306 18.02 9.39 35.85
C ARG A 306 16.56 9.39 35.40
N SER A 307 15.72 10.26 35.98
CA SER A 307 14.33 10.38 35.56
C SER A 307 14.25 10.76 34.08
N MET A 308 15.09 11.71 33.64
CA MET A 308 15.03 12.15 32.26
C MET A 308 15.40 11.01 31.31
N LEU A 309 16.50 10.29 31.62
CA LEU A 309 16.91 9.16 30.82
C LEU A 309 15.79 8.12 30.81
N TYR A 310 15.23 7.82 32.01
CA TYR A 310 14.16 6.85 32.14
C TYR A 310 12.98 7.16 31.23
N HIS A 311 12.53 8.43 31.23
CA HIS A 311 11.42 8.81 30.40
C HIS A 311 11.76 8.67 28.91
N LEU A 312 12.96 9.10 28.47
CA LEU A 312 13.29 8.95 27.07
C LEU A 312 13.36 7.47 26.67
N TYR A 313 13.92 6.63 27.54
CA TYR A 313 14.04 5.21 27.26
C TYR A 313 12.65 4.54 27.23
N SER A 314 11.74 5.00 28.10
CA SER A 314 10.38 4.49 28.18
C SER A 314 9.50 4.88 26.98
N PHE A 315 9.82 6.04 26.35
CA PHE A 315 9.01 6.67 25.32
C PHE A 315 9.57 6.45 23.92
N THR A 316 10.57 5.58 23.77
CA THR A 316 11.11 5.23 22.47
C THR A 316 11.27 3.70 22.42
N ARG A 317 11.61 3.18 21.24
CA ARG A 317 11.78 1.75 21.07
C ARG A 317 12.70 1.48 19.89
N LYS A 318 13.81 0.80 20.17
CA LYS A 318 14.68 0.36 19.10
C LYS A 318 13.94 -0.56 18.12
N SER A 319 14.49 -0.64 16.90
CA SER A 319 14.03 -1.61 15.91
C SER A 319 12.57 -1.39 15.52
N THR A 320 12.17 -0.12 15.45
CA THR A 320 10.83 0.27 15.00
C THR A 320 10.94 1.48 14.08
N SER A 321 9.77 2.02 13.70
CA SER A 321 9.62 3.27 13.00
C SER A 321 8.78 4.23 13.84
N LEU A 322 8.88 4.10 15.17
CA LEU A 322 8.14 4.93 16.10
C LEU A 322 8.96 6.16 16.44
N SER A 323 8.28 7.29 16.63
CA SER A 323 8.85 8.53 17.11
C SER A 323 8.00 9.11 18.23
N PRO A 324 8.62 9.70 19.27
CA PRO A 324 7.85 10.21 20.39
C PRO A 324 7.19 11.55 20.08
N SER A 325 6.03 11.74 20.68
CA SER A 325 5.43 13.05 20.77
C SER A 325 6.11 13.86 21.87
N PRO A 326 5.84 15.19 22.00
CA PRO A 326 6.45 16.00 23.05
C PRO A 326 6.24 15.46 24.45
N MET A 327 5.12 14.74 24.65
CA MET A 327 4.79 14.14 25.93
C MET A 327 4.93 12.62 25.94
N GLY A 328 5.65 12.03 24.95
CA GLY A 328 5.85 10.59 24.86
C GLY A 328 4.54 9.84 25.06
N LEU A 329 4.50 8.90 26.02
CA LEU A 329 3.31 8.11 26.28
C LEU A 329 2.77 8.43 27.66
N SER A 330 2.96 9.69 28.08
CA SER A 330 2.53 10.16 29.39
C SER A 330 1.09 10.67 29.33
N GLY A 331 0.49 10.71 28.15
CA GLY A 331 -0.83 11.29 27.97
C GLY A 331 -1.08 11.67 26.52
N LEU A 332 -2.13 12.45 26.33
CA LEU A 332 -2.55 12.93 25.00
C LEU A 332 -1.93 14.26 24.62
N GLY A 333 -0.94 14.75 25.36
CA GLY A 333 -0.33 16.05 25.06
C GLY A 333 0.05 16.21 23.58
N TYR A 334 -0.38 17.35 22.99
CA TYR A 334 -0.16 17.70 21.60
C TYR A 334 -0.61 16.59 20.68
N ASN A 335 -1.71 15.90 21.08
CA ASN A 335 -2.39 14.94 20.24
C ASN A 335 -1.54 13.73 19.87
N GLY A 336 -0.36 13.55 20.51
CA GLY A 336 0.50 12.43 20.16
C GLY A 336 1.32 12.73 18.91
N HIS A 337 1.26 13.97 18.41
CA HIS A 337 1.89 14.24 17.15
C HIS A 337 3.39 14.30 17.35
N VAL A 338 4.11 14.08 16.23
CA VAL A 338 5.56 14.15 16.16
C VAL A 338 5.98 15.50 15.55
N PHE A 339 6.93 16.16 16.23
CA PHE A 339 7.40 17.50 15.87
C PHE A 339 8.93 17.42 15.80
N TRP A 340 9.53 18.54 15.45
CA TRP A 340 10.99 18.68 15.45
C TRP A 340 11.54 18.45 16.86
N ASP A 341 10.68 18.45 17.89
CA ASP A 341 11.04 17.96 19.21
C ASP A 341 11.79 16.65 19.18
N THR A 342 11.46 15.76 18.24
CA THR A 342 12.21 14.54 18.14
C THR A 342 13.60 14.87 17.60
N GLU A 343 13.67 15.39 16.37
CA GLU A 343 14.94 15.51 15.66
C GLU A 343 15.97 16.33 16.46
N ILE A 344 15.56 17.46 17.03
CA ILE A 344 16.52 18.42 17.59
C ILE A 344 16.64 18.29 19.11
N TRP A 345 15.61 17.77 19.80
CA TRP A 345 15.57 17.79 21.24
C TRP A 345 15.71 16.39 21.87
N MET A 346 14.99 15.36 21.41
CA MET A 346 15.07 14.04 22.00
C MET A 346 16.09 13.13 21.31
N PHE A 347 16.29 13.35 19.99
CA PHE A 347 17.11 12.48 19.18
C PHE A 347 18.58 12.60 19.56
N PRO A 348 19.17 13.81 19.71
CA PRO A 348 20.62 13.86 19.95
C PRO A 348 21.14 13.08 21.16
N PRO A 349 20.50 13.15 22.35
CA PRO A 349 20.98 12.36 23.48
C PRO A 349 20.83 10.86 23.25
N MET A 350 19.76 10.46 22.54
CA MET A 350 19.57 9.05 22.24
C MET A 350 20.57 8.58 21.17
N LEU A 351 20.93 9.44 20.21
CA LEU A 351 21.90 9.04 19.20
C LEU A 351 23.25 8.71 19.86
N LEU A 352 23.66 9.49 20.87
CA LEU A 352 24.94 9.26 21.54
C LEU A 352 24.91 8.02 22.43
N LEU A 353 23.77 7.77 23.12
CA LEU A 353 23.69 6.72 24.13
C LEU A 353 23.27 5.38 23.54
N HIS A 354 22.35 5.41 22.56
CA HIS A 354 21.74 4.20 22.03
C HIS A 354 21.37 4.49 20.58
N PRO A 355 22.31 4.41 19.63
CA PRO A 355 22.01 4.79 18.26
C PRO A 355 20.84 4.04 17.62
N GLU A 356 20.51 2.85 18.13
CA GLU A 356 19.39 2.09 17.61
C GLU A 356 18.09 2.78 17.94
N ILE A 357 18.08 3.61 18.99
CA ILE A 357 16.86 4.34 19.32
C ILE A 357 16.70 5.51 18.34
N ALA A 358 17.81 6.24 18.11
CA ALA A 358 17.85 7.29 17.12
C ALA A 358 17.43 6.73 15.76
N LYS A 359 17.86 5.52 15.43
CA LYS A 359 17.58 4.91 14.12
C LYS A 359 16.06 4.79 13.92
N SER A 360 15.35 4.39 14.97
CA SER A 360 13.89 4.29 14.91
C SER A 360 13.26 5.67 14.67
N MET A 361 13.75 6.68 15.36
CA MET A 361 13.24 8.04 15.21
C MET A 361 13.38 8.50 13.76
N ILE A 362 14.56 8.29 13.12
CA ILE A 362 14.68 8.76 11.76
C ILE A 362 13.93 7.83 10.80
N GLU A 363 13.78 6.56 11.16
CA GLU A 363 13.03 5.60 10.34
C GLU A 363 11.60 6.09 10.18
N TYR A 364 11.07 6.67 11.25
CA TYR A 364 9.73 7.26 11.22
C TYR A 364 9.58 8.24 10.06
N ARG A 365 10.60 9.07 9.88
CA ARG A 365 10.57 10.08 8.85
C ARG A 365 10.77 9.45 7.49
N TYR A 366 11.76 8.52 7.37
CA TYR A 366 12.01 7.85 6.13
C TYR A 366 10.74 7.21 5.56
N GLN A 367 9.99 6.53 6.41
CA GLN A 367 8.79 5.82 5.98
CA GLN A 367 8.78 5.82 5.99
C GLN A 367 7.69 6.82 5.57
N ARG A 368 7.87 8.10 5.94
CA ARG A 368 6.90 9.15 5.67
C ARG A 368 7.42 10.13 4.63
N LEU A 369 8.41 9.71 3.83
CA LEU A 369 9.00 10.59 2.84
C LEU A 369 8.00 10.85 1.71
N ASP A 370 7.22 9.83 1.33
CA ASP A 370 6.20 10.01 0.30
C ASP A 370 5.21 11.11 0.70
N ALA A 371 4.74 11.08 1.94
CA ALA A 371 3.80 12.09 2.41
C ALA A 371 4.41 13.48 2.43
N ALA A 372 5.71 13.57 2.73
CA ALA A 372 6.40 14.86 2.66
C ALA A 372 6.50 15.33 1.22
N ARG A 373 6.68 14.40 0.28
CA ARG A 373 6.71 14.79 -1.12
C ARG A 373 5.33 15.30 -1.56
N LYS A 374 4.27 14.69 -1.05
CA LYS A 374 2.92 15.15 -1.35
C LYS A 374 2.67 16.56 -0.80
N LYS A 375 3.12 16.82 0.44
CA LYS A 375 2.95 18.13 1.05
C LYS A 375 3.68 19.18 0.23
N ALA A 376 4.93 18.94 -0.17
CA ALA A 376 5.65 19.90 -0.96
C ALA A 376 4.87 20.26 -2.22
N ALA A 377 4.31 19.23 -2.90
CA ALA A 377 3.66 19.45 -4.18
C ALA A 377 2.42 20.35 -3.97
N ILE A 378 1.72 20.09 -2.87
CA ILE A 378 0.48 20.81 -2.60
C ILE A 378 0.75 22.28 -2.27
N TYR A 379 1.91 22.58 -1.66
CA TYR A 379 2.28 23.93 -1.29
C TYR A 379 3.23 24.59 -2.30
N GLY A 380 3.48 23.97 -3.45
CA GLY A 380 4.08 24.66 -4.57
C GLY A 380 5.61 24.51 -4.61
N TYR A 381 6.13 23.46 -3.98
CA TYR A 381 7.58 23.27 -3.89
C TYR A 381 7.99 21.90 -4.43
N ASP A 382 9.32 21.75 -4.64
CA ASP A 382 9.92 20.50 -5.03
C ASP A 382 10.31 19.66 -3.81
N GLY A 383 10.68 18.41 -4.07
CA GLY A 383 11.28 17.58 -3.06
C GLY A 383 10.31 17.13 -1.97
N ALA A 384 10.83 17.05 -0.75
CA ALA A 384 10.07 16.68 0.43
C ALA A 384 9.99 17.83 1.41
N MET A 385 8.74 18.17 1.77
CA MET A 385 8.44 19.16 2.78
C MET A 385 7.81 18.42 3.94
N PHE A 386 8.59 18.14 4.97
CA PHE A 386 8.07 17.43 6.13
C PHE A 386 7.07 18.33 6.83
N PRO A 387 5.99 17.74 7.38
CA PRO A 387 4.97 18.52 8.09
C PRO A 387 5.46 19.03 9.43
N TRP A 388 4.84 20.13 9.88
CA TRP A 388 5.10 20.65 11.22
C TRP A 388 4.71 19.62 12.30
N GLU A 389 3.52 19.02 12.16
CA GLU A 389 3.05 17.96 13.06
C GLU A 389 2.73 16.75 12.20
N SER A 390 3.29 15.61 12.63
CA SER A 390 3.14 14.34 11.96
C SER A 390 2.40 13.32 12.87
N ALA A 391 1.73 12.36 12.22
CA ALA A 391 1.08 11.27 12.96
C ALA A 391 1.21 9.97 12.16
N ASP A 392 0.10 9.33 11.78
CA ASP A 392 0.18 8.02 11.14
C ASP A 392 0.68 8.14 9.70
N SER A 393 0.07 9.01 8.87
CA SER A 393 0.33 9.01 7.44
C SER A 393 1.62 9.73 7.10
N GLY A 394 2.03 10.70 7.94
CA GLY A 394 3.13 11.58 7.55
C GLY A 394 2.67 12.87 6.86
N ALA A 395 1.38 13.02 6.60
CA ALA A 395 0.79 14.26 6.13
C ALA A 395 0.77 15.30 7.27
N GLU A 396 0.47 16.55 6.91
CA GLU A 396 0.35 17.60 7.92
C GLU A 396 -0.85 17.34 8.84
N GLU A 397 -0.60 17.47 10.14
CA GLU A 397 -1.62 17.25 11.15
C GLU A 397 -1.82 18.44 12.10
N THR A 398 -1.15 19.55 11.87
CA THR A 398 -1.29 20.72 12.73
C THR A 398 -2.72 21.23 12.65
N PRO A 399 -3.32 21.56 13.81
CA PRO A 399 -4.61 22.24 13.79
C PRO A 399 -4.63 23.44 12.88
N VAL A 400 -5.73 23.65 12.15
CA VAL A 400 -5.69 24.67 11.09
C VAL A 400 -5.65 26.08 11.69
N ASN A 401 -6.09 26.23 12.96
CA ASN A 401 -6.05 27.53 13.59
C ASN A 401 -4.63 27.96 14.00
N ALA A 402 -3.64 27.09 13.92
CA ALA A 402 -2.26 27.44 14.24
C ALA A 402 -1.45 27.62 12.94
N LEU A 403 -0.84 28.80 12.79
CA LEU A 403 -0.19 29.17 11.53
C LEU A 403 1.11 28.40 11.36
N THR A 404 1.56 27.68 12.39
CA THR A 404 2.74 26.84 12.34
C THR A 404 2.63 25.77 11.23
N GLY A 405 1.44 25.22 11.07
CA GLY A 405 1.25 24.09 10.18
C GLY A 405 1.51 24.49 8.73
N ALA A 406 1.07 25.67 8.32
CA ALA A 406 1.29 26.13 6.96
C ALA A 406 2.64 26.80 6.77
N PHE A 407 3.20 27.42 7.84
CA PHE A 407 4.27 28.43 7.67
C PHE A 407 5.55 28.14 8.48
N GLU A 408 5.60 27.18 9.41
CA GLU A 408 6.83 26.96 10.15
C GLU A 408 7.58 25.86 9.45
N HIS A 409 8.52 26.26 8.56
CA HIS A 409 9.09 25.34 7.60
C HIS A 409 10.43 24.71 8.01
N HIS A 410 11.06 25.15 9.11
CA HIS A 410 12.34 24.64 9.55
C HIS A 410 12.33 23.16 9.85
N VAL A 411 11.15 22.56 10.16
CA VAL A 411 11.08 21.11 10.40
C VAL A 411 11.76 20.27 9.30
N THR A 412 11.65 20.69 8.04
CA THR A 412 12.28 19.97 6.95
C THR A 412 13.79 19.92 7.12
N GLY A 413 14.37 21.05 7.50
CA GLY A 413 15.81 21.12 7.73
C GLY A 413 16.19 20.29 8.97
N ASP A 414 15.33 20.31 9.99
CA ASP A 414 15.59 19.54 11.20
C ASP A 414 15.68 18.05 10.89
N VAL A 415 14.83 17.52 9.99
CA VAL A 415 14.85 16.10 9.66
C VAL A 415 16.15 15.76 8.93
N ALA A 416 16.53 16.66 8.01
CA ALA A 416 17.81 16.50 7.30
C ALA A 416 18.99 16.47 8.27
N ILE A 417 19.04 17.39 9.24
CA ILE A 417 20.15 17.48 10.17
C ILE A 417 20.26 16.16 10.95
N ALA A 418 19.14 15.71 11.50
CA ALA A 418 19.16 14.44 12.21
C ALA A 418 19.65 13.29 11.33
N ALA A 419 19.17 13.23 10.06
CA ALA A 419 19.54 12.12 9.19
C ALA A 419 21.05 12.12 9.01
N TRP A 420 21.63 13.30 8.79
CA TRP A 420 23.07 13.39 8.56
C TRP A 420 23.83 13.01 9.83
N GLN A 421 23.38 13.51 10.98
CA GLN A 421 24.01 13.16 12.26
C GLN A 421 23.96 11.64 12.49
N TYR A 422 22.87 10.97 12.14
CA TYR A 422 22.81 9.52 12.30
C TYR A 422 24.00 8.86 11.60
N TYR A 423 24.28 9.29 10.36
CA TYR A 423 25.42 8.77 9.61
C TYR A 423 26.75 9.18 10.23
N LEU A 424 26.89 10.46 10.65
CA LEU A 424 28.12 10.89 11.29
C LEU A 424 28.47 9.98 12.48
N VAL A 425 27.48 9.65 13.34
CA VAL A 425 27.77 8.92 14.56
C VAL A 425 27.94 7.40 14.32
N THR A 426 27.19 6.81 13.37
CA THR A 426 27.27 5.36 13.13
C THR A 426 28.29 5.01 12.07
N GLY A 427 28.44 5.91 11.11
CA GLY A 427 29.27 5.67 9.93
C GLY A 427 28.67 4.61 9.00
N ASP A 428 27.37 4.37 9.09
CA ASP A 428 26.71 3.34 8.30
C ASP A 428 26.41 3.84 6.88
N LYS A 429 27.30 3.51 5.94
CA LYS A 429 27.18 3.95 4.56
C LYS A 429 26.05 3.23 3.83
N GLU A 430 25.64 2.04 4.29
CA GLU A 430 24.56 1.30 3.67
C GLU A 430 23.23 2.00 3.98
N TRP A 431 23.08 2.39 5.25
CA TRP A 431 21.94 3.18 5.67
C TRP A 431 21.91 4.52 4.95
N LEU A 432 23.10 5.12 4.74
CA LEU A 432 23.18 6.43 4.11
C LEU A 432 22.62 6.30 2.69
N LYS A 433 23.02 5.22 1.97
CA LYS A 433 22.56 5.00 0.61
C LYS A 433 21.07 4.72 0.56
N GLU A 434 20.53 3.93 1.51
CA GLU A 434 19.19 3.42 1.32
C GLU A 434 18.16 4.43 1.86
N LYS A 435 18.55 5.18 2.90
CA LYS A 435 17.58 5.97 3.67
C LYS A 435 18.00 7.43 3.85
N GLY A 436 19.22 7.67 4.35
CA GLY A 436 19.72 9.00 4.58
C GLY A 436 19.68 9.90 3.34
N TRP A 437 20.29 9.40 2.25
CA TRP A 437 20.35 10.15 1.00
C TRP A 437 18.93 10.48 0.48
N PRO A 438 18.02 9.51 0.31
CA PRO A 438 16.65 9.84 -0.08
C PRO A 438 16.07 11.02 0.73
N ILE A 439 16.30 11.03 2.05
CA ILE A 439 15.85 12.18 2.84
C ILE A 439 16.62 13.45 2.50
N LEU A 440 17.96 13.36 2.48
CA LEU A 440 18.79 14.54 2.26
C LEU A 440 18.55 15.12 0.88
N LYS A 441 18.45 14.25 -0.13
CA LYS A 441 18.27 14.71 -1.50
C LYS A 441 16.95 15.48 -1.59
N ALA A 442 15.86 14.86 -1.13
CA ALA A 442 14.52 15.44 -1.29
C ALA A 442 14.34 16.74 -0.49
N THR A 443 14.91 16.75 0.72
CA THR A 443 14.83 17.93 1.56
C THR A 443 15.70 19.04 0.98
N ALA A 444 16.89 18.73 0.40
CA ALA A 444 17.62 19.77 -0.26
C ALA A 444 16.88 20.31 -1.50
N GLU A 445 16.20 19.44 -2.25
CA GLU A 445 15.40 19.90 -3.39
C GLU A 445 14.28 20.85 -2.93
N PHE A 446 13.74 20.60 -1.77
CA PHE A 446 12.75 21.49 -1.19
C PHE A 446 13.34 22.88 -0.96
N TRP A 447 14.48 22.94 -0.24
CA TRP A 447 15.05 24.23 0.08
C TRP A 447 15.48 24.96 -1.20
N ALA A 448 16.07 24.24 -2.17
CA ALA A 448 16.43 24.86 -3.42
C ALA A 448 15.25 25.56 -4.11
N SER A 449 14.02 25.07 -3.88
CA SER A 449 12.81 25.59 -4.50
C SER A 449 12.14 26.61 -3.59
N ARG A 450 12.53 26.63 -2.31
CA ARG A 450 11.90 27.45 -1.29
C ARG A 450 12.52 28.85 -1.20
N VAL A 451 13.82 28.93 -1.39
CA VAL A 451 14.52 30.20 -1.39
C VAL A 451 14.10 31.06 -2.60
N GLU A 452 14.31 32.37 -2.46
CA GLU A 452 14.17 33.33 -3.54
C GLU A 452 15.44 34.17 -3.64
N LYS A 453 16.01 34.25 -4.83
CA LYS A 453 17.19 35.06 -5.07
C LYS A 453 16.80 36.53 -5.26
N ASN A 454 17.51 37.45 -4.60
CA ASN A 454 17.20 38.87 -4.67
C ASN A 454 18.18 39.53 -5.65
N ASP A 455 18.07 40.86 -5.76
CA ASP A 455 18.86 41.65 -6.71
C ASP A 455 20.36 41.62 -6.41
N LYS A 456 20.72 41.38 -5.15
CA LYS A 456 22.11 41.41 -4.72
C LYS A 456 22.73 40.02 -4.82
N GLY A 457 21.96 39.03 -5.29
CA GLY A 457 22.43 37.66 -5.44
C GLY A 457 22.33 36.86 -4.14
N GLU A 458 21.65 37.41 -3.13
CA GLU A 458 21.46 36.69 -1.86
C GLU A 458 20.19 35.84 -1.99
N TYR A 459 20.08 34.83 -1.13
CA TYR A 459 18.92 33.95 -1.14
C TYR A 459 18.14 34.17 0.14
N GLU A 460 16.84 34.42 -0.02
CA GLU A 460 15.98 34.73 1.10
C GLU A 460 14.95 33.62 1.25
N ILE A 461 14.45 33.47 2.47
CA ILE A 461 13.33 32.61 2.76
C ILE A 461 12.27 33.46 3.45
N LYS A 462 11.25 33.82 2.68
CA LYS A 462 10.28 34.82 3.07
C LYS A 462 8.98 34.15 3.56
N ASN A 463 8.32 34.81 4.50
CA ASN A 463 6.98 34.49 5.00
C ASN A 463 6.93 33.10 5.66
N VAL A 464 7.50 33.03 6.88
CA VAL A 464 7.54 31.84 7.70
C VAL A 464 7.07 32.21 9.10
N VAL A 465 6.86 31.19 9.88
CA VAL A 465 6.72 31.28 11.33
C VAL A 465 8.10 30.87 11.83
N ALA A 466 8.64 31.67 12.75
CA ALA A 466 9.98 31.45 13.26
C ALA A 466 10.02 30.31 14.30
N ALA A 467 11.22 29.72 14.53
CA ALA A 467 11.39 28.85 15.70
C ALA A 467 10.82 29.57 16.94
N ASP A 468 11.10 30.88 17.06
CA ASP A 468 10.36 31.72 17.97
C ASP A 468 8.95 31.87 17.42
N GLU A 469 8.02 31.03 17.87
CA GLU A 469 6.72 30.91 17.23
C GLU A 469 5.88 32.17 17.39
N TRP A 470 6.28 33.08 18.27
CA TRP A 470 5.56 34.32 18.44
C TRP A 470 5.73 35.25 17.25
N ALA A 471 6.83 35.03 16.48
CA ALA A 471 7.07 35.78 15.27
C ALA A 471 6.47 35.04 14.06
N GLU A 472 5.34 35.56 13.58
CA GLU A 472 4.55 34.89 12.54
C GLU A 472 4.58 35.69 11.23
N ASN A 473 4.78 35.00 10.10
CA ASN A 473 4.68 35.59 8.77
C ASN A 473 5.74 36.69 8.64
N ILE A 474 6.97 36.34 9.01
CA ILE A 474 8.13 37.22 8.95
C ILE A 474 9.12 36.63 7.95
N ASP A 475 10.20 37.37 7.67
CA ASP A 475 11.17 36.98 6.63
C ASP A 475 12.53 36.68 7.21
N ASN A 476 13.21 35.69 6.64
CA ASN A 476 14.63 35.39 6.92
C ASN A 476 14.87 35.19 8.42
N ASN A 477 14.05 34.32 9.02
CA ASN A 477 14.28 33.85 10.37
C ASN A 477 15.68 33.21 10.47
N ALA A 478 16.45 33.63 11.49
CA ALA A 478 17.77 33.10 11.81
C ALA A 478 17.76 31.57 11.82
N TYR A 479 16.94 30.94 12.66
CA TYR A 479 17.02 29.49 12.77
C TYR A 479 16.62 28.82 11.46
N THR A 480 15.52 29.24 10.84
CA THR A 480 15.00 28.61 9.64
C THR A 480 16.09 28.66 8.57
N ASN A 481 16.62 29.86 8.38
CA ASN A 481 17.66 30.02 7.35
C ASN A 481 18.86 29.14 7.65
N GLY A 482 19.29 29.10 8.90
CA GLY A 482 20.39 28.23 9.28
C GLY A 482 20.09 26.74 8.99
N THR A 483 18.88 26.26 9.27
CA THR A 483 18.57 24.86 8.97
C THR A 483 18.61 24.58 7.47
N ALA A 484 18.21 25.56 6.66
CA ALA A 484 18.27 25.42 5.20
C ALA A 484 19.73 25.31 4.77
N ILE A 485 20.57 26.17 5.33
CA ILE A 485 22.01 26.12 4.98
C ILE A 485 22.53 24.72 5.27
N ARG A 486 22.34 24.23 6.50
CA ARG A 486 22.87 22.93 6.87
C ARG A 486 22.30 21.82 5.96
N ASN A 487 20.98 21.80 5.73
CA ASN A 487 20.35 20.79 4.90
C ASN A 487 21.01 20.73 3.54
N LEU A 488 21.25 21.91 2.95
CA LEU A 488 21.91 21.95 1.64
C LEU A 488 23.36 21.46 1.70
N GLN A 489 24.08 21.85 2.75
CA GLN A 489 25.46 21.42 2.93
C GLN A 489 25.56 19.92 3.12
N TYR A 490 24.71 19.39 3.99
CA TYR A 490 24.75 17.98 4.36
C TYR A 490 24.39 17.10 3.16
N ALA A 491 23.44 17.57 2.36
CA ALA A 491 22.99 16.82 1.21
C ALA A 491 24.13 16.76 0.21
N SER A 492 24.83 17.89 0.08
CA SER A 492 25.99 17.96 -0.83
C SER A 492 27.13 17.04 -0.38
N LYS A 493 27.46 17.07 0.91
CA LYS A 493 28.44 16.17 1.49
C LYS A 493 27.99 14.72 1.35
N CYS A 494 26.72 14.42 1.59
CA CYS A 494 26.22 13.05 1.45
C CYS A 494 26.51 12.53 0.04
N ALA A 495 26.17 13.35 -0.96
CA ALA A 495 26.33 13.02 -2.35
C ALA A 495 27.79 12.64 -2.64
N THR A 496 28.71 13.42 -2.06
CA THR A 496 30.14 13.16 -2.22
C THR A 496 30.50 11.80 -1.63
N VAL A 497 30.03 11.50 -0.41
CA VAL A 497 30.31 10.23 0.25
C VAL A 497 29.91 9.06 -0.65
N LEU A 498 28.76 9.17 -1.34
CA LEU A 498 28.19 8.07 -2.08
C LEU A 498 28.64 8.09 -3.53
N GLY A 499 29.36 9.15 -3.92
CA GLY A 499 29.91 9.25 -5.27
C GLY A 499 28.80 9.57 -6.28
N VAL A 500 27.76 10.30 -5.86
CA VAL A 500 26.80 10.80 -6.84
C VAL A 500 27.02 12.31 -6.99
N ILE A 501 26.58 12.87 -8.11
CA ILE A 501 26.82 14.27 -8.41
C ILE A 501 25.64 15.06 -7.86
N ALA A 502 25.93 16.03 -6.97
CA ALA A 502 24.86 16.83 -6.37
C ALA A 502 24.71 18.11 -7.20
N PRO A 503 23.49 18.65 -7.36
CA PRO A 503 23.31 19.95 -7.99
C PRO A 503 24.26 21.00 -7.43
N LYS A 504 25.06 21.65 -8.28
CA LYS A 504 25.97 22.67 -7.78
C LYS A 504 25.20 23.83 -7.14
N GLU A 505 23.90 23.96 -7.46
CA GLU A 505 23.06 25.02 -6.93
C GLU A 505 22.95 24.90 -5.41
N TRP A 506 23.01 23.68 -4.85
CA TRP A 506 22.81 23.54 -3.40
C TRP A 506 23.87 24.30 -2.61
N THR A 507 25.15 24.20 -3.02
CA THR A 507 26.25 24.89 -2.38
C THR A 507 26.18 26.38 -2.68
N LEU A 508 25.85 26.76 -3.93
CA LEU A 508 25.74 28.17 -4.28
C LEU A 508 24.71 28.84 -3.39
N ILE A 509 23.59 28.16 -3.17
CA ILE A 509 22.50 28.70 -2.36
C ILE A 509 22.91 28.75 -0.88
N ALA A 510 23.47 27.63 -0.37
CA ALA A 510 23.85 27.54 1.04
C ALA A 510 24.77 28.70 1.39
N ASP A 511 25.66 29.10 0.46
CA ASP A 511 26.68 30.09 0.80
C ASP A 511 26.13 31.51 0.81
N LYS A 512 24.89 31.71 0.35
CA LYS A 512 24.36 33.05 0.15
C LYS A 512 22.99 33.22 0.79
N ILE A 513 22.54 32.20 1.53
CA ILE A 513 21.34 32.38 2.37
C ILE A 513 21.66 33.42 3.44
N LEU A 514 20.78 34.43 3.53
CA LEU A 514 20.95 35.58 4.41
C LEU A 514 20.83 35.21 5.87
N ILE A 515 21.84 35.59 6.65
CA ILE A 515 21.72 35.70 8.10
C ILE A 515 22.37 37.03 8.46
N SER A 516 21.59 37.89 9.10
CA SER A 516 21.92 39.29 9.26
C SER A 516 22.18 39.60 10.74
N LYS A 517 22.89 40.72 10.93
CA LYS A 517 23.19 41.24 12.25
C LYS A 517 22.54 42.60 12.45
N MET A 518 22.21 42.89 13.71
CA MET A 518 21.72 44.21 14.09
C MET A 518 22.94 45.11 14.30
N SER A 519 22.70 46.41 14.58
CA SER A 519 23.82 47.35 14.56
C SER A 519 24.79 47.07 15.71
N ASN A 520 24.31 46.40 16.78
CA ASN A 520 25.15 46.03 17.91
C ASN A 520 25.90 44.71 17.67
N GLY A 521 25.85 44.18 16.43
CA GLY A 521 26.56 42.96 16.07
C GLY A 521 25.87 41.67 16.56
N VAL A 522 24.61 41.77 17.02
CA VAL A 522 23.87 40.61 17.45
C VAL A 522 23.15 40.02 16.25
N THR A 523 23.11 38.68 16.17
CA THR A 523 22.38 37.99 15.12
C THR A 523 20.91 38.41 15.21
N ARG A 524 20.32 38.89 14.10
CA ARG A 524 18.95 39.33 14.08
C ARG A 524 17.98 38.17 13.89
N GLU A 525 16.93 38.05 14.76
CA GLU A 525 16.05 36.89 14.72
C GLU A 525 15.30 36.75 13.39
N HIS A 526 14.83 37.89 12.87
CA HIS A 526 14.15 37.95 11.58
C HIS A 526 14.17 39.41 11.11
N ASP A 527 13.70 39.65 9.88
CA ASP A 527 13.86 40.95 9.23
C ASP A 527 13.06 42.08 9.91
N SER A 528 12.07 41.76 10.74
CA SER A 528 11.25 42.71 11.47
C SER A 528 11.60 42.75 12.96
N TYR A 529 12.73 42.16 13.35
CA TYR A 529 13.07 41.99 14.75
C TYR A 529 13.91 43.18 15.21
N THR A 530 13.58 43.74 16.38
CA THR A 530 14.42 44.73 17.05
C THR A 530 14.66 44.28 18.51
N ASP A 531 13.60 44.21 19.30
CA ASP A 531 13.75 43.92 20.72
C ASP A 531 12.52 43.21 21.31
N GLN A 532 11.71 42.54 20.48
CA GLN A 532 10.52 41.85 20.95
C GLN A 532 10.92 40.72 21.92
N ASN A 533 10.05 40.45 22.89
CA ASN A 533 10.13 39.20 23.64
C ASN A 533 9.93 38.05 22.65
N ILE A 534 10.60 36.92 22.93
CA ILE A 534 10.61 35.74 22.08
C ILE A 534 10.17 34.52 22.90
N LYS A 535 9.59 33.53 22.22
CA LYS A 535 8.94 32.42 22.89
C LYS A 535 10.00 31.47 23.43
N GLN A 536 11.10 31.38 22.70
CA GLN A 536 12.09 30.36 22.91
C GLN A 536 13.31 30.69 22.08
N ALA A 537 14.38 29.93 22.34
CA ALA A 537 15.62 30.10 21.63
C ALA A 537 15.44 29.96 20.12
N ASP A 538 16.14 30.84 19.39
CA ASP A 538 16.05 30.91 17.94
C ASP A 538 17.43 31.29 17.42
N ALA A 539 17.80 32.57 17.57
CA ALA A 539 19.11 32.98 17.08
C ALA A 539 20.25 32.20 17.77
N ASN A 540 20.07 31.92 19.07
CA ASN A 540 21.04 31.18 19.84
C ASN A 540 21.23 29.76 19.31
N LEU A 541 20.20 29.19 18.64
CA LEU A 541 20.30 27.85 18.08
C LEU A 541 21.36 27.77 16.98
N LEU A 542 21.72 28.93 16.38
CA LEU A 542 22.79 28.98 15.38
C LEU A 542 24.11 28.59 16.00
N ALA A 543 24.30 28.90 17.29
CA ALA A 543 25.51 28.48 17.98
C ALA A 543 25.43 26.99 18.34
N TYR A 544 24.33 26.56 19.00
CA TYR A 544 24.13 25.15 19.26
C TYR A 544 22.62 24.90 19.12
N PRO A 545 22.14 23.91 18.33
CA PRO A 545 22.96 22.88 17.68
C PRO A 545 23.67 23.09 16.35
N LEU A 546 23.33 24.16 15.61
CA LEU A 546 23.74 24.23 14.22
C LEU A 546 25.23 24.45 14.05
N LYS A 547 25.85 25.17 14.98
CA LYS A 547 27.29 25.44 14.95
C LYS A 547 27.67 26.26 13.72
N LEU A 548 26.73 27.08 13.24
CA LEU A 548 27.03 28.08 12.22
C LEU A 548 27.76 29.27 12.85
N ILE A 549 27.53 29.51 14.15
CA ILE A 549 28.25 30.55 14.88
C ILE A 549 29.20 29.87 15.85
N THR A 550 30.51 29.98 15.62
CA THR A 550 31.51 29.33 16.47
C THR A 550 32.39 30.35 17.21
N ASP A 551 32.40 31.59 16.74
CA ASP A 551 33.16 32.66 17.36
C ASP A 551 32.61 32.93 18.76
N LYS A 552 33.47 32.79 19.78
CA LYS A 552 33.00 32.84 21.15
C LYS A 552 32.41 34.21 21.53
N GLU A 553 32.99 35.29 21.01
CA GLU A 553 32.49 36.63 21.27
C GLU A 553 31.10 36.83 20.65
N GLN A 554 30.87 36.26 19.46
CA GLN A 554 29.56 36.31 18.80
C GLN A 554 28.55 35.52 19.63
N ILE A 555 28.94 34.32 20.09
CA ILE A 555 28.03 33.48 20.86
C ILE A 555 27.59 34.23 22.11
N GLU A 556 28.58 34.90 22.74
CA GLU A 556 28.38 35.62 23.98
C GLU A 556 27.46 36.83 23.76
N ARG A 557 27.67 37.58 22.66
CA ARG A 557 26.85 38.76 22.41
C ARG A 557 25.40 38.35 22.14
N ASP A 558 25.20 37.19 21.47
CA ASP A 558 23.86 36.71 21.18
C ASP A 558 23.17 36.28 22.47
N LEU A 559 23.92 35.60 23.35
CA LEU A 559 23.39 35.23 24.67
C LEU A 559 22.99 36.48 25.45
N LYS A 560 23.87 37.49 25.50
CA LYS A 560 23.61 38.67 26.31
C LYS A 560 22.35 39.36 25.83
N TYR A 561 22.15 39.42 24.50
CA TYR A 561 21.02 40.14 23.95
C TYR A 561 19.72 39.38 24.16
N TYR A 562 19.73 38.07 23.92
CA TYR A 562 18.49 37.31 23.85
C TYR A 562 18.12 36.64 25.17
N GLN A 563 19.05 36.44 26.11
CA GLN A 563 18.72 35.56 27.24
C GLN A 563 17.57 36.11 28.10
N THR A 564 17.42 37.45 28.19
CA THR A 564 16.32 38.03 28.96
C THR A 564 15.05 38.25 28.11
N LYS A 565 15.08 37.87 26.81
CA LYS A 565 13.94 38.06 25.94
C LYS A 565 12.84 37.01 26.11
N ILE A 566 13.15 35.89 26.79
CA ILE A 566 12.17 34.84 27.02
C ILE A 566 11.44 35.13 28.34
N PRO A 567 10.13 35.43 28.31
CA PRO A 567 9.41 35.64 29.56
C PRO A 567 9.34 34.41 30.45
N GLN A 568 8.97 34.66 31.73
CA GLN A 568 8.85 33.56 32.67
C GLN A 568 7.62 32.70 32.36
N SER A 569 6.52 33.32 31.91
CA SER A 569 5.27 32.60 31.73
C SER A 569 5.07 32.18 30.27
N ASP A 570 4.50 30.98 30.12
CA ASP A 570 3.92 30.51 28.87
C ASP A 570 5.01 30.30 27.83
N THR A 571 6.22 29.97 28.28
CA THR A 571 7.36 29.74 27.41
C THR A 571 7.85 28.31 27.64
N PRO A 572 8.00 27.50 26.58
CA PRO A 572 8.27 26.07 26.77
C PRO A 572 9.73 25.78 27.12
N ALA A 573 9.97 24.58 27.65
CA ALA A 573 11.31 24.16 28.07
C ALA A 573 12.15 23.76 26.86
N MET A 574 12.45 24.78 26.04
CA MET A 574 13.20 24.62 24.80
C MET A 574 14.14 25.82 24.61
N THR A 575 14.77 26.25 25.71
CA THR A 575 15.58 27.47 25.70
C THR A 575 16.73 27.30 26.71
N GLN A 576 16.41 27.18 28.01
CA GLN A 576 17.43 27.37 29.04
C GLN A 576 18.51 26.27 28.95
N ALA A 577 18.13 25.07 28.49
CA ALA A 577 19.08 23.97 28.32
C ALA A 577 20.16 24.36 27.31
N ILE A 578 19.75 25.11 26.27
CA ILE A 578 20.69 25.53 25.24
C ILE A 578 21.63 26.59 25.84
N PHE A 579 21.04 27.55 26.59
CA PHE A 579 21.85 28.55 27.29
C PHE A 579 22.88 27.87 28.18
N SER A 580 22.48 26.81 28.89
CA SER A 580 23.37 26.11 29.80
C SER A 580 24.54 25.52 29.03
N LEU A 581 24.20 24.80 27.97
CA LEU A 581 25.17 24.13 27.13
C LEU A 581 26.19 25.13 26.58
N LEU A 582 25.69 26.27 26.07
CA LEU A 582 26.55 27.28 25.49
C LEU A 582 27.45 27.89 26.56
N TYR A 583 26.93 28.15 27.77
CA TYR A 583 27.76 28.66 28.85
C TYR A 583 28.80 27.62 29.29
N SER A 584 28.45 26.33 29.25
CA SER A 584 29.44 25.28 29.51
C SER A 584 30.56 25.32 28.46
N ARG A 585 30.19 25.49 27.18
CA ARG A 585 31.18 25.55 26.11
C ARG A 585 32.07 26.80 26.24
N LEU A 586 31.54 27.86 26.86
CA LEU A 586 32.30 29.08 27.16
C LEU A 586 33.05 28.96 28.50
N GLU A 587 32.89 27.82 29.20
CA GLU A 587 33.62 27.53 30.43
C GLU A 587 33.17 28.44 31.57
N ASP A 588 31.87 28.76 31.61
CA ASP A 588 31.31 29.58 32.68
C ASP A 588 30.40 28.70 33.53
N SER A 589 30.94 28.17 34.63
CA SER A 589 30.26 27.19 35.45
C SER A 589 29.02 27.79 36.12
N ASP A 590 29.14 29.00 36.69
CA ASP A 590 28.01 29.59 37.41
C ASP A 590 26.80 29.78 36.51
N GLN A 591 27.02 30.36 35.32
CA GLN A 591 25.92 30.60 34.40
C GLN A 591 25.41 29.27 33.85
N ALA A 592 26.31 28.34 33.51
CA ALA A 592 25.89 27.05 32.99
C ALA A 592 24.96 26.35 33.98
N TYR A 593 25.31 26.40 35.26
CA TYR A 593 24.55 25.68 36.28
C TYR A 593 23.23 26.40 36.54
N HIS A 594 23.26 27.74 36.55
CA HIS A 594 22.04 28.53 36.73
C HIS A 594 21.00 28.13 35.68
N TRP A 595 21.43 28.09 34.41
CA TRP A 595 20.50 27.79 33.33
C TRP A 595 20.05 26.33 33.33
N PHE A 596 20.95 25.40 33.72
CA PHE A 596 20.59 24.00 33.86
C PHE A 596 19.39 23.86 34.81
N LYS A 597 19.47 24.48 35.99
CA LYS A 597 18.40 24.38 36.97
C LYS A 597 17.13 25.07 36.48
N ASP A 598 17.31 26.24 35.87
CA ASP A 598 16.17 27.02 35.40
C ASP A 598 15.43 26.28 34.29
N ALA A 599 16.12 25.40 33.58
CA ALA A 599 15.54 24.71 32.43
C ALA A 599 14.41 23.76 32.83
N TYR A 600 14.43 23.22 34.05
CA TYR A 600 13.42 22.22 34.40
C TYR A 600 12.87 22.35 35.82
N GLN A 601 13.66 22.83 36.78
CA GLN A 601 13.22 22.85 38.18
C GLN A 601 11.96 23.72 38.37
N PRO A 602 11.79 24.87 37.70
CA PRO A 602 10.53 25.61 37.80
C PRO A 602 9.33 24.99 37.10
N ASN A 603 9.51 23.83 36.42
CA ASN A 603 8.48 23.20 35.61
C ASN A 603 7.96 21.91 36.29
N LEU A 604 8.42 21.61 37.50
CA LEU A 604 8.18 20.31 38.11
C LEU A 604 6.80 20.24 38.75
N ASN A 605 6.22 19.02 38.75
CA ASN A 605 4.95 18.71 39.38
C ASN A 605 5.15 17.57 40.38
N PRO A 606 4.50 17.62 41.56
CA PRO A 606 4.63 16.56 42.55
C PRO A 606 3.71 15.38 42.26
N PRO A 607 3.90 14.21 42.92
CA PRO A 607 5.01 14.02 43.87
C PRO A 607 6.29 13.41 43.32
N PHE A 608 6.35 13.18 42.00
CA PHE A 608 7.47 12.46 41.40
C PHE A 608 8.43 13.36 40.62
N ARG A 609 8.28 14.69 40.70
CA ARG A 609 9.13 15.62 39.96
C ARG A 609 9.05 15.34 38.45
N VAL A 610 7.84 15.12 37.94
CA VAL A 610 7.64 15.11 36.51
C VAL A 610 7.70 16.54 35.98
N ILE A 611 7.98 16.68 34.66
CA ILE A 611 8.26 17.96 34.04
C ILE A 611 7.12 18.42 33.14
N SER A 612 6.66 19.67 33.39
CA SER A 612 5.66 20.30 32.54
C SER A 612 6.34 21.12 31.45
N GLU A 613 5.56 21.50 30.43
CA GLU A 613 6.06 22.20 29.27
C GLU A 613 6.64 23.57 29.64
N CYS A 614 5.93 24.31 30.50
CA CYS A 614 6.30 25.67 30.89
C CYS A 614 6.50 25.82 32.39
N LYS A 615 7.14 26.92 32.81
CA LYS A 615 7.28 27.23 34.22
C LYS A 615 5.93 27.29 34.94
N GLY A 616 5.81 26.54 36.03
CA GLY A 616 4.58 26.48 36.81
C GLY A 616 3.43 25.80 36.07
N GLY A 617 3.74 25.10 34.97
CA GLY A 617 2.74 24.42 34.16
C GLY A 617 2.25 23.13 34.82
N THR A 618 1.17 22.55 34.25
CA THR A 618 0.47 21.43 34.85
C THR A 618 0.09 20.43 33.76
N ASN A 619 0.99 20.19 32.81
CA ASN A 619 0.73 19.28 31.70
C ASN A 619 1.93 18.34 31.46
N PRO A 620 2.42 17.62 32.49
CA PRO A 620 3.50 16.67 32.30
C PRO A 620 3.09 15.49 31.40
N TYR A 621 4.05 14.71 30.89
CA TYR A 621 5.49 14.85 31.04
C TYR A 621 6.10 15.33 29.72
N PHE A 622 6.78 16.48 29.76
CA PHE A 622 7.31 17.11 28.57
C PHE A 622 8.69 16.53 28.26
N SER A 623 8.69 15.41 27.54
CA SER A 623 9.88 14.66 27.18
C SER A 623 10.85 15.49 26.34
N THR A 624 10.32 16.43 25.54
CA THR A 624 11.14 17.38 24.81
C THR A 624 12.10 18.11 25.74
N GLY A 625 11.59 18.61 26.85
CA GLY A 625 12.36 19.36 27.85
C GLY A 625 13.49 18.50 28.43
N ALA A 626 13.17 17.25 28.77
CA ALA A 626 14.15 16.29 29.26
C ALA A 626 15.26 16.10 28.23
N GLY A 627 14.86 15.98 26.98
CA GLY A 627 15.82 15.79 25.88
C GLY A 627 16.82 16.93 25.84
N GLY A 628 16.32 18.16 25.89
CA GLY A 628 17.17 19.34 25.93
C GLY A 628 18.13 19.36 27.12
N VAL A 629 17.61 19.05 28.30
CA VAL A 629 18.39 19.12 29.52
C VAL A 629 19.46 18.03 29.45
N LEU A 630 19.13 16.89 28.86
CA LEU A 630 20.11 15.81 28.68
C LEU A 630 21.25 16.26 27.77
N GLN A 631 20.95 17.09 26.76
CA GLN A 631 22.00 17.65 25.93
C GLN A 631 22.85 18.62 26.76
N ALA A 632 22.22 19.40 27.65
CA ALA A 632 23.01 20.31 28.46
C ALA A 632 23.99 19.51 29.33
N VAL A 633 23.58 18.31 29.77
CA VAL A 633 24.44 17.47 30.61
C VAL A 633 25.52 16.80 29.77
N ILE A 634 25.10 16.14 28.67
CA ILE A 634 26.00 15.30 27.88
C ILE A 634 26.91 16.17 27.02
N MET A 635 26.30 17.06 26.23
CA MET A 635 27.02 17.89 25.30
C MET A 635 27.62 19.10 26.01
N GLY A 636 26.97 19.61 27.07
CA GLY A 636 27.48 20.80 27.73
C GLY A 636 28.50 20.44 28.80
N PHE A 637 28.01 19.90 29.93
CA PHE A 637 28.89 19.58 31.04
C PHE A 637 29.89 18.49 30.63
N GLY A 638 29.45 17.54 29.81
CA GLY A 638 30.31 16.43 29.39
C GLY A 638 31.22 16.83 28.23
N GLY A 639 30.90 17.94 27.55
CA GLY A 639 31.68 18.44 26.43
C GLY A 639 31.56 17.58 25.17
N LEU A 640 30.61 16.63 25.12
CA LEU A 640 30.53 15.70 24.00
C LEU A 640 29.89 16.38 22.80
N ASP A 641 30.33 15.99 21.61
CA ASP A 641 29.96 16.71 20.41
C ASP A 641 30.02 15.76 19.22
N ILE A 642 29.08 15.94 18.28
CA ILE A 642 29.11 15.20 17.03
C ILE A 642 30.09 15.91 16.12
N ASP A 643 31.17 15.19 15.75
CA ASP A 643 32.22 15.73 14.92
C ASP A 643 31.73 15.78 13.47
N ALA A 644 31.89 16.95 12.84
CA ALA A 644 31.42 17.20 11.48
C ALA A 644 32.05 16.23 10.48
N ALA A 645 33.18 15.64 10.86
CA ALA A 645 33.88 14.71 9.99
C ALA A 645 33.60 13.25 10.38
N GLY A 646 32.77 13.01 11.41
CA GLY A 646 32.40 11.67 11.79
C GLY A 646 32.76 11.38 13.25
N GLY A 647 31.91 10.60 13.93
CA GLY A 647 32.14 10.14 15.27
C GLY A 647 31.78 11.18 16.34
N ILE A 648 32.14 10.84 17.60
CA ILE A 648 31.97 11.70 18.74
C ILE A 648 33.34 12.19 19.20
N LYS A 649 33.42 13.50 19.52
CA LYS A 649 34.61 14.12 20.07
C LYS A 649 34.23 14.82 21.38
N GLN A 650 35.24 15.33 22.08
CA GLN A 650 34.99 16.06 23.32
C GLN A 650 35.66 17.42 23.24
N VAL A 651 34.90 18.47 23.55
CA VAL A 651 35.43 19.84 23.56
C VAL A 651 35.50 20.30 25.01
N LYS A 652 36.06 21.49 25.23
CA LYS A 652 36.20 22.01 26.59
C LYS A 652 34.81 22.20 27.24
N SER A 653 34.75 21.98 28.56
CA SER A 653 33.55 22.13 29.35
C SER A 653 33.90 22.43 30.81
N VAL A 654 32.85 22.70 31.59
CA VAL A 654 32.96 22.84 33.03
C VAL A 654 31.81 22.09 33.69
N LEU A 655 31.98 21.81 34.99
CA LEU A 655 30.92 21.20 35.78
C LEU A 655 30.35 22.24 36.74
N PRO A 656 29.11 22.04 37.23
CA PRO A 656 28.65 22.76 38.41
C PRO A 656 29.68 22.64 39.54
N LYS A 657 29.80 23.71 40.34
CA LYS A 657 30.76 23.75 41.44
C LYS A 657 30.59 22.54 42.35
N ASN A 658 29.33 22.20 42.64
CA ASN A 658 28.95 21.21 43.64
C ASN A 658 29.04 19.79 43.07
N TRP A 659 29.25 19.63 41.76
CA TRP A 659 29.42 18.30 41.18
C TRP A 659 30.88 17.88 41.26
N LYS A 660 31.12 16.82 42.05
CA LYS A 660 32.46 16.28 42.23
C LYS A 660 32.90 15.45 41.02
N LYS A 661 31.96 14.75 40.38
CA LYS A 661 32.30 13.91 39.24
C LYS A 661 31.09 13.70 38.34
N LEU A 662 31.36 13.65 37.02
CA LEU A 662 30.34 13.35 36.01
C LEU A 662 30.85 12.19 35.17
N THR A 663 30.10 11.08 35.16
CA THR A 663 30.46 9.88 34.40
C THR A 663 29.34 9.58 33.42
N ILE A 664 29.67 9.49 32.13
CA ILE A 664 28.73 9.20 31.06
C ILE A 664 29.19 7.92 30.35
N THR A 665 28.34 6.89 30.34
CA THR A 665 28.73 5.60 29.78
C THR A 665 27.94 5.28 28.51
N GLY A 666 28.55 4.42 27.68
CA GLY A 666 27.88 3.86 26.51
C GLY A 666 27.79 4.84 25.34
N ILE A 667 28.79 5.72 25.17
CA ILE A 667 28.74 6.79 24.18
C ILE A 667 29.34 6.35 22.85
N GLY A 668 28.56 6.55 21.76
CA GLY A 668 29.03 6.32 20.40
C GLY A 668 29.13 4.83 20.07
N ILE A 669 29.62 4.49 18.86
CA ILE A 669 29.56 3.09 18.48
C ILE A 669 30.67 2.31 19.19
N GLU A 670 31.66 3.01 19.78
CA GLU A 670 32.70 2.38 20.57
C GLU A 670 32.26 2.17 22.02
N LYS A 671 31.09 2.73 22.39
CA LYS A 671 30.54 2.57 23.73
C LYS A 671 31.55 3.06 24.78
N LYS A 672 32.02 4.31 24.61
CA LYS A 672 33.07 4.87 25.43
C LYS A 672 32.48 5.44 26.71
N THR A 673 33.29 5.40 27.76
CA THR A 673 32.98 6.05 29.03
C THR A 673 33.78 7.35 29.12
N PHE A 674 33.10 8.42 29.55
CA PHE A 674 33.72 9.72 29.77
C PHE A 674 33.58 10.10 31.24
N VAL A 675 34.70 10.50 31.86
CA VAL A 675 34.70 10.88 33.26
C VAL A 675 35.21 12.32 33.35
N LEU A 676 34.49 13.18 34.07
CA LEU A 676 34.88 14.57 34.23
C LEU A 676 34.88 14.91 35.72
N THR A 677 35.93 15.64 36.13
CA THR A 677 36.08 16.17 37.47
C THR A 677 36.52 17.64 37.37
N HIS A 678 36.54 18.34 38.50
CA HIS A 678 37.15 19.68 38.54
C HIS A 678 38.67 19.55 38.49
N HIS B 20 -9.81 39.79 -33.44
CA HIS B 20 -9.83 38.66 -32.47
C HIS B 20 -8.70 37.66 -32.78
N GLN B 21 -7.56 38.16 -33.31
CA GLN B 21 -6.43 37.31 -33.72
C GLN B 21 -5.14 37.79 -33.07
N ASP B 22 -5.25 38.23 -31.81
CA ASP B 22 -4.10 38.47 -30.98
C ASP B 22 -3.34 37.15 -30.80
N PRO B 23 -1.99 37.13 -30.86
CA PRO B 23 -1.22 35.89 -30.77
C PRO B 23 -1.13 35.28 -29.36
N TRP B 24 -1.56 36.05 -28.36
CA TRP B 24 -1.49 35.63 -26.97
C TRP B 24 -2.85 35.54 -26.30
N LYS B 25 -3.89 36.13 -26.91
CA LYS B 25 -5.17 36.27 -26.22
C LYS B 25 -6.30 35.84 -27.13
N LEU B 26 -7.24 35.09 -26.57
CA LEU B 26 -8.47 34.72 -27.25
C LEU B 26 -9.57 35.64 -26.71
N SER B 27 -10.33 36.29 -27.59
CA SER B 27 -11.29 37.31 -27.19
C SER B 27 -12.68 37.02 -27.73
N ALA B 28 -13.70 37.32 -26.93
CA ALA B 28 -15.08 37.26 -27.35
C ALA B 28 -15.79 38.53 -26.91
N ASP B 29 -16.34 39.28 -27.86
CA ASP B 29 -17.20 40.43 -27.57
C ASP B 29 -18.65 39.98 -27.46
N LYS B 30 -19.35 40.48 -26.44
CA LYS B 30 -20.73 40.14 -26.19
C LYS B 30 -20.98 38.67 -26.47
N PRO B 31 -20.52 37.76 -25.59
CA PRO B 31 -20.86 36.33 -25.69
C PRO B 31 -22.31 36.08 -26.07
N ASP B 32 -22.51 35.20 -27.06
CA ASP B 32 -23.81 34.70 -27.43
C ASP B 32 -24.03 33.31 -26.80
N SER B 33 -24.87 33.25 -25.78
CA SER B 33 -25.09 32.00 -25.05
C SER B 33 -25.75 30.93 -25.91
N ASN B 34 -26.38 31.30 -27.02
CA ASN B 34 -27.00 30.34 -27.92
C ASN B 34 -25.96 29.66 -28.82
N ASN B 35 -24.74 30.20 -28.87
CA ASN B 35 -23.69 29.61 -29.67
C ASN B 35 -22.32 29.83 -29.01
N TYR B 36 -22.18 29.27 -27.81
CA TYR B 36 -21.01 29.53 -26.97
C TYR B 36 -20.47 28.22 -26.42
N TYR B 37 -19.17 27.99 -26.65
CA TYR B 37 -18.44 26.87 -26.06
C TYR B 37 -17.30 27.42 -25.21
N GLY B 38 -17.38 27.17 -23.89
CA GLY B 38 -16.51 27.82 -22.93
C GLY B 38 -15.07 27.33 -23.06
N GLU B 39 -14.14 28.23 -22.66
CA GLU B 39 -12.73 27.96 -22.58
C GLU B 39 -12.32 27.56 -21.16
N THR B 40 -11.15 26.93 -21.04
CA THR B 40 -10.69 26.34 -19.80
C THR B 40 -9.45 27.07 -19.33
N VAL B 41 -9.37 27.31 -18.01
CA VAL B 41 -8.09 27.57 -17.35
C VAL B 41 -7.82 26.41 -16.41
N ALA B 42 -6.55 25.98 -16.35
CA ALA B 42 -6.24 24.80 -15.59
C ALA B 42 -4.75 24.77 -15.25
N ASN B 43 -4.43 24.02 -14.21
CA ASN B 43 -3.07 23.87 -13.71
C ASN B 43 -2.62 22.40 -13.70
N GLY B 44 -3.30 21.56 -14.48
CA GLY B 44 -3.03 20.14 -14.51
C GLY B 44 -3.73 19.35 -13.42
N MET B 45 -4.36 20.06 -12.45
CA MET B 45 -5.04 19.43 -11.34
C MET B 45 -6.51 19.87 -11.28
N ILE B 46 -6.75 21.18 -11.40
CA ILE B 46 -8.12 21.72 -11.48
C ILE B 46 -8.30 22.37 -12.84
N GLY B 47 -9.46 22.13 -13.47
CA GLY B 47 -9.87 22.88 -14.63
C GLY B 47 -11.14 23.68 -14.31
N ILE B 48 -11.19 24.93 -14.81
CA ILE B 48 -12.35 25.81 -14.70
C ILE B 48 -12.80 26.19 -16.12
N ILE B 49 -14.02 25.86 -16.46
CA ILE B 49 -14.55 26.11 -17.80
C ILE B 49 -15.53 27.29 -17.75
N SER B 50 -15.40 28.21 -18.69
CA SER B 50 -16.08 29.50 -18.67
C SER B 50 -17.57 29.36 -18.99
N SER B 51 -18.33 30.34 -18.48
CA SER B 51 -19.73 30.56 -18.82
C SER B 51 -19.86 31.83 -19.65
N PRO B 52 -20.85 31.90 -20.56
CA PRO B 52 -21.13 33.16 -21.26
C PRO B 52 -21.65 34.24 -20.31
N GLU B 53 -22.17 33.83 -19.15
CA GLU B 53 -22.80 34.75 -18.22
C GLU B 53 -21.72 35.46 -17.38
N PRO B 54 -21.89 36.78 -17.09
CA PRO B 54 -20.91 37.52 -16.27
C PRO B 54 -20.77 36.97 -14.86
N LEU B 55 -19.51 36.86 -14.40
CA LEU B 55 -19.18 36.46 -13.05
C LEU B 55 -19.63 35.05 -12.71
N LYS B 56 -19.76 34.21 -13.74
CA LYS B 56 -20.07 32.81 -13.53
C LYS B 56 -19.03 31.97 -14.27
N VAL B 57 -18.90 30.73 -13.84
CA VAL B 57 -18.27 29.72 -14.67
C VAL B 57 -19.21 28.53 -14.80
N LYS B 58 -18.92 27.71 -15.79
CA LYS B 58 -19.77 26.58 -16.14
C LYS B 58 -19.54 25.41 -15.18
N GLU B 59 -18.28 24.99 -15.00
CA GLU B 59 -18.00 23.70 -14.39
C GLU B 59 -16.55 23.75 -13.87
N VAL B 60 -16.32 22.94 -12.83
CA VAL B 60 -15.01 22.72 -12.24
C VAL B 60 -14.71 21.22 -12.17
N VAL B 61 -13.51 20.85 -12.62
CA VAL B 61 -13.09 19.47 -12.78
C VAL B 61 -11.81 19.23 -11.96
N LEU B 62 -11.79 18.18 -11.15
CA LEU B 62 -10.61 17.82 -10.37
C LEU B 62 -10.00 16.54 -10.95
N ALA B 63 -8.72 16.59 -11.37
CA ALA B 63 -8.06 15.41 -11.82
C ALA B 63 -7.90 14.38 -10.71
N GLY B 64 -7.84 13.10 -11.09
CA GLY B 64 -7.43 12.06 -10.17
C GLY B 64 -8.56 11.52 -9.29
N THR B 65 -9.74 12.15 -9.36
CA THR B 65 -10.87 11.76 -8.53
C THR B 65 -11.92 11.03 -9.38
N TYR B 66 -12.13 9.73 -9.09
CA TYR B 66 -12.97 8.87 -9.90
C TYR B 66 -13.95 8.10 -9.00
N ASP B 67 -15.17 7.96 -9.50
CA ASP B 67 -16.16 7.07 -8.89
C ASP B 67 -17.14 6.64 -9.95
N ILE B 68 -17.93 5.60 -9.64
CA ILE B 68 -19.03 5.15 -10.50
C ILE B 68 -20.05 6.28 -10.60
N TYR B 69 -20.38 6.64 -11.85
CA TYR B 69 -21.20 7.80 -12.13
C TYR B 69 -21.60 7.77 -13.61
N LYS B 70 -22.90 7.86 -13.79
CA LYS B 70 -23.56 7.95 -15.09
C LYS B 70 -22.98 7.05 -16.16
N ARG B 71 -22.41 7.67 -17.21
CA ARG B 71 -22.09 7.01 -18.45
C ARG B 71 -21.19 5.78 -18.22
N GLY B 72 -21.61 4.65 -18.82
CA GLY B 72 -20.70 3.52 -18.97
C GLY B 72 -20.62 2.60 -17.76
N ARG B 73 -21.21 3.00 -16.62
CA ARG B 73 -21.30 2.17 -15.42
C ARG B 73 -19.92 1.89 -14.84
N VAL B 74 -18.90 2.70 -15.21
CA VAL B 74 -17.53 2.54 -14.77
C VAL B 74 -17.07 3.83 -14.09
N SER B 75 -15.89 3.82 -13.51
CA SER B 75 -15.31 4.96 -12.81
C SER B 75 -15.25 6.18 -13.76
N SER B 76 -15.52 7.36 -13.19
CA SER B 76 -15.68 8.58 -13.97
C SER B 76 -15.19 9.75 -13.14
N PHE B 77 -14.68 10.80 -13.82
CA PHE B 77 -14.59 12.10 -13.21
C PHE B 77 -16.00 12.46 -12.70
N ILE B 78 -16.03 13.30 -11.67
CA ILE B 78 -17.27 13.61 -10.97
C ILE B 78 -17.46 15.12 -11.04
N PRO B 79 -18.63 15.66 -11.45
CA PRO B 79 -18.80 17.12 -11.43
C PRO B 79 -18.59 17.60 -9.99
N ASN B 80 -17.84 18.67 -9.82
CA ASN B 80 -17.43 19.10 -8.50
C ASN B 80 -17.93 20.53 -8.25
N TYR B 81 -17.63 21.04 -7.05
CA TYR B 81 -18.09 22.33 -6.62
C TYR B 81 -17.60 23.40 -7.57
N ASN B 82 -18.55 24.20 -8.00
CA ASN B 82 -18.29 25.42 -8.69
C ASN B 82 -17.93 26.44 -7.63
N LEU B 83 -16.68 26.42 -7.24
CA LEU B 83 -16.29 27.16 -6.05
C LEU B 83 -16.23 28.68 -6.32
N LEU B 84 -16.25 29.10 -7.60
CA LEU B 84 -16.22 30.52 -7.94
C LEU B 84 -17.60 31.17 -8.06
N ASN B 85 -18.67 30.39 -7.85
CA ASN B 85 -20.04 30.85 -7.96
CA ASN B 85 -20.05 30.86 -7.97
C ASN B 85 -20.21 32.16 -7.18
N MET B 86 -20.51 33.28 -7.87
CA MET B 86 -20.62 34.57 -7.19
C MET B 86 -21.85 35.30 -7.71
N LYS B 87 -22.49 36.04 -6.81
CA LYS B 87 -23.55 36.98 -7.14
C LYS B 87 -23.11 38.39 -6.76
N LEU B 88 -23.29 39.34 -7.68
CA LEU B 88 -22.96 40.74 -7.43
C LEU B 88 -24.20 41.56 -7.72
N ALA B 89 -24.58 42.39 -6.72
CA ALA B 89 -25.68 43.33 -6.89
C ALA B 89 -25.20 44.75 -6.61
N PHE B 90 -25.80 45.70 -7.33
CA PHE B 90 -25.58 47.11 -7.09
C PHE B 90 -26.88 47.71 -6.57
N ASN B 91 -26.85 48.20 -5.33
CA ASN B 91 -28.03 48.64 -4.61
C ASN B 91 -29.16 47.61 -4.68
N GLY B 92 -28.83 46.31 -4.56
CA GLY B 92 -29.82 45.26 -4.47
C GLY B 92 -30.22 44.71 -5.84
N GLU B 93 -29.79 45.36 -6.90
CA GLU B 93 -30.07 44.89 -8.24
C GLU B 93 -28.97 43.95 -8.73
N SER B 94 -29.34 42.68 -8.91
CA SER B 94 -28.42 41.63 -9.28
C SER B 94 -27.95 41.83 -10.72
N VAL B 95 -26.67 41.56 -10.96
CA VAL B 95 -26.05 41.74 -12.26
C VAL B 95 -26.35 40.54 -13.13
N GLN B 96 -26.85 40.77 -14.35
CA GLN B 96 -27.19 39.71 -15.29
C GLN B 96 -26.82 40.13 -16.71
N THR B 97 -26.76 39.16 -17.64
CA THR B 97 -26.57 39.46 -19.05
C THR B 97 -27.46 40.63 -19.48
N TYR B 98 -28.71 40.68 -18.99
CA TYR B 98 -29.70 41.56 -19.58
C TYR B 98 -29.48 43.02 -19.16
N ASN B 99 -28.84 43.29 -18.00
CA ASN B 99 -28.77 44.65 -17.48
C ASN B 99 -27.34 45.19 -17.48
N ILE B 100 -26.43 44.54 -18.20
CA ILE B 100 -25.08 45.03 -18.39
C ILE B 100 -24.88 45.38 -19.84
N ASN B 101 -23.82 46.12 -20.16
CA ASN B 101 -23.47 46.38 -21.55
C ASN B 101 -21.95 46.40 -21.71
N ASN B 102 -21.49 46.44 -22.96
CA ASN B 102 -20.09 46.45 -23.33
C ASN B 102 -19.36 45.25 -22.71
N TYR B 103 -20.02 44.10 -22.71
CA TYR B 103 -19.49 42.90 -22.09
C TYR B 103 -18.48 42.23 -23.02
N LYS B 104 -17.31 41.88 -22.46
CA LYS B 104 -16.23 41.23 -23.20
C LYS B 104 -15.56 40.18 -22.32
N GLN B 105 -15.10 39.10 -22.97
CA GLN B 105 -14.29 38.09 -22.31
C GLN B 105 -12.98 37.92 -23.07
N GLU B 106 -11.95 37.52 -22.33
CA GLU B 106 -10.62 37.36 -22.87
C GLU B 106 -9.90 36.29 -22.07
N LEU B 107 -9.27 35.34 -22.79
CA LEU B 107 -8.39 34.35 -22.21
C LEU B 107 -6.97 34.77 -22.56
N ASP B 108 -6.15 35.07 -21.53
CA ASP B 108 -4.76 35.40 -21.75
C ASP B 108 -3.95 34.11 -21.61
N MET B 109 -3.41 33.64 -22.74
CA MET B 109 -2.77 32.33 -22.76
C MET B 109 -1.39 32.42 -22.12
N ARG B 110 -0.85 33.64 -21.98
CA ARG B 110 0.43 33.83 -21.32
C ARG B 110 0.37 33.37 -19.86
N ASN B 111 -0.80 33.50 -19.22
CA ASN B 111 -0.87 33.15 -17.81
C ASN B 111 -2.17 32.46 -17.43
N GLY B 112 -2.91 31.95 -18.42
CA GLY B 112 -4.15 31.27 -18.12
C GLY B 112 -5.13 32.14 -17.33
N ALA B 113 -5.17 33.43 -17.64
CA ALA B 113 -6.14 34.29 -16.94
C ALA B 113 -7.39 34.39 -17.79
N PHE B 114 -8.54 34.03 -17.24
CA PHE B 114 -9.81 34.29 -17.90
C PHE B 114 -10.41 35.56 -17.30
N THR B 115 -10.69 36.56 -18.14
CA THR B 115 -11.11 37.88 -17.69
C THR B 115 -12.42 38.25 -18.38
N GLY B 116 -13.38 38.73 -17.60
CA GLY B 116 -14.55 39.38 -18.15
C GLY B 116 -14.57 40.84 -17.74
N SER B 117 -15.16 41.70 -18.58
CA SER B 117 -15.37 43.08 -18.21
C SER B 117 -16.73 43.56 -18.76
N PHE B 118 -17.40 44.43 -18.01
CA PHE B 118 -18.68 44.94 -18.44
C PHE B 118 -19.01 46.24 -17.67
N GLN B 119 -19.98 46.99 -18.22
CA GLN B 119 -20.49 48.22 -17.63
C GLN B 119 -21.86 47.90 -17.04
N PHE B 120 -22.10 48.34 -15.80
CA PHE B 120 -23.39 48.18 -15.17
C PHE B 120 -24.07 49.56 -15.13
N LYS B 121 -25.03 49.76 -16.04
CA LYS B 121 -25.82 50.98 -16.11
C LYS B 121 -24.93 52.22 -16.06
N ASP B 122 -25.25 53.13 -15.12
CA ASP B 122 -24.57 54.41 -14.95
C ASP B 122 -23.69 54.35 -13.69
N LEU B 123 -23.43 53.14 -13.16
CA LEU B 123 -22.87 53.03 -11.82
C LEU B 123 -21.38 52.64 -11.86
N ALA B 124 -20.99 51.61 -12.63
CA ALA B 124 -19.63 51.08 -12.50
C ALA B 124 -19.28 50.16 -13.65
N THR B 125 -17.95 50.09 -13.86
CA THR B 125 -17.33 49.07 -14.67
C THR B 125 -16.85 47.95 -13.73
N VAL B 126 -17.04 46.71 -14.17
CA VAL B 126 -16.65 45.53 -13.41
C VAL B 126 -15.68 44.73 -14.28
N THR B 127 -14.53 44.38 -13.72
CA THR B 127 -13.62 43.45 -14.37
C THR B 127 -13.32 42.35 -13.37
N TYR B 128 -13.30 41.12 -13.86
CA TYR B 128 -12.93 39.99 -13.04
C TYR B 128 -11.99 39.08 -13.82
N SER B 129 -11.00 38.53 -13.09
CA SER B 129 -10.04 37.61 -13.70
C SER B 129 -9.94 36.40 -12.78
N TYR B 130 -9.96 35.20 -13.34
CA TYR B 130 -9.74 34.04 -12.50
C TYR B 130 -8.64 33.15 -13.09
N TYR B 131 -8.14 32.31 -12.20
CA TYR B 131 -6.92 31.53 -12.38
C TYR B 131 -7.02 30.19 -11.68
N ALA B 132 -6.53 29.13 -12.34
CA ALA B 132 -6.16 27.91 -11.66
C ALA B 132 -4.68 28.01 -11.33
N LEU B 133 -4.37 28.32 -10.05
CA LEU B 133 -3.03 28.79 -9.72
C LEU B 133 -1.99 27.76 -10.12
N ARG B 134 -0.95 28.19 -10.83
CA ARG B 134 -0.09 27.24 -11.53
C ARG B 134 0.84 26.52 -10.55
N HIS B 135 1.32 27.24 -9.52
CA HIS B 135 2.15 26.63 -8.48
C HIS B 135 1.39 25.85 -7.38
N LEU B 136 0.09 26.11 -7.16
CA LEU B 136 -0.67 25.51 -6.09
C LEU B 136 -1.77 24.67 -6.72
N PRO B 137 -1.56 23.37 -6.90
CA PRO B 137 -2.43 22.55 -7.73
C PRO B 137 -3.88 22.56 -7.28
N HIS B 138 -4.10 22.74 -5.97
CA HIS B 138 -5.47 22.67 -5.45
C HIS B 138 -6.09 24.05 -5.15
N CYS B 139 -5.49 25.14 -5.62
CA CYS B 139 -5.97 26.49 -5.34
C CYS B 139 -6.37 27.26 -6.59
N ILE B 140 -7.45 28.02 -6.48
CA ILE B 140 -8.03 28.87 -7.50
C ILE B 140 -8.14 30.27 -6.90
N MET B 141 -8.09 31.32 -7.74
CA MET B 141 -8.35 32.68 -7.29
C MET B 141 -9.12 33.43 -8.38
N MET B 142 -10.08 34.24 -7.95
CA MET B 142 -10.72 35.24 -8.79
C MET B 142 -10.57 36.63 -8.16
N VAL B 143 -10.11 37.58 -8.96
CA VAL B 143 -9.92 38.95 -8.52
C VAL B 143 -10.99 39.82 -9.18
N VAL B 144 -11.71 40.62 -8.41
CA VAL B 144 -12.78 41.45 -8.94
C VAL B 144 -12.44 42.92 -8.66
N ASN B 145 -12.55 43.77 -9.69
CA ASN B 145 -12.31 45.20 -9.60
C ASN B 145 -13.58 45.93 -10.01
N ILE B 146 -13.98 46.90 -9.19
CA ILE B 146 -15.17 47.71 -9.44
C ILE B 146 -14.73 49.15 -9.52
N ASN B 147 -14.96 49.80 -10.68
CA ASN B 147 -14.58 51.18 -10.90
C ASN B 147 -15.85 52.01 -11.06
N THR B 148 -16.14 52.90 -10.09
CA THR B 148 -17.45 53.56 -10.05
C THR B 148 -17.47 54.88 -10.82
N GLN B 149 -18.62 55.13 -11.46
CA GLN B 149 -18.96 56.40 -12.05
C GLN B 149 -19.94 57.17 -11.15
N LYS B 150 -20.57 56.48 -10.20
CA LYS B 150 -21.43 57.13 -9.22
C LYS B 150 -21.28 56.43 -7.88
N ASP B 151 -21.68 57.12 -6.80
CA ASP B 151 -21.75 56.48 -5.51
C ASP B 151 -22.66 55.25 -5.62
N THR B 152 -22.22 54.12 -5.08
CA THR B 152 -23.05 52.94 -5.10
C THR B 152 -22.69 52.05 -3.93
N GLU B 153 -23.47 50.99 -3.75
CA GLU B 153 -23.23 49.99 -2.74
C GLU B 153 -23.31 48.63 -3.43
N ILE B 154 -22.29 47.78 -3.22
CA ILE B 154 -22.33 46.45 -3.76
C ILE B 154 -22.72 45.47 -2.66
N ASN B 155 -23.43 44.41 -3.06
CA ASN B 155 -23.62 43.22 -2.26
C ASN B 155 -22.97 42.10 -3.05
N VAL B 156 -22.12 41.33 -2.36
CA VAL B 156 -21.35 40.27 -2.97
C VAL B 156 -21.67 38.99 -2.20
N GLU B 157 -21.91 37.90 -2.95
CA GLU B 157 -22.18 36.62 -2.32
C GLU B 157 -21.36 35.57 -3.04
N ASN B 158 -20.72 34.71 -2.26
CA ASN B 158 -20.04 33.54 -2.78
C ASN B 158 -20.86 32.34 -2.28
N LEU B 159 -21.25 31.49 -3.22
CA LEU B 159 -22.12 30.35 -2.99
C LEU B 159 -21.34 29.05 -3.12
N LEU B 160 -21.56 28.12 -2.18
CA LEU B 160 -21.03 26.77 -2.32
C LEU B 160 -22.24 25.83 -2.40
N GLU B 161 -22.61 25.55 -3.65
CA GLU B 161 -23.67 24.62 -3.95
C GLU B 161 -23.09 23.21 -4.12
N THR B 162 -23.55 22.25 -3.34
CA THR B 162 -23.12 20.88 -3.51
C THR B 162 -23.77 20.32 -4.78
N PRO B 163 -22.98 19.89 -5.79
CA PRO B 163 -23.59 19.31 -6.98
C PRO B 163 -24.32 18.01 -6.64
N SER B 164 -25.31 17.65 -7.44
CA SER B 164 -26.12 16.45 -7.27
C SER B 164 -25.28 15.18 -7.49
N SER B 165 -24.07 15.31 -8.02
CA SER B 165 -23.15 14.19 -8.12
C SER B 165 -22.60 13.78 -6.76
N LEU B 166 -22.75 14.66 -5.76
CA LEU B 166 -22.17 14.41 -4.45
C LEU B 166 -23.26 14.19 -3.44
N ASN B 167 -22.87 13.61 -2.30
CA ASN B 167 -23.82 13.27 -1.27
C ASN B 167 -23.22 13.48 0.12
N ASN B 168 -24.11 13.47 1.10
CA ASN B 168 -23.70 13.50 2.51
C ASN B 168 -22.97 14.78 2.87
N GLN B 169 -23.34 15.90 2.22
CA GLN B 169 -22.59 17.15 2.37
C GLN B 169 -22.78 17.73 3.76
N GLN B 170 -21.79 18.52 4.14
CA GLN B 170 -21.76 19.34 5.32
C GLN B 170 -21.27 20.73 4.93
N ASN B 171 -21.95 21.74 5.52
CA ASN B 171 -21.70 23.16 5.21
C ASN B 171 -21.25 23.92 6.47
N TYR B 172 -20.01 24.35 6.48
CA TYR B 172 -19.35 24.99 7.62
C TYR B 172 -18.88 26.43 7.30
N PHE B 173 -18.73 27.24 8.36
CA PHE B 173 -18.24 28.60 8.26
C PHE B 173 -17.52 28.93 9.54
N GLN B 174 -16.33 29.53 9.43
CA GLN B 174 -15.66 30.00 10.63
C GLN B 174 -14.73 31.15 10.34
N ASN B 175 -14.33 31.82 11.43
CA ASN B 175 -13.35 32.89 11.37
C ASN B 175 -12.01 32.39 11.93
N ILE B 176 -10.95 32.54 11.11
CA ILE B 176 -9.57 32.33 11.54
C ILE B 176 -9.00 33.71 11.83
N THR B 177 -8.60 33.96 13.08
CA THR B 177 -8.20 35.30 13.49
C THR B 177 -6.85 35.28 14.19
N ASN B 178 -6.22 36.46 14.13
CA ASN B 178 -5.18 36.85 15.08
C ASN B 178 -5.24 38.38 15.13
N THR B 179 -4.21 39.02 15.70
CA THR B 179 -4.25 40.46 15.91
C THR B 179 -4.26 41.18 14.56
N HIS B 180 -3.81 40.51 13.49
CA HIS B 180 -3.66 41.17 12.20
C HIS B 180 -4.76 40.80 11.21
N VAL B 181 -5.39 39.61 11.31
CA VAL B 181 -6.31 39.17 10.27
C VAL B 181 -7.61 38.59 10.82
N ASN B 182 -8.62 38.62 9.95
CA ASN B 182 -9.85 37.85 10.08
C ASN B 182 -10.10 37.23 8.72
N ILE B 183 -9.80 35.92 8.64
CA ILE B 183 -9.95 35.11 7.43
C ILE B 183 -11.24 34.29 7.57
N PRO B 184 -12.32 34.69 6.90
CA PRO B 184 -13.57 33.92 6.99
C PRO B 184 -13.54 32.77 6.00
N LEU B 185 -13.74 31.55 6.50
CA LEU B 185 -13.70 30.34 5.69
C LEU B 185 -15.08 29.79 5.46
N LEU B 186 -15.43 29.65 4.19
CA LEU B 186 -16.63 29.00 3.74
C LEU B 186 -16.23 27.61 3.25
N THR B 187 -16.66 26.55 3.96
CA THR B 187 -16.17 25.21 3.66
C THR B 187 -17.35 24.27 3.47
N SER B 188 -17.20 23.35 2.54
CA SER B 188 -18.08 22.21 2.38
C SER B 188 -17.27 20.92 2.27
N VAL B 189 -17.82 19.82 2.77
CA VAL B 189 -17.25 18.50 2.62
C VAL B 189 -18.35 17.57 2.14
N ALA B 190 -18.05 16.74 1.15
CA ALA B 190 -19.08 15.84 0.64
C ALA B 190 -18.40 14.60 0.06
N PHE B 191 -19.20 13.67 -0.47
CA PHE B 191 -18.75 12.37 -0.91
C PHE B 191 -19.18 12.11 -2.36
N THR B 192 -18.34 11.41 -3.11
CA THR B 192 -18.70 10.91 -4.41
C THR B 192 -19.74 9.80 -4.29
N PRO B 193 -20.41 9.41 -5.40
CA PRO B 193 -21.62 8.56 -5.30
C PRO B 193 -21.53 7.29 -4.45
N THR B 194 -20.43 6.54 -4.54
CA THR B 194 -20.33 5.29 -3.80
C THR B 194 -19.59 5.49 -2.47
N GLY B 195 -19.29 6.74 -2.12
CA GLY B 195 -18.50 7.01 -0.92
C GLY B 195 -16.99 6.80 -1.12
N ARG B 196 -16.52 6.58 -2.36
CA ARG B 196 -15.13 6.23 -2.59
C ARG B 196 -14.18 7.38 -2.26
N SER B 197 -14.63 8.63 -2.43
CA SER B 197 -13.80 9.79 -2.26
C SER B 197 -14.54 10.87 -1.51
N LYS B 198 -13.80 11.47 -0.59
CA LYS B 198 -14.30 12.57 0.22
C LYS B 198 -13.68 13.84 -0.37
N ILE B 199 -14.52 14.83 -0.67
CA ILE B 199 -14.13 16.09 -1.24
C ILE B 199 -14.28 17.19 -0.21
N ALA B 200 -13.30 18.09 -0.17
CA ALA B 200 -13.35 19.29 0.64
C ALA B 200 -13.06 20.52 -0.19
N VAL B 201 -13.83 21.60 0.07
CA VAL B 201 -13.65 22.87 -0.62
C VAL B 201 -13.71 23.96 0.45
N SER B 202 -12.78 24.92 0.38
CA SER B 202 -12.71 25.99 1.36
C SER B 202 -12.34 27.31 0.70
N ASN B 203 -13.20 28.34 0.86
CA ASN B 203 -13.09 29.62 0.19
C ASN B 203 -12.93 30.74 1.20
N THR B 204 -12.25 31.82 0.79
CA THR B 204 -12.17 33.04 1.60
C THR B 204 -12.16 34.25 0.70
N PHE B 205 -12.53 35.39 1.26
CA PHE B 205 -12.38 36.69 0.61
C PHE B 205 -11.13 37.38 1.14
N LEU B 206 -10.38 37.98 0.19
CA LEU B 206 -9.26 38.84 0.50
C LEU B 206 -9.57 40.29 0.19
N PHE B 207 -9.26 41.18 1.15
CA PHE B 207 -9.46 42.61 1.06
C PHE B 207 -8.13 43.33 1.22
N ASP B 208 -8.07 44.57 0.69
CA ASP B 208 -6.86 45.36 0.78
C ASP B 208 -6.87 46.20 2.05
N GLU B 209 -8.05 46.54 2.56
CA GLU B 209 -8.16 47.58 3.57
C GLU B 209 -7.79 47.14 4.99
N GLY B 210 -7.64 45.85 5.26
CA GLY B 210 -7.13 45.45 6.57
C GLY B 210 -8.28 45.11 7.52
N LYS B 211 -7.94 44.39 8.60
CA LYS B 211 -8.89 43.70 9.46
C LYS B 211 -9.98 44.65 9.99
N LYS B 212 -9.60 45.84 10.44
CA LYS B 212 -10.53 46.76 11.09
C LYS B 212 -11.55 47.30 10.09
N LEU B 213 -11.12 47.57 8.85
CA LEU B 213 -11.96 48.27 7.90
C LEU B 213 -12.68 47.30 6.95
N GLN B 214 -12.26 46.03 6.88
CA GLN B 214 -12.84 45.10 5.93
C GLN B 214 -14.32 44.88 6.22
N PRO B 215 -15.13 44.50 5.21
CA PRO B 215 -16.54 44.24 5.40
C PRO B 215 -16.76 43.07 6.35
N GLU B 216 -17.80 43.16 7.18
CA GLU B 216 -18.25 42.02 7.95
C GLU B 216 -18.79 40.94 6.99
N ILE B 217 -18.44 39.68 7.25
CA ILE B 217 -18.86 38.58 6.40
C ILE B 217 -19.97 37.82 7.10
N LEU B 218 -21.11 37.74 6.44
CA LEU B 218 -22.26 37.00 6.93
C LEU B 218 -22.31 35.61 6.31
N HIS B 219 -22.92 34.66 7.06
CA HIS B 219 -23.06 33.32 6.54
C HIS B 219 -24.51 32.89 6.55
N ARG B 220 -24.97 32.34 5.43
CA ARG B 220 -26.34 31.80 5.36
C ARG B 220 -26.31 30.36 4.91
N MET B 221 -27.16 29.54 5.52
CA MET B 221 -27.27 28.13 5.24
C MET B 221 -28.74 27.79 5.00
N ASN B 222 -29.31 28.31 3.91
CA ASN B 222 -30.78 28.27 3.81
C ASN B 222 -31.30 27.02 3.09
N ASP B 223 -30.44 26.35 2.35
CA ASP B 223 -30.81 25.16 1.58
C ASP B 223 -30.00 23.94 2.05
N ALA B 224 -30.46 22.75 1.67
CA ALA B 224 -29.81 21.51 2.00
C ALA B 224 -28.49 21.41 1.24
N ASP B 225 -28.46 21.99 0.04
CA ASP B 225 -27.37 21.79 -0.88
C ASP B 225 -26.64 23.10 -1.21
N MET B 226 -26.85 24.13 -0.42
CA MET B 226 -26.15 25.39 -0.66
C MET B 226 -26.05 26.24 0.61
N HIS B 227 -24.85 26.83 0.78
CA HIS B 227 -24.64 27.89 1.73
C HIS B 227 -23.79 28.95 1.06
N ALA B 228 -23.73 30.11 1.72
CA ALA B 228 -23.09 31.26 1.09
C ALA B 228 -22.52 32.19 2.12
N MET B 229 -21.45 32.90 1.72
CA MET B 229 -20.95 33.99 2.56
C MET B 229 -21.11 35.29 1.76
N SER B 230 -21.27 36.41 2.45
CA SER B 230 -21.66 37.63 1.73
C SER B 230 -21.22 38.84 2.51
N PHE B 231 -21.19 39.98 1.78
CA PHE B 231 -20.90 41.24 2.42
C PHE B 231 -21.49 42.37 1.58
N ASP B 232 -21.55 43.54 2.22
CA ASP B 232 -21.82 44.79 1.51
C ASP B 232 -20.64 45.75 1.59
N LYS B 233 -20.50 46.62 0.58
CA LYS B 233 -19.48 47.67 0.59
C LYS B 233 -20.03 48.89 -0.15
N LYS B 234 -20.04 50.03 0.56
CA LYS B 234 -20.30 51.31 -0.09
C LYS B 234 -19.03 51.79 -0.79
N ILE B 235 -19.17 52.26 -2.04
CA ILE B 235 -18.06 52.76 -2.84
C ILE B 235 -18.46 54.13 -3.38
N LYS B 236 -17.63 55.16 -3.13
CA LYS B 236 -17.87 56.50 -3.64
C LYS B 236 -17.57 56.57 -5.14
N ALA B 237 -18.20 57.51 -5.83
CA ALA B 237 -17.93 57.78 -7.25
C ALA B 237 -16.43 57.98 -7.46
N GLY B 238 -15.89 57.49 -8.59
CA GLY B 238 -14.52 57.76 -8.97
C GLY B 238 -13.50 56.82 -8.31
N LYS B 239 -13.95 55.78 -7.61
CA LYS B 239 -13.03 54.92 -6.86
C LYS B 239 -12.93 53.56 -7.54
N THR B 240 -11.83 52.85 -7.27
CA THR B 240 -11.70 51.44 -7.60
C THR B 240 -11.74 50.68 -6.28
N TYR B 241 -12.59 49.67 -6.21
CA TYR B 241 -12.64 48.78 -5.07
C TYR B 241 -12.37 47.39 -5.60
N SER B 242 -11.48 46.67 -4.91
CA SER B 242 -11.00 45.38 -5.35
CA SER B 242 -11.07 45.36 -5.38
C SER B 242 -11.19 44.36 -4.24
N PHE B 243 -11.53 43.12 -4.60
CA PHE B 243 -11.53 42.04 -3.63
C PHE B 243 -11.23 40.77 -4.40
N ALA B 244 -10.80 39.75 -3.66
CA ALA B 244 -10.47 38.51 -4.31
C ALA B 244 -11.13 37.38 -3.56
N LEU B 245 -11.45 36.34 -4.33
CA LEU B 245 -11.95 35.09 -3.78
C LEU B 245 -10.85 34.06 -4.02
N ILE B 246 -10.43 33.41 -2.95
CA ILE B 246 -9.49 32.30 -2.98
C ILE B 246 -10.20 31.04 -2.56
N GLY B 247 -9.94 29.94 -3.26
CA GLY B 247 -10.53 28.66 -2.92
C GLY B 247 -9.59 27.49 -3.13
N SER B 248 -9.75 26.48 -2.31
CA SER B 248 -8.98 25.23 -2.38
C SER B 248 -9.96 24.10 -2.55
N LEU B 249 -9.63 23.14 -3.41
CA LEU B 249 -10.50 22.02 -3.73
C LEU B 249 -9.63 20.77 -3.78
N ILE B 250 -9.88 19.83 -2.88
CA ILE B 250 -9.00 18.67 -2.72
C ILE B 250 -9.82 17.48 -2.27
N SER B 251 -9.26 16.27 -2.44
CA SER B 251 -10.00 15.05 -2.11
C SER B 251 -9.15 14.04 -1.38
N SER B 252 -9.77 12.96 -0.95
CA SER B 252 -9.09 11.86 -0.28
C SER B 252 -8.24 11.07 -1.29
N ASP B 253 -8.46 11.31 -2.59
CA ASP B 253 -7.55 10.77 -3.60
C ASP B 253 -6.19 11.48 -3.60
N HIS B 254 -6.15 12.68 -3.02
CA HIS B 254 -4.97 13.56 -3.04
C HIS B 254 -4.30 13.66 -1.68
N ILE B 255 -5.06 13.51 -0.60
CA ILE B 255 -4.58 13.73 0.74
C ILE B 255 -5.48 12.94 1.69
N ASN B 256 -4.94 12.53 2.83
CA ASN B 256 -5.65 11.70 3.78
C ASN B 256 -6.81 12.47 4.44
N ASP B 257 -6.56 13.76 4.74
CA ASP B 257 -7.45 14.61 5.51
C ASP B 257 -7.83 15.81 4.66
N PRO B 258 -8.71 15.64 3.65
CA PRO B 258 -9.05 16.78 2.76
C PRO B 258 -9.75 17.94 3.47
N TYR B 259 -10.52 17.69 4.52
CA TYR B 259 -11.24 18.76 5.22
C TYR B 259 -10.26 19.78 5.84
N ASN B 260 -9.31 19.32 6.66
CA ASN B 260 -8.34 20.19 7.29
C ASN B 260 -7.33 20.68 6.24
N GLU B 261 -7.03 19.87 5.26
CA GLU B 261 -6.06 20.33 4.25
C GLU B 261 -6.60 21.47 3.39
N ALA B 262 -7.93 21.45 3.11
CA ALA B 262 -8.52 22.51 2.30
C ALA B 262 -8.43 23.83 3.08
N GLU B 263 -8.80 23.77 4.35
CA GLU B 263 -8.81 24.98 5.17
C GLU B 263 -7.41 25.50 5.36
N ARG B 264 -6.48 24.60 5.61
CA ARG B 264 -5.09 24.94 5.77
C ARG B 264 -4.59 25.68 4.53
N LEU B 265 -4.90 25.12 3.34
CA LEU B 265 -4.44 25.68 2.09
C LEU B 265 -5.00 27.08 1.84
N THR B 266 -6.29 27.26 2.18
CA THR B 266 -6.92 28.54 1.92
C THR B 266 -6.39 29.61 2.89
N ILE B 267 -6.10 29.24 4.12
CA ILE B 267 -5.48 30.13 5.09
C ILE B 267 -4.09 30.53 4.60
N TYR B 268 -3.31 29.53 4.19
CA TYR B 268 -2.01 29.75 3.63
C TYR B 268 -2.06 30.74 2.46
N ALA B 269 -2.92 30.47 1.49
CA ALA B 269 -3.00 31.29 0.32
C ALA B 269 -3.39 32.72 0.70
N ALA B 270 -4.36 32.87 1.62
CA ALA B 270 -4.76 34.18 2.09
C ALA B 270 -3.60 34.96 2.69
N LEU B 271 -2.71 34.27 3.41
CA LEU B 271 -1.63 34.95 4.07
C LEU B 271 -0.45 35.14 3.12
N GLU B 272 -0.37 34.38 2.03
CA GLU B 272 0.55 34.74 0.94
C GLU B 272 0.08 36.08 0.33
N GLY B 273 -1.21 36.17 0.09
CA GLY B 273 -1.86 37.34 -0.51
C GLY B 273 -1.85 37.30 -2.04
N LYS B 274 -2.71 38.14 -2.64
CA LYS B 274 -2.95 38.19 -4.07
C LYS B 274 -1.66 38.37 -4.86
N SER B 275 -0.85 39.36 -4.46
CA SER B 275 0.30 39.75 -5.25
C SER B 275 1.35 38.64 -5.30
N ARG B 276 1.63 38.01 -4.16
CA ARG B 276 2.56 36.90 -4.08
C ARG B 276 2.02 35.70 -4.88
N LEU B 277 0.73 35.39 -4.76
CA LEU B 277 0.14 34.27 -5.48
C LEU B 277 0.27 34.47 -6.98
N LEU B 278 -0.03 35.68 -7.48
CA LEU B 278 0.01 35.92 -8.91
C LEU B 278 1.43 35.92 -9.43
N ASN B 279 2.37 36.38 -8.61
CA ASN B 279 3.76 36.43 -9.01
C ASN B 279 4.27 34.99 -9.20
N ARG B 280 4.00 34.10 -8.25
CA ARG B 280 4.42 32.70 -8.36
C ARG B 280 3.75 32.05 -9.56
N HIS B 281 2.43 32.27 -9.72
CA HIS B 281 1.67 31.78 -10.85
C HIS B 281 2.35 32.19 -12.16
N MET B 282 2.70 33.48 -12.26
CA MET B 282 3.30 34.07 -13.45
C MET B 282 4.66 33.44 -13.73
N GLN B 283 5.46 33.20 -12.68
CA GLN B 283 6.79 32.64 -12.84
C GLN B 283 6.69 31.23 -13.44
N GLU B 284 5.70 30.44 -13.01
CA GLU B 284 5.52 29.08 -13.51
C GLU B 284 5.06 29.12 -14.97
N TRP B 285 4.20 30.07 -15.33
CA TRP B 285 3.71 30.21 -16.69
C TRP B 285 4.84 30.71 -17.59
N ASN B 286 5.67 31.63 -17.08
CA ASN B 286 6.84 32.10 -17.83
C ASN B 286 7.73 30.93 -18.22
N SER B 287 7.93 29.97 -17.29
CA SER B 287 8.76 28.80 -17.56
C SER B 287 8.14 27.93 -18.65
N LEU B 288 6.83 27.72 -18.54
CA LEU B 288 6.14 26.92 -19.55
C LEU B 288 6.38 27.50 -20.95
N TRP B 289 6.34 28.84 -21.08
CA TRP B 289 6.38 29.46 -22.40
C TRP B 289 7.80 29.67 -22.90
N GLN B 290 8.80 29.24 -22.12
CA GLN B 290 10.16 29.19 -22.65
C GLN B 290 10.26 28.16 -23.75
N SER B 291 9.31 27.20 -23.82
CA SER B 291 9.11 26.35 -24.98
C SER B 291 7.89 26.81 -25.76
N ASP B 292 8.12 27.26 -27.02
CA ASP B 292 7.11 28.03 -27.74
C ASP B 292 7.28 27.79 -29.23
N ILE B 293 6.23 28.12 -29.98
CA ILE B 293 6.23 28.03 -31.42
C ILE B 293 5.75 29.38 -31.96
N GLN B 294 6.58 30.00 -32.83
CA GLN B 294 6.26 31.31 -33.39
C GLN B 294 6.16 31.17 -34.92
N VAL B 295 5.06 31.69 -35.49
CA VAL B 295 4.80 31.64 -36.93
C VAL B 295 4.64 33.07 -37.43
N GLU B 296 5.42 33.44 -38.45
CA GLU B 296 5.27 34.71 -39.15
C GLU B 296 4.49 34.52 -40.44
N GLY B 297 3.47 35.37 -40.65
CA GLY B 297 2.79 35.46 -41.94
C GLY B 297 1.40 34.86 -41.92
N ASP B 298 0.98 34.38 -40.74
CA ASP B 298 -0.32 33.74 -40.57
C ASP B 298 -0.76 33.94 -39.13
N PRO B 299 -1.33 35.12 -38.81
CA PRO B 299 -1.82 35.40 -37.45
C PRO B 299 -2.79 34.34 -36.93
N GLN B 300 -3.61 33.77 -37.83
CA GLN B 300 -4.60 32.80 -37.40
C GLN B 300 -3.91 31.52 -36.95
N ALA B 301 -2.96 31.02 -37.74
CA ALA B 301 -2.19 29.84 -37.35
C ALA B 301 -1.43 30.12 -36.05
N GLN B 302 -0.82 31.31 -35.94
CA GLN B 302 -0.05 31.66 -34.76
C GLN B 302 -0.90 31.52 -33.51
N GLN B 303 -2.11 32.10 -33.55
CA GLN B 303 -3.06 32.05 -32.44
C GLN B 303 -3.53 30.61 -32.19
N ASP B 304 -3.86 29.86 -33.25
CA ASP B 304 -4.38 28.50 -33.12
C ASP B 304 -3.34 27.61 -32.45
N ILE B 305 -2.09 27.74 -32.86
CA ILE B 305 -1.02 26.88 -32.37
C ILE B 305 -0.71 27.23 -30.90
N ARG B 306 -0.70 28.53 -30.58
CA ARG B 306 -0.56 28.97 -29.20
C ARG B 306 -1.67 28.36 -28.36
N SER B 307 -2.91 28.35 -28.85
CA SER B 307 -4.01 27.72 -28.14
C SER B 307 -3.73 26.24 -27.88
N MET B 308 -3.20 25.53 -28.88
CA MET B 308 -2.95 24.10 -28.70
C MET B 308 -1.89 23.88 -27.63
N LEU B 309 -0.80 24.65 -27.67
CA LEU B 309 0.24 24.56 -26.66
C LEU B 309 -0.37 24.89 -25.28
N TYR B 310 -1.14 25.98 -25.24
CA TYR B 310 -1.77 26.42 -23.99
C TYR B 310 -2.61 25.33 -23.38
N HIS B 311 -3.43 24.64 -24.18
CA HIS B 311 -4.28 23.59 -23.65
C HIS B 311 -3.45 22.40 -23.17
N LEU B 312 -2.40 22.01 -23.91
CA LEU B 312 -1.60 20.89 -23.45
C LEU B 312 -0.88 21.24 -22.16
N TYR B 313 -0.38 22.46 -22.06
CA TYR B 313 0.32 22.92 -20.88
C TYR B 313 -0.63 23.00 -19.70
N SER B 314 -1.86 23.44 -19.96
CA SER B 314 -2.87 23.57 -18.91
C SER B 314 -3.39 22.22 -18.39
N PHE B 315 -3.34 21.17 -19.23
CA PHE B 315 -3.93 19.86 -18.95
C PHE B 315 -2.94 18.81 -18.48
N THR B 316 -1.71 19.23 -18.21
CA THR B 316 -0.67 18.34 -17.73
C THR B 316 0.06 19.06 -16.61
N ARG B 317 0.86 18.34 -15.84
CA ARG B 317 1.61 18.97 -14.77
C ARG B 317 2.87 18.14 -14.50
N LYS B 318 4.02 18.83 -14.54
CA LYS B 318 5.27 18.21 -14.19
C LYS B 318 5.25 17.71 -12.75
N SER B 319 6.14 16.75 -12.48
CA SER B 319 6.39 16.28 -11.13
C SER B 319 5.16 15.62 -10.52
N THR B 320 4.37 14.91 -11.35
CA THR B 320 3.23 14.16 -10.88
C THR B 320 3.23 12.77 -11.55
N SER B 321 2.15 12.02 -11.30
CA SER B 321 1.82 10.78 -11.97
C SER B 321 0.45 10.92 -12.67
N LEU B 322 0.11 12.15 -13.10
CA LEU B 322 -1.15 12.43 -13.75
C LEU B 322 -0.95 12.26 -15.26
N SER B 323 -2.00 11.75 -15.92
CA SER B 323 -2.06 11.68 -17.37
C SER B 323 -3.39 12.26 -17.85
N PRO B 324 -3.39 12.98 -18.97
CA PRO B 324 -4.62 13.62 -19.45
C PRO B 324 -5.57 12.61 -20.09
N SER B 325 -6.87 12.85 -19.90
CA SER B 325 -7.90 12.20 -20.67
C SER B 325 -7.93 12.85 -22.06
N PRO B 326 -8.71 12.32 -23.04
CA PRO B 326 -8.81 12.97 -24.35
C PRO B 326 -9.27 14.43 -24.35
N MET B 327 -9.99 14.81 -23.28
CA MET B 327 -10.53 16.14 -23.12
C MET B 327 -9.80 16.92 -22.00
N GLY B 328 -8.63 16.42 -21.53
CA GLY B 328 -7.86 17.06 -20.48
C GLY B 328 -8.80 17.43 -19.30
N LEU B 329 -8.77 18.71 -18.87
CA LEU B 329 -9.62 19.14 -17.77
C LEU B 329 -10.70 20.10 -18.24
N SER B 330 -11.12 19.93 -19.51
CA SER B 330 -12.11 20.78 -20.14
C SER B 330 -13.53 20.30 -19.83
N GLY B 331 -13.67 19.18 -19.12
CA GLY B 331 -14.96 18.56 -18.84
C GLY B 331 -14.81 17.08 -18.50
N LEU B 332 -15.95 16.38 -18.43
CA LEU B 332 -16.05 14.97 -18.10
C LEU B 332 -15.96 14.03 -19.30
N GLY B 333 -15.60 14.52 -20.48
CA GLY B 333 -15.61 13.69 -21.67
C GLY B 333 -14.85 12.37 -21.50
N TYR B 334 -15.41 11.28 -22.01
CA TYR B 334 -14.81 9.95 -21.92
C TYR B 334 -14.46 9.58 -20.49
N ASN B 335 -15.29 10.05 -19.53
CA ASN B 335 -15.21 9.66 -18.14
C ASN B 335 -13.88 10.06 -17.48
N GLY B 336 -13.09 10.95 -18.10
CA GLY B 336 -11.79 11.30 -17.55
C GLY B 336 -10.76 10.18 -17.76
N HIS B 337 -11.08 9.16 -18.57
CA HIS B 337 -10.21 8.00 -18.63
C HIS B 337 -8.99 8.35 -19.51
N VAL B 338 -7.94 7.60 -19.26
CA VAL B 338 -6.66 7.70 -19.96
C VAL B 338 -6.60 6.61 -21.03
N PHE B 339 -6.21 7.02 -22.24
CA PHE B 339 -6.15 6.19 -23.45
C PHE B 339 -4.76 6.37 -24.05
N TRP B 340 -4.52 5.62 -25.14
CA TRP B 340 -3.29 5.76 -25.89
C TRP B 340 -3.19 7.18 -26.49
N ASP B 341 -4.27 7.95 -26.51
CA ASP B 341 -4.23 9.38 -26.78
C ASP B 341 -3.07 10.06 -26.05
N THR B 342 -2.75 9.64 -24.82
CA THR B 342 -1.60 10.23 -24.15
C THR B 342 -0.33 9.79 -24.85
N GLU B 343 -0.05 8.49 -24.83
CA GLU B 343 1.30 8.02 -25.27
C GLU B 343 1.61 8.48 -26.68
N ILE B 344 0.62 8.38 -27.59
CA ILE B 344 0.94 8.57 -29.02
C ILE B 344 0.62 9.98 -29.52
N TRP B 345 -0.34 10.67 -28.88
CA TRP B 345 -0.86 11.93 -29.38
C TRP B 345 -0.42 13.15 -28.56
N MET B 346 -0.55 13.12 -27.23
CA MET B 346 -0.22 14.29 -26.41
C MET B 346 1.21 14.25 -25.89
N PHE B 347 1.75 13.04 -25.68
CA PHE B 347 3.03 12.84 -25.03
C PHE B 347 4.14 13.33 -25.97
N PRO B 348 4.18 12.96 -27.27
CA PRO B 348 5.37 13.32 -28.07
C PRO B 348 5.70 14.81 -28.14
N PRO B 349 4.73 15.73 -28.36
CA PRO B 349 5.07 17.15 -28.42
C PRO B 349 5.55 17.66 -27.06
N MET B 350 5.00 17.13 -25.98
CA MET B 350 5.41 17.53 -24.65
C MET B 350 6.79 16.97 -24.32
N LEU B 351 7.12 15.76 -24.79
CA LEU B 351 8.45 15.21 -24.56
C LEU B 351 9.52 16.14 -25.18
N LEU B 352 9.26 16.70 -26.37
CA LEU B 352 10.23 17.58 -27.02
C LEU B 352 10.34 18.95 -26.34
N LEU B 353 9.20 19.50 -25.84
CA LEU B 353 9.13 20.86 -25.33
C LEU B 353 9.44 20.93 -23.84
N HIS B 354 8.94 19.96 -23.07
CA HIS B 354 9.02 19.99 -21.61
C HIS B 354 9.11 18.54 -21.13
N PRO B 355 10.28 17.89 -21.18
CA PRO B 355 10.36 16.47 -20.87
C PRO B 355 9.80 16.07 -19.51
N GLU B 356 9.78 17.01 -18.58
CA GLU B 356 9.29 16.76 -17.24
C GLU B 356 7.79 16.52 -17.31
N ILE B 357 7.14 17.05 -18.35
CA ILE B 357 5.69 16.82 -18.47
C ILE B 357 5.45 15.41 -18.99
N ALA B 358 6.21 15.02 -19.99
CA ALA B 358 6.20 13.67 -20.52
C ALA B 358 6.50 12.67 -19.41
N LYS B 359 7.43 13.02 -18.51
CA LYS B 359 7.81 12.12 -17.43
C LYS B 359 6.59 11.80 -16.55
N SER B 360 5.77 12.81 -16.26
CA SER B 360 4.53 12.60 -15.51
C SER B 360 3.59 11.62 -16.22
N MET B 361 3.41 11.83 -17.52
CA MET B 361 2.54 10.97 -18.31
C MET B 361 2.98 9.51 -18.21
N ILE B 362 4.29 9.24 -18.39
CA ILE B 362 4.73 7.85 -18.34
C ILE B 362 4.69 7.34 -16.89
N GLU B 363 4.87 8.22 -15.90
CA GLU B 363 4.85 7.86 -14.50
C GLU B 363 3.49 7.26 -14.16
N TYR B 364 2.43 7.83 -14.75
CA TYR B 364 1.07 7.34 -14.61
C TYR B 364 1.00 5.84 -14.91
N ARG B 365 1.64 5.44 -16.01
CA ARG B 365 1.62 4.06 -16.44
C ARG B 365 2.51 3.21 -15.54
N TYR B 366 3.71 3.72 -15.22
CA TYR B 366 4.64 2.95 -14.38
C TYR B 366 3.96 2.56 -13.07
N GLN B 367 3.24 3.50 -12.46
CA GLN B 367 2.59 3.28 -11.18
C GLN B 367 1.44 2.30 -11.31
N ARG B 368 1.00 2.04 -12.56
CA ARG B 368 -0.11 1.14 -12.84
C ARG B 368 0.37 -0.14 -13.53
N LEU B 369 1.64 -0.48 -13.37
CA LEU B 369 2.18 -1.69 -13.94
C LEU B 369 1.58 -2.94 -13.29
N ASP B 370 1.38 -2.90 -11.97
CA ASP B 370 0.78 -4.02 -11.25
C ASP B 370 -0.60 -4.35 -11.82
N ALA B 371 -1.42 -3.33 -12.05
CA ALA B 371 -2.76 -3.52 -12.58
C ALA B 371 -2.72 -4.13 -13.97
N ALA B 372 -1.70 -3.74 -14.76
CA ALA B 372 -1.58 -4.27 -16.09
C ALA B 372 -1.15 -5.74 -16.01
N ARG B 373 -0.33 -6.08 -15.00
CA ARG B 373 0.09 -7.47 -14.84
C ARG B 373 -1.13 -8.31 -14.49
N LYS B 374 -2.03 -7.76 -13.65
CA LYS B 374 -3.24 -8.45 -13.29
C LYS B 374 -4.14 -8.67 -14.50
N LYS B 375 -4.31 -7.66 -15.37
CA LYS B 375 -5.15 -7.81 -16.55
C LYS B 375 -4.61 -8.91 -17.46
N ALA B 376 -3.29 -8.90 -17.70
CA ALA B 376 -2.72 -9.95 -18.53
C ALA B 376 -3.01 -11.34 -17.98
N ALA B 377 -2.93 -11.49 -16.66
CA ALA B 377 -3.12 -12.78 -16.00
C ALA B 377 -4.56 -13.24 -16.20
N ILE B 378 -5.49 -12.31 -16.05
CA ILE B 378 -6.90 -12.62 -16.13
C ILE B 378 -7.30 -13.08 -17.53
N TYR B 379 -6.60 -12.57 -18.58
CA TYR B 379 -6.88 -12.95 -19.95
C TYR B 379 -5.91 -14.00 -20.50
N GLY B 380 -5.07 -14.60 -19.65
CA GLY B 380 -4.31 -15.76 -20.02
C GLY B 380 -3.02 -15.38 -20.78
N TYR B 381 -2.48 -14.21 -20.44
CA TYR B 381 -1.21 -13.77 -21.02
C TYR B 381 -0.16 -13.57 -19.94
N ASP B 382 1.09 -13.38 -20.41
CA ASP B 382 2.20 -13.09 -19.54
C ASP B 382 2.39 -11.58 -19.47
N GLY B 383 3.26 -11.18 -18.54
CA GLY B 383 3.76 -9.80 -18.54
C GLY B 383 2.68 -8.79 -18.15
N ALA B 384 2.74 -7.61 -18.79
CA ALA B 384 1.82 -6.53 -18.49
C ALA B 384 1.00 -6.19 -19.72
N MET B 385 -0.31 -6.16 -19.53
CA MET B 385 -1.29 -5.83 -20.55
C MET B 385 -1.98 -4.56 -20.09
N PHE B 386 -1.57 -3.41 -20.65
CA PHE B 386 -2.23 -2.18 -20.23
C PHE B 386 -3.66 -2.16 -20.76
N PRO B 387 -4.57 -1.54 -19.98
CA PRO B 387 -5.98 -1.46 -20.35
C PRO B 387 -6.21 -0.47 -21.48
N TRP B 388 -7.28 -0.71 -22.22
CA TRP B 388 -7.70 0.24 -23.23
C TRP B 388 -8.06 1.59 -22.60
N GLU B 389 -8.83 1.59 -21.50
CA GLU B 389 -9.16 2.80 -20.77
C GLU B 389 -8.74 2.62 -19.31
N SER B 390 -8.09 3.65 -18.80
CA SER B 390 -7.48 3.61 -17.48
C SER B 390 -7.98 4.79 -16.65
N ALA B 391 -8.08 4.59 -15.32
CA ALA B 391 -8.45 5.63 -14.39
C ALA B 391 -7.59 5.54 -13.12
N ASP B 392 -8.19 5.36 -11.92
CA ASP B 392 -7.42 5.42 -10.70
C ASP B 392 -6.52 4.19 -10.49
N SER B 393 -7.07 2.98 -10.63
CA SER B 393 -6.33 1.78 -10.24
C SER B 393 -5.33 1.35 -11.32
N GLY B 394 -5.65 1.65 -12.59
CA GLY B 394 -4.89 1.09 -13.68
C GLY B 394 -5.48 -0.18 -14.27
N ALA B 395 -6.60 -0.64 -13.70
CA ALA B 395 -7.35 -1.76 -14.28
C ALA B 395 -8.14 -1.24 -15.49
N GLU B 396 -8.72 -2.17 -16.24
CA GLU B 396 -9.58 -1.85 -17.34
C GLU B 396 -10.85 -1.12 -16.86
N GLU B 397 -11.19 -0.03 -17.55
CA GLU B 397 -12.36 0.79 -17.23
C GLU B 397 -13.23 1.03 -18.45
N THR B 398 -12.94 0.42 -19.60
CA THR B 398 -13.80 0.53 -20.77
C THR B 398 -15.18 -0.02 -20.40
N PRO B 399 -16.27 0.70 -20.75
CA PRO B 399 -17.61 0.18 -20.53
C PRO B 399 -17.76 -1.22 -21.12
N VAL B 400 -18.48 -2.10 -20.43
CA VAL B 400 -18.49 -3.51 -20.83
C VAL B 400 -19.27 -3.71 -22.14
N ASN B 401 -20.13 -2.76 -22.52
CA ASN B 401 -20.86 -2.85 -23.77
C ASN B 401 -19.99 -2.47 -24.99
N ALA B 402 -18.74 -2.04 -24.80
CA ALA B 402 -17.84 -1.72 -25.91
C ALA B 402 -16.72 -2.75 -26.06
N LEU B 403 -16.40 -3.22 -27.27
CA LEU B 403 -15.45 -4.33 -27.47
C LEU B 403 -13.99 -3.91 -27.35
N THR B 404 -13.70 -2.59 -27.38
CA THR B 404 -12.31 -2.13 -27.35
C THR B 404 -11.58 -2.59 -26.08
N GLY B 405 -12.37 -2.68 -24.99
CA GLY B 405 -11.88 -2.98 -23.66
C GLY B 405 -11.16 -4.34 -23.63
N ALA B 406 -11.82 -5.34 -24.23
CA ALA B 406 -11.28 -6.69 -24.26
C ALA B 406 -10.30 -6.90 -25.42
N PHE B 407 -10.42 -6.12 -26.53
CA PHE B 407 -9.83 -6.53 -27.81
C PHE B 407 -8.90 -5.53 -28.51
N GLU B 408 -8.85 -4.25 -28.10
CA GLU B 408 -7.97 -3.30 -28.80
C GLU B 408 -6.63 -3.28 -28.06
N HIS B 409 -5.67 -4.08 -28.49
CA HIS B 409 -4.52 -4.44 -27.67
C HIS B 409 -3.28 -3.59 -27.91
N HIS B 410 -3.24 -2.77 -29.00
CA HIS B 410 -2.08 -1.97 -29.30
C HIS B 410 -1.69 -1.03 -28.17
N VAL B 411 -2.62 -0.66 -27.25
CA VAL B 411 -2.27 0.23 -26.16
C VAL B 411 -1.01 -0.24 -25.40
N THR B 412 -0.83 -1.55 -25.24
CA THR B 412 0.34 -2.09 -24.53
C THR B 412 1.61 -1.66 -25.24
N GLY B 413 1.61 -1.76 -26.56
CA GLY B 413 2.78 -1.36 -27.31
C GLY B 413 2.95 0.17 -27.28
N ASP B 414 1.85 0.90 -27.29
CA ASP B 414 1.89 2.36 -27.20
C ASP B 414 2.63 2.83 -25.95
N VAL B 415 2.34 2.21 -24.80
CA VAL B 415 2.99 2.55 -23.56
C VAL B 415 4.48 2.26 -23.61
N ALA B 416 4.83 1.11 -24.19
CA ALA B 416 6.23 0.70 -24.38
C ALA B 416 6.97 1.73 -25.23
N ILE B 417 6.36 2.15 -26.35
CA ILE B 417 6.99 3.09 -27.28
C ILE B 417 7.25 4.41 -26.55
N ALA B 418 6.24 4.92 -25.82
CA ALA B 418 6.49 6.15 -25.11
C ALA B 418 7.61 5.99 -24.09
N ALA B 419 7.68 4.84 -23.41
CA ALA B 419 8.67 4.66 -22.36
C ALA B 419 10.06 4.72 -23.00
N TRP B 420 10.20 4.08 -24.14
CA TRP B 420 11.52 4.06 -24.80
C TRP B 420 11.84 5.47 -25.32
N GLN B 421 10.86 6.17 -25.91
CA GLN B 421 11.07 7.54 -26.34
C GLN B 421 11.51 8.45 -25.20
N TYR B 422 10.93 8.29 -24.01
CA TYR B 422 11.33 9.10 -22.88
C TYR B 422 12.85 8.97 -22.69
N TYR B 423 13.35 7.73 -22.73
CA TYR B 423 14.79 7.50 -22.58
C TYR B 423 15.58 8.04 -23.77
N LEU B 424 15.10 7.85 -25.00
CA LEU B 424 15.80 8.40 -26.14
C LEU B 424 16.03 9.92 -26.00
N VAL B 425 15.01 10.66 -25.57
CA VAL B 425 15.09 12.11 -25.56
C VAL B 425 15.85 12.64 -24.34
N THR B 426 15.74 11.97 -23.18
CA THR B 426 16.40 12.46 -21.98
C THR B 426 17.79 11.85 -21.84
N GLY B 427 17.93 10.59 -22.28
CA GLY B 427 19.15 9.84 -22.04
C GLY B 427 19.32 9.46 -20.56
N ASP B 428 18.23 9.47 -19.79
CA ASP B 428 18.29 9.16 -18.36
C ASP B 428 18.31 7.65 -18.13
N LYS B 429 19.51 7.08 -17.94
CA LYS B 429 19.70 5.65 -17.76
C LYS B 429 19.26 5.18 -16.38
N GLU B 430 19.20 6.08 -15.40
CA GLU B 430 18.72 5.71 -14.07
C GLU B 430 17.22 5.47 -14.13
N TRP B 431 16.54 6.36 -14.84
CA TRP B 431 15.11 6.19 -15.08
C TRP B 431 14.86 4.93 -15.92
N LEU B 432 15.74 4.66 -16.89
CA LEU B 432 15.60 3.49 -17.74
C LEU B 432 15.64 2.23 -16.87
N LYS B 433 16.57 2.17 -15.92
CA LYS B 433 16.72 1.03 -15.03
C LYS B 433 15.51 0.91 -14.09
N GLU B 434 15.05 2.02 -13.52
CA GLU B 434 14.10 1.94 -12.43
C GLU B 434 12.66 1.79 -12.96
N LYS B 435 12.39 2.36 -14.13
CA LYS B 435 11.00 2.53 -14.59
C LYS B 435 10.79 2.04 -16.01
N GLY B 436 11.62 2.51 -16.95
CA GLY B 436 11.45 2.17 -18.35
C GLY B 436 11.58 0.66 -18.61
N TRP B 437 12.63 0.03 -18.05
CA TRP B 437 12.85 -1.40 -18.24
C TRP B 437 11.71 -2.23 -17.66
N PRO B 438 11.30 -2.04 -16.40
CA PRO B 438 10.12 -2.73 -15.88
C PRO B 438 8.92 -2.68 -16.85
N ILE B 439 8.67 -1.49 -17.44
CA ILE B 439 7.61 -1.37 -18.42
C ILE B 439 7.93 -2.19 -19.66
N LEU B 440 9.13 -1.97 -20.23
CA LEU B 440 9.45 -2.56 -21.50
C LEU B 440 9.52 -4.08 -21.36
N LYS B 441 10.13 -4.57 -20.27
CA LYS B 441 10.28 -6.01 -20.07
C LYS B 441 8.90 -6.67 -20.02
N ALA B 442 8.02 -6.15 -19.18
CA ALA B 442 6.71 -6.75 -18.96
C ALA B 442 5.83 -6.68 -20.21
N THR B 443 5.86 -5.53 -20.90
CA THR B 443 5.10 -5.38 -22.14
C THR B 443 5.66 -6.29 -23.22
N ALA B 444 6.99 -6.44 -23.35
CA ALA B 444 7.52 -7.43 -24.28
C ALA B 444 7.10 -8.87 -23.94
N GLU B 445 7.04 -9.19 -22.64
CA GLU B 445 6.59 -10.52 -22.21
C GLU B 445 5.15 -10.77 -22.65
N PHE B 446 4.33 -9.73 -22.59
CA PHE B 446 2.98 -9.77 -23.04
C PHE B 446 2.91 -10.13 -24.53
N TRP B 447 3.62 -9.35 -25.36
CA TRP B 447 3.59 -9.61 -26.80
C TRP B 447 4.15 -10.99 -27.14
N ALA B 448 5.22 -11.42 -26.47
CA ALA B 448 5.74 -12.77 -26.66
C ALA B 448 4.68 -13.86 -26.44
N SER B 449 3.73 -13.63 -25.52
CA SER B 449 2.67 -14.56 -25.16
C SER B 449 1.42 -14.35 -26.03
N ARG B 450 1.35 -13.20 -26.71
CA ARG B 450 0.18 -12.79 -27.49
C ARG B 450 0.27 -13.26 -28.94
N VAL B 451 1.48 -13.35 -29.48
CA VAL B 451 1.65 -13.78 -30.87
C VAL B 451 1.34 -15.27 -31.01
N GLU B 452 1.04 -15.70 -32.25
CA GLU B 452 0.99 -17.10 -32.63
C GLU B 452 1.88 -17.35 -33.84
N LYS B 453 2.74 -18.37 -33.74
CA LYS B 453 3.57 -18.76 -34.88
C LYS B 453 2.75 -19.61 -35.83
N ASN B 454 2.88 -19.35 -37.14
CA ASN B 454 2.13 -20.10 -38.14
C ASN B 454 3.05 -21.13 -38.79
N ASP B 455 2.53 -21.83 -39.81
CA ASP B 455 3.24 -22.91 -40.48
C ASP B 455 4.47 -22.43 -41.22
N LYS B 456 4.46 -21.15 -41.64
CA LYS B 456 5.53 -20.59 -42.43
C LYS B 456 6.60 -19.94 -41.54
N GLY B 457 6.42 -20.04 -40.22
CA GLY B 457 7.37 -19.46 -39.27
C GLY B 457 7.16 -17.96 -39.04
N GLU B 458 6.03 -17.42 -39.52
CA GLU B 458 5.69 -16.02 -39.31
C GLU B 458 4.96 -15.93 -37.98
N TYR B 459 4.95 -14.74 -37.39
CA TYR B 459 4.24 -14.49 -36.15
C TYR B 459 3.05 -13.59 -36.42
N GLU B 460 1.89 -14.05 -35.95
CA GLU B 460 0.63 -13.36 -36.18
C GLU B 460 0.10 -12.84 -34.86
N ILE B 461 -0.64 -11.74 -34.95
CA ILE B 461 -1.46 -11.29 -33.84
C ILE B 461 -2.90 -11.27 -34.32
N LYS B 462 -3.65 -12.26 -33.84
CA LYS B 462 -4.99 -12.55 -34.33
C LYS B 462 -6.03 -11.97 -33.39
N ASN B 463 -7.15 -11.56 -33.99
CA ASN B 463 -8.38 -11.18 -33.30
C ASN B 463 -8.16 -9.95 -32.41
N VAL B 464 -8.02 -8.78 -33.05
CA VAL B 464 -7.89 -7.51 -32.35
C VAL B 464 -8.90 -6.56 -32.95
N VAL B 465 -9.12 -5.47 -32.22
CA VAL B 465 -9.73 -4.29 -32.79
C VAL B 465 -8.59 -3.39 -33.23
N ALA B 466 -8.68 -2.93 -34.48
CA ALA B 466 -7.62 -2.13 -35.08
C ALA B 466 -7.60 -0.70 -34.53
N ALA B 467 -6.46 -0.03 -34.68
CA ALA B 467 -6.40 1.41 -34.46
C ALA B 467 -7.55 2.07 -35.25
N ASP B 468 -7.76 1.60 -36.50
CA ASP B 468 -9.02 1.86 -37.18
C ASP B 468 -10.12 1.07 -36.48
N GLU B 469 -10.81 1.70 -35.52
CA GLU B 469 -11.69 0.97 -34.62
C GLU B 469 -12.90 0.37 -35.34
N TRP B 470 -13.15 0.80 -36.59
CA TRP B 470 -14.25 0.23 -37.35
C TRP B 470 -13.94 -1.19 -37.82
N ALA B 471 -12.68 -1.58 -37.78
CA ALA B 471 -12.26 -2.95 -38.07
C ALA B 471 -12.14 -3.72 -36.75
N GLU B 472 -13.16 -4.52 -36.43
CA GLU B 472 -13.22 -5.27 -35.19
C GLU B 472 -12.98 -6.78 -35.45
N ASN B 473 -12.15 -7.39 -34.59
CA ASN B 473 -11.98 -8.84 -34.56
C ASN B 473 -11.37 -9.30 -35.87
N ILE B 474 -10.29 -8.62 -36.27
CA ILE B 474 -9.56 -8.91 -37.48
C ILE B 474 -8.13 -9.31 -37.10
N ASP B 475 -7.33 -9.74 -38.08
CA ASP B 475 -6.03 -10.31 -37.82
C ASP B 475 -4.94 -9.47 -38.45
N ASN B 476 -3.81 -9.39 -37.74
CA ASN B 476 -2.59 -8.77 -38.26
C ASN B 476 -2.87 -7.34 -38.71
N ASN B 477 -3.52 -6.56 -37.83
CA ASN B 477 -3.65 -5.13 -38.00
C ASN B 477 -2.27 -4.50 -38.13
N ALA B 478 -2.08 -3.67 -39.18
CA ALA B 478 -0.83 -2.99 -39.46
C ALA B 478 -0.32 -2.26 -38.22
N TYR B 479 -1.12 -1.36 -37.62
CA TYR B 479 -0.63 -0.57 -36.52
C TYR B 479 -0.27 -1.49 -35.35
N THR B 480 -1.18 -2.39 -34.97
CA THR B 480 -1.02 -3.21 -33.77
C THR B 480 0.26 -4.03 -33.91
N ASN B 481 0.43 -4.66 -35.08
CA ASN B 481 1.60 -5.47 -35.32
C ASN B 481 2.87 -4.60 -35.27
N GLY B 482 2.81 -3.39 -35.84
CA GLY B 482 3.89 -2.44 -35.71
C GLY B 482 4.24 -2.11 -34.28
N THR B 483 3.25 -1.88 -33.41
CA THR B 483 3.57 -1.55 -32.03
C THR B 483 4.19 -2.75 -31.32
N ALA B 484 3.76 -3.98 -31.66
CA ALA B 484 4.35 -5.19 -31.08
C ALA B 484 5.81 -5.30 -31.53
N ILE B 485 6.06 -5.04 -32.80
CA ILE B 485 7.43 -5.10 -33.30
C ILE B 485 8.29 -4.12 -32.50
N ARG B 486 7.87 -2.85 -32.45
CA ARG B 486 8.69 -1.86 -31.77
C ARG B 486 8.87 -2.20 -30.31
N ASN B 487 7.79 -2.59 -29.61
CA ASN B 487 7.86 -2.93 -28.20
C ASN B 487 8.94 -3.99 -27.98
N LEU B 488 8.94 -5.03 -28.80
CA LEU B 488 9.91 -6.11 -28.65
C LEU B 488 11.33 -5.64 -28.97
N GLN B 489 11.47 -4.82 -30.01
CA GLN B 489 12.77 -4.27 -30.38
C GLN B 489 13.30 -3.35 -29.28
N TYR B 490 12.46 -2.45 -28.77
CA TYR B 490 12.89 -1.46 -27.81
C TYR B 490 13.24 -2.15 -26.48
N ALA B 491 12.48 -3.19 -26.12
CA ALA B 491 12.75 -3.93 -24.89
C ALA B 491 14.12 -4.59 -25.02
N SER B 492 14.40 -5.11 -26.19
CA SER B 492 15.67 -5.79 -26.48
C SER B 492 16.82 -4.78 -26.45
N LYS B 493 16.61 -3.59 -27.04
CA LYS B 493 17.60 -2.52 -27.04
C LYS B 493 17.82 -2.05 -25.62
N CYS B 494 16.74 -1.91 -24.85
CA CYS B 494 16.84 -1.47 -23.47
C CYS B 494 17.74 -2.41 -22.69
N ALA B 495 17.50 -3.72 -22.86
CA ALA B 495 18.23 -4.77 -22.16
C ALA B 495 19.73 -4.60 -22.41
N THR B 496 20.08 -4.34 -23.68
CA THR B 496 21.47 -4.12 -24.06
C THR B 496 22.05 -2.90 -23.34
N VAL B 497 21.30 -1.78 -23.30
CA VAL B 497 21.76 -0.57 -22.66
C VAL B 497 22.10 -0.83 -21.19
N LEU B 498 21.32 -1.65 -20.52
CA LEU B 498 21.47 -1.90 -19.10
C LEU B 498 22.37 -3.10 -18.83
N GLY B 499 22.81 -3.78 -19.89
CA GLY B 499 23.72 -4.92 -19.74
C GLY B 499 23.02 -6.15 -19.17
N VAL B 500 21.75 -6.31 -19.49
CA VAL B 500 20.97 -7.45 -19.09
C VAL B 500 20.75 -8.32 -20.32
N ILE B 501 20.52 -9.62 -20.09
CA ILE B 501 20.28 -10.58 -21.16
C ILE B 501 18.79 -10.56 -21.48
N ALA B 502 18.43 -10.27 -22.74
CA ALA B 502 17.02 -10.26 -23.13
C ALA B 502 16.70 -11.62 -23.75
N PRO B 503 15.47 -12.17 -23.56
CA PRO B 503 15.05 -13.36 -24.29
C PRO B 503 15.30 -13.22 -25.79
N LYS B 504 16.05 -14.16 -26.38
CA LYS B 504 16.32 -14.07 -27.81
C LYS B 504 15.03 -14.16 -28.62
N GLU B 505 13.95 -14.67 -28.01
CA GLU B 505 12.68 -14.82 -28.71
C GLU B 505 12.09 -13.45 -29.07
N TRP B 506 12.39 -12.40 -28.31
CA TRP B 506 11.83 -11.08 -28.59
C TRP B 506 12.22 -10.57 -29.97
N THR B 507 13.54 -10.72 -30.31
CA THR B 507 14.06 -10.34 -31.62
C THR B 507 13.53 -11.29 -32.70
N LEU B 508 13.52 -12.60 -32.41
CA LEU B 508 13.04 -13.57 -33.38
C LEU B 508 11.61 -13.22 -33.78
N ILE B 509 10.77 -12.90 -32.78
CA ILE B 509 9.38 -12.59 -33.03
C ILE B 509 9.26 -11.27 -33.80
N ALA B 510 9.95 -10.23 -33.33
CA ALA B 510 9.84 -8.92 -33.93
C ALA B 510 10.17 -8.97 -35.42
N ASP B 511 11.12 -9.82 -35.81
CA ASP B 511 11.61 -9.84 -37.18
C ASP B 511 10.65 -10.57 -38.11
N LYS B 512 9.66 -11.29 -37.56
CA LYS B 512 8.81 -12.18 -38.33
C LYS B 512 7.34 -11.87 -38.13
N ILE B 513 7.01 -10.84 -37.32
CA ILE B 513 5.64 -10.36 -37.22
C ILE B 513 5.23 -9.83 -38.60
N LEU B 514 4.07 -10.30 -39.07
CA LEU B 514 3.57 -10.04 -40.42
C LEU B 514 3.13 -8.59 -40.60
N ILE B 515 3.66 -7.94 -41.64
CA ILE B 515 3.01 -6.76 -42.22
C ILE B 515 2.98 -6.93 -43.74
N SER B 516 1.79 -6.85 -44.35
CA SER B 516 1.60 -7.23 -45.75
C SER B 516 1.21 -6.04 -46.62
N LYS B 517 1.31 -6.25 -47.94
CA LYS B 517 0.82 -5.32 -48.95
C LYS B 517 -0.32 -5.95 -49.76
N MET B 518 -1.22 -5.10 -50.26
CA MET B 518 -2.28 -5.54 -51.14
C MET B 518 -1.70 -5.60 -52.56
N SER B 519 -2.53 -6.04 -53.50
CA SER B 519 -2.08 -6.23 -54.87
C SER B 519 -1.70 -4.89 -55.50
N ASN B 520 -2.26 -3.78 -54.99
CA ASN B 520 -1.94 -2.45 -55.52
C ASN B 520 -0.67 -1.88 -54.89
N GLY B 521 0.04 -2.67 -54.07
CA GLY B 521 1.28 -2.22 -53.45
C GLY B 521 1.08 -1.34 -52.21
N VAL B 522 -0.17 -1.20 -51.74
CA VAL B 522 -0.46 -0.41 -50.54
C VAL B 522 -0.37 -1.34 -49.33
N THR B 523 0.20 -0.83 -48.23
CA THR B 523 0.23 -1.55 -46.96
C THR B 523 -1.20 -1.89 -46.55
N ARG B 524 -1.45 -3.18 -46.29
CA ARG B 524 -2.78 -3.65 -45.97
C ARG B 524 -3.09 -3.40 -44.49
N GLU B 525 -4.26 -2.84 -44.19
CA GLU B 525 -4.55 -2.42 -42.83
C GLU B 525 -4.69 -3.65 -41.93
N HIS B 526 -5.30 -4.73 -42.47
CA HIS B 526 -5.46 -5.99 -41.76
C HIS B 526 -5.78 -7.07 -42.79
N ASP B 527 -5.87 -8.33 -42.33
CA ASP B 527 -5.94 -9.46 -43.24
C ASP B 527 -7.25 -9.51 -44.04
N SER B 528 -8.29 -8.82 -43.57
CA SER B 528 -9.60 -8.76 -44.22
C SER B 528 -9.83 -7.45 -44.96
N TYR B 529 -8.77 -6.66 -45.15
CA TYR B 529 -8.91 -5.30 -45.67
C TYR B 529 -8.75 -5.34 -47.18
N THR B 530 -9.68 -4.67 -47.89
CA THR B 530 -9.56 -4.46 -49.33
C THR B 530 -9.75 -2.96 -49.61
N ASP B 531 -10.95 -2.43 -49.35
CA ASP B 531 -11.24 -1.05 -49.72
C ASP B 531 -12.23 -0.36 -48.77
N GLN B 532 -12.37 -0.86 -47.54
CA GLN B 532 -13.34 -0.33 -46.59
C GLN B 532 -12.95 1.09 -46.20
N ASN B 533 -13.97 1.90 -45.92
CA ASN B 533 -13.76 3.15 -45.19
C ASN B 533 -13.16 2.80 -43.82
N ILE B 534 -12.28 3.69 -43.34
CA ILE B 534 -11.59 3.53 -42.06
C ILE B 534 -11.85 4.75 -41.17
N LYS B 535 -11.79 4.54 -39.85
CA LYS B 535 -12.20 5.55 -38.89
C LYS B 535 -11.12 6.62 -38.79
N GLN B 536 -9.86 6.18 -38.93
CA GLN B 536 -8.72 7.01 -38.59
C GLN B 536 -7.45 6.35 -39.06
N ALA B 537 -6.36 7.08 -38.97
CA ALA B 537 -5.06 6.62 -39.41
C ALA B 537 -4.65 5.35 -38.68
N ASP B 538 -4.07 4.41 -39.46
CA ASP B 538 -3.68 3.10 -38.99
C ASP B 538 -2.42 2.69 -39.74
N ALA B 539 -2.54 2.28 -41.02
CA ALA B 539 -1.37 1.88 -41.80
C ALA B 539 -0.39 3.04 -41.94
N ASN B 540 -0.89 4.28 -42.06
CA ASN B 540 -0.04 5.46 -42.16
C ASN B 540 0.78 5.68 -40.88
N LEU B 541 0.29 5.18 -39.71
CA LEU B 541 1.04 5.32 -38.48
C LEU B 541 2.35 4.54 -38.47
N LEU B 542 2.47 3.54 -39.37
CA LEU B 542 3.69 2.77 -39.57
C LEU B 542 4.78 3.66 -40.14
N ALA B 543 4.41 4.69 -40.92
CA ALA B 543 5.39 5.65 -41.39
C ALA B 543 5.74 6.64 -40.28
N TYR B 544 4.73 7.26 -39.66
CA TYR B 544 4.97 8.15 -38.54
C TYR B 544 3.82 7.92 -37.57
N PRO B 545 4.07 7.63 -36.28
CA PRO B 545 5.39 7.67 -35.64
C PRO B 545 6.36 6.49 -35.65
N LEU B 546 5.91 5.31 -36.09
CA LEU B 546 6.65 4.09 -35.81
C LEU B 546 7.92 4.01 -36.66
N LYS B 547 7.88 4.57 -37.86
CA LYS B 547 9.03 4.60 -38.77
C LYS B 547 9.45 3.19 -39.18
N LEU B 548 8.49 2.26 -39.20
CA LEU B 548 8.72 0.96 -39.80
C LEU B 548 8.69 1.05 -41.33
N ILE B 549 7.97 2.02 -41.89
CA ILE B 549 8.00 2.27 -43.32
C ILE B 549 8.72 3.58 -43.57
N THR B 550 9.88 3.50 -44.25
CA THR B 550 10.70 4.67 -44.52
C THR B 550 10.78 4.95 -46.02
N ASP B 551 10.42 3.96 -46.85
CA ASP B 551 10.49 4.13 -48.30
C ASP B 551 9.46 5.18 -48.74
N LYS B 552 9.92 6.25 -49.38
CA LYS B 552 9.05 7.39 -49.65
C LYS B 552 7.94 7.04 -50.64
N GLU B 553 8.22 6.17 -51.62
CA GLU B 553 7.19 5.76 -52.58
C GLU B 553 6.08 4.95 -51.88
N GLN B 554 6.47 4.11 -50.91
CA GLN B 554 5.51 3.35 -50.12
C GLN B 554 4.69 4.29 -49.25
N ILE B 555 5.34 5.28 -48.62
CA ILE B 555 4.63 6.23 -47.77
C ILE B 555 3.57 6.94 -48.59
N GLU B 556 3.97 7.34 -49.83
CA GLU B 556 3.11 8.08 -50.74
C GLU B 556 1.91 7.22 -51.18
N ARG B 557 2.15 5.95 -51.51
CA ARG B 557 1.08 5.07 -51.97
C ARG B 557 0.05 4.87 -50.86
N ASP B 558 0.55 4.74 -49.62
CA ASP B 558 -0.30 4.51 -48.46
C ASP B 558 -1.13 5.76 -48.19
N LEU B 559 -0.50 6.94 -48.31
CA LEU B 559 -1.21 8.21 -48.17
C LEU B 559 -2.33 8.30 -49.19
N LYS B 560 -2.01 8.03 -50.48
CA LYS B 560 -2.98 8.22 -51.54
C LYS B 560 -4.19 7.32 -51.30
N TYR B 561 -3.93 6.08 -50.87
CA TYR B 561 -4.98 5.08 -50.75
C TYR B 561 -5.86 5.41 -49.54
N TYR B 562 -5.26 5.77 -48.40
CA TYR B 562 -6.03 5.83 -47.16
C TYR B 562 -6.58 7.25 -46.92
N GLN B 563 -5.94 8.32 -47.45
CA GLN B 563 -6.51 9.66 -47.45
C GLN B 563 -7.97 9.70 -47.91
N THR B 564 -8.34 8.85 -48.89
CA THR B 564 -9.68 8.83 -49.46
C THR B 564 -10.64 7.94 -48.66
N LYS B 565 -10.20 7.34 -47.55
CA LYS B 565 -10.96 6.29 -46.87
C LYS B 565 -11.60 6.80 -45.57
N ILE B 566 -11.22 7.99 -45.10
CA ILE B 566 -11.79 8.54 -43.87
C ILE B 566 -13.01 9.38 -44.23
N PRO B 567 -14.23 8.98 -43.82
CA PRO B 567 -15.41 9.84 -43.99
C PRO B 567 -15.34 11.19 -43.27
N GLN B 568 -16.22 12.10 -43.68
CA GLN B 568 -16.37 13.38 -43.01
C GLN B 568 -16.98 13.24 -41.62
N SER B 569 -17.95 12.34 -41.44
CA SER B 569 -18.70 12.29 -40.18
C SER B 569 -18.18 11.21 -39.24
N ASP B 570 -18.17 11.55 -37.94
CA ASP B 570 -17.95 10.61 -36.85
C ASP B 570 -16.53 10.04 -36.92
N THR B 571 -15.59 10.83 -37.46
CA THR B 571 -14.20 10.42 -37.53
C THR B 571 -13.33 11.36 -36.70
N PRO B 572 -12.55 10.83 -35.73
CA PRO B 572 -11.89 11.70 -34.74
C PRO B 572 -10.63 12.37 -35.30
N ALA B 573 -10.18 13.39 -34.60
CA ALA B 573 -9.02 14.18 -35.04
C ALA B 573 -7.73 13.45 -34.68
N MET B 574 -7.52 12.31 -35.38
CA MET B 574 -6.36 11.44 -35.15
C MET B 574 -5.86 10.88 -36.48
N THR B 575 -5.84 11.74 -37.51
CA THR B 575 -5.67 11.28 -38.87
C THR B 575 -4.96 12.36 -39.69
N GLN B 576 -5.62 13.50 -39.93
CA GLN B 576 -5.13 14.46 -40.92
C GLN B 576 -3.81 15.09 -40.46
N ALA B 577 -3.58 15.17 -39.13
CA ALA B 577 -2.31 15.69 -38.63
C ALA B 577 -1.16 14.79 -39.08
N ILE B 578 -1.40 13.48 -39.15
CA ILE B 578 -0.39 12.52 -39.56
C ILE B 578 -0.15 12.70 -41.07
N PHE B 579 -1.24 12.82 -41.83
CA PHE B 579 -1.15 13.07 -43.26
C PHE B 579 -0.31 14.33 -43.50
N SER B 580 -0.54 15.38 -42.70
CA SER B 580 0.18 16.63 -42.87
C SER B 580 1.67 16.41 -42.66
N LEU B 581 1.99 15.78 -41.54
CA LEU B 581 3.36 15.51 -41.14
C LEU B 581 4.08 14.73 -42.23
N LEU B 582 3.44 13.68 -42.75
CA LEU B 582 4.05 12.83 -43.76
C LEU B 582 4.23 13.60 -45.06
N TYR B 583 3.26 14.43 -45.46
CA TYR B 583 3.44 15.25 -46.66
C TYR B 583 4.56 16.27 -46.44
N SER B 584 4.74 16.80 -45.22
CA SER B 584 5.87 17.67 -44.91
C SER B 584 7.19 16.92 -45.08
N ARG B 585 7.24 15.67 -44.60
CA ARG B 585 8.44 14.84 -44.72
C ARG B 585 8.77 14.55 -46.19
N LEU B 586 7.72 14.49 -47.04
CA LEU B 586 7.88 14.28 -48.48
C LEU B 586 8.08 15.61 -49.21
N GLU B 587 8.08 16.73 -48.48
CA GLU B 587 8.36 18.06 -49.01
C GLU B 587 7.27 18.50 -49.98
N ASP B 588 6.01 18.18 -49.65
CA ASP B 588 4.87 18.64 -50.43
C ASP B 588 4.11 19.66 -49.57
N SER B 589 4.41 20.94 -49.80
CA SER B 589 3.89 22.05 -49.01
C SER B 589 2.36 22.17 -49.12
N ASP B 590 1.83 22.09 -50.34
CA ASP B 590 0.41 22.34 -50.56
C ASP B 590 -0.42 21.27 -49.83
N GLN B 591 -0.02 20.01 -49.97
CA GLN B 591 -0.76 18.92 -49.36
C GLN B 591 -0.56 18.97 -47.86
N ALA B 592 0.67 19.24 -47.40
CA ALA B 592 0.93 19.31 -45.96
C ALA B 592 0.03 20.37 -45.32
N TYR B 593 -0.11 21.53 -45.99
CA TYR B 593 -0.88 22.63 -45.42
C TYR B 593 -2.37 22.30 -45.47
N HIS B 594 -2.83 21.69 -46.57
CA HIS B 594 -4.22 21.31 -46.73
C HIS B 594 -4.63 20.42 -45.55
N TRP B 595 -3.82 19.40 -45.27
CA TRP B 595 -4.16 18.44 -44.23
C TRP B 595 -4.02 19.05 -42.82
N PHE B 596 -3.05 19.95 -42.62
CA PHE B 596 -2.92 20.68 -41.36
C PHE B 596 -4.23 21.39 -41.02
N LYS B 597 -4.80 22.13 -41.98
CA LYS B 597 -6.04 22.86 -41.75
C LYS B 597 -7.21 21.91 -41.55
N ASP B 598 -7.28 20.87 -42.38
CA ASP B 598 -8.38 19.93 -42.31
C ASP B 598 -8.37 19.18 -40.97
N ALA B 599 -7.21 19.10 -40.33
CA ALA B 599 -7.08 18.33 -39.10
C ALA B 599 -7.86 18.94 -37.94
N TYR B 600 -8.10 20.26 -37.94
CA TYR B 600 -8.73 20.87 -36.77
C TYR B 600 -9.73 21.99 -37.11
N GLN B 601 -9.54 22.72 -38.22
CA GLN B 601 -10.42 23.83 -38.55
C GLN B 601 -11.88 23.40 -38.71
N PRO B 602 -12.22 22.24 -39.31
CA PRO B 602 -13.61 21.77 -39.33
C PRO B 602 -14.22 21.29 -38.03
N ASN B 603 -13.41 21.29 -36.95
CA ASN B 603 -13.81 20.74 -35.66
C ASN B 603 -14.00 21.86 -34.63
N LEU B 604 -13.92 23.13 -35.06
CA LEU B 604 -13.86 24.25 -34.12
C LEU B 604 -15.25 24.64 -33.64
N ASN B 605 -15.29 25.14 -32.39
CA ASN B 605 -16.49 25.64 -31.76
C ASN B 605 -16.22 27.08 -31.27
N PRO B 606 -17.16 28.04 -31.52
CA PRO B 606 -16.93 29.44 -31.17
C PRO B 606 -17.24 29.73 -29.70
N PRO B 607 -16.86 30.90 -29.13
CA PRO B 607 -16.13 31.93 -29.85
C PRO B 607 -14.60 31.88 -29.77
N PHE B 608 -14.05 30.86 -29.09
CA PHE B 608 -12.63 30.83 -28.80
C PHE B 608 -11.89 29.79 -29.66
N ARG B 609 -12.57 29.18 -30.65
CA ARG B 609 -11.94 28.20 -31.51
C ARG B 609 -11.39 27.02 -30.69
N VAL B 610 -12.19 26.52 -29.76
CA VAL B 610 -11.86 25.25 -29.13
C VAL B 610 -12.15 24.12 -30.12
N ILE B 611 -11.54 22.94 -29.87
CA ILE B 611 -11.56 21.83 -30.83
C ILE B 611 -12.44 20.70 -30.33
N SER B 612 -13.37 20.24 -31.18
CA SER B 612 -14.19 19.05 -30.91
C SER B 612 -13.51 17.81 -31.51
N GLU B 613 -13.99 16.63 -31.09
CA GLU B 613 -13.41 15.35 -31.45
C GLU B 613 -13.49 15.11 -32.97
N CYS B 614 -14.67 15.40 -33.54
CA CYS B 614 -14.95 15.14 -34.94
C CYS B 614 -15.39 16.40 -35.68
N LYS B 615 -15.37 16.34 -37.02
CA LYS B 615 -15.84 17.45 -37.85
C LYS B 615 -17.28 17.83 -37.47
N GLY B 616 -17.49 19.13 -37.19
CA GLY B 616 -18.79 19.65 -36.80
C GLY B 616 -19.30 19.10 -35.47
N GLY B 617 -18.39 18.57 -34.64
CA GLY B 617 -18.76 18.04 -33.33
C GLY B 617 -18.99 19.16 -32.31
N THR B 618 -19.54 18.79 -31.15
CA THR B 618 -19.93 19.76 -30.11
C THR B 618 -19.49 19.24 -28.74
N ASN B 619 -18.26 18.67 -28.67
CA ASN B 619 -17.78 18.09 -27.42
C ASN B 619 -16.33 18.53 -27.15
N PRO B 620 -16.00 19.84 -27.21
CA PRO B 620 -14.63 20.29 -26.92
C PRO B 620 -14.28 20.07 -25.43
N TYR B 621 -12.99 20.10 -25.05
CA TYR B 621 -11.85 20.38 -25.90
C TYR B 621 -11.05 19.08 -26.12
N PHE B 622 -10.84 18.70 -27.39
CA PHE B 622 -10.26 17.40 -27.69
C PHE B 622 -8.76 17.59 -27.76
N SER B 623 -8.11 17.48 -26.59
CA SER B 623 -6.69 17.71 -26.42
C SER B 623 -5.87 16.73 -27.27
N THR B 624 -6.40 15.52 -27.48
CA THR B 624 -5.77 14.55 -28.36
C THR B 624 -5.50 15.17 -29.74
N GLY B 625 -6.50 15.84 -30.30
CA GLY B 625 -6.41 16.48 -31.60
C GLY B 625 -5.31 17.54 -31.65
N ALA B 626 -5.25 18.37 -30.61
CA ALA B 626 -4.23 19.38 -30.48
C ALA B 626 -2.84 18.75 -30.45
N GLY B 627 -2.72 17.63 -29.74
CA GLY B 627 -1.46 16.94 -29.63
C GLY B 627 -0.95 16.49 -31.00
N GLY B 628 -1.85 15.90 -31.79
CA GLY B 628 -1.49 15.49 -33.14
C GLY B 628 -1.09 16.66 -34.01
N VAL B 629 -1.85 17.75 -33.96
CA VAL B 629 -1.59 18.90 -34.83
C VAL B 629 -0.25 19.50 -34.41
N LEU B 630 0.07 19.48 -33.10
CA LEU B 630 1.35 19.98 -32.63
C LEU B 630 2.50 19.15 -33.21
N GLN B 631 2.28 17.84 -33.38
CA GLN B 631 3.27 16.99 -34.02
C GLN B 631 3.40 17.40 -35.48
N ALA B 632 2.27 17.70 -36.14
CA ALA B 632 2.36 18.10 -37.53
C ALA B 632 3.21 19.36 -37.64
N VAL B 633 3.14 20.27 -36.66
CA VAL B 633 3.89 21.51 -36.69
C VAL B 633 5.36 21.28 -36.34
N ILE B 634 5.60 20.56 -35.24
CA ILE B 634 6.96 20.41 -34.70
C ILE B 634 7.72 19.36 -35.50
N MET B 635 7.12 18.17 -35.64
CA MET B 635 7.79 17.07 -36.33
C MET B 635 7.63 17.21 -37.85
N GLY B 636 6.55 17.82 -38.31
CA GLY B 636 6.34 17.91 -39.75
C GLY B 636 7.00 19.17 -40.32
N PHE B 637 6.39 20.33 -40.06
CA PHE B 637 6.87 21.59 -40.60
C PHE B 637 8.29 21.87 -40.06
N GLY B 638 8.52 21.55 -38.79
CA GLY B 638 9.80 21.78 -38.15
C GLY B 638 10.86 20.72 -38.50
N GLY B 639 10.40 19.57 -39.02
CA GLY B 639 11.28 18.47 -39.38
C GLY B 639 11.91 17.76 -38.18
N LEU B 640 11.43 18.02 -36.96
CA LEU B 640 12.08 17.51 -35.77
C LEU B 640 11.67 16.06 -35.55
N ASP B 641 12.57 15.27 -34.98
CA ASP B 641 12.35 13.84 -34.91
C ASP B 641 13.17 13.29 -33.76
N ILE B 642 12.61 12.28 -33.10
CA ILE B 642 13.32 11.52 -32.08
C ILE B 642 14.23 10.53 -32.80
N ASP B 643 15.53 10.71 -32.57
CA ASP B 643 16.56 9.89 -33.20
C ASP B 643 16.60 8.53 -32.50
N ALA B 644 16.54 7.44 -33.29
CA ALA B 644 16.53 6.07 -32.82
C ALA B 644 17.77 5.76 -31.97
N ALA B 645 18.82 6.57 -32.14
CA ALA B 645 20.06 6.38 -31.39
C ALA B 645 20.15 7.32 -30.19
N GLY B 646 19.18 8.22 -30.01
CA GLY B 646 19.19 9.15 -28.89
C GLY B 646 19.12 10.60 -29.34
N GLY B 647 18.38 11.42 -28.57
CA GLY B 647 18.29 12.85 -28.79
C GLY B 647 17.28 13.23 -29.88
N ILE B 648 17.29 14.52 -30.24
CA ILE B 648 16.46 15.07 -31.30
C ILE B 648 17.34 15.42 -32.49
N LYS B 649 16.86 15.09 -33.70
CA LYS B 649 17.52 15.45 -34.95
C LYS B 649 16.48 16.14 -35.83
N GLN B 650 16.92 16.65 -36.98
CA GLN B 650 16.02 17.35 -37.89
C GLN B 650 16.14 16.75 -39.28
N VAL B 651 15.01 16.39 -39.89
CA VAL B 651 15.00 15.87 -41.25
C VAL B 651 14.39 16.91 -42.18
N LYS B 652 14.36 16.62 -43.49
CA LYS B 652 13.84 17.56 -44.47
C LYS B 652 12.37 17.90 -44.17
N SER B 653 11.98 19.16 -44.44
CA SER B 653 10.61 19.62 -44.28
C SER B 653 10.31 20.79 -45.21
N VAL B 654 9.03 21.20 -45.20
CA VAL B 654 8.58 22.39 -45.91
C VAL B 654 7.61 23.15 -45.01
N LEU B 655 7.41 24.43 -45.34
CA LEU B 655 6.41 25.25 -44.67
C LEU B 655 5.23 25.48 -45.60
N PRO B 656 4.04 25.80 -45.05
CA PRO B 656 2.96 26.39 -45.86
C PRO B 656 3.48 27.57 -46.65
N LYS B 657 2.94 27.77 -47.86
CA LYS B 657 3.36 28.85 -48.75
C LYS B 657 3.34 30.20 -48.02
N ASN B 658 2.26 30.40 -47.26
CA ASN B 658 1.95 31.68 -46.63
C ASN B 658 2.74 31.88 -45.33
N TRP B 659 3.43 30.84 -44.83
CA TRP B 659 4.26 31.00 -43.65
C TRP B 659 5.66 31.47 -44.01
N LYS B 660 5.99 32.69 -43.59
CA LYS B 660 7.29 33.29 -43.85
C LYS B 660 8.38 32.71 -42.93
N LYS B 661 8.03 32.36 -41.68
CA LYS B 661 9.03 31.82 -40.77
C LYS B 661 8.37 30.98 -39.66
N LEU B 662 9.07 29.91 -39.26
CA LEU B 662 8.65 29.04 -38.16
C LEU B 662 9.80 28.93 -37.17
N THR B 663 9.57 29.32 -35.91
CA THR B 663 10.57 29.29 -34.85
C THR B 663 10.05 28.41 -33.70
N ILE B 664 10.82 27.38 -33.33
CA ILE B 664 10.46 26.42 -32.28
C ILE B 664 11.55 26.45 -31.21
N THR B 665 11.19 26.81 -29.98
CA THR B 665 12.17 26.98 -28.91
C THR B 665 12.00 25.92 -27.82
N GLY B 666 13.10 25.70 -27.09
CA GLY B 666 13.09 24.89 -25.88
C GLY B 666 13.02 23.40 -26.16
N ILE B 667 13.65 22.96 -27.26
CA ILE B 667 13.53 21.58 -27.72
C ILE B 667 14.65 20.72 -27.13
N GLY B 668 14.28 19.59 -26.54
CA GLY B 668 15.23 18.59 -26.08
C GLY B 668 15.91 19.02 -24.78
N ILE B 669 16.84 18.21 -24.27
CA ILE B 669 17.39 18.51 -22.95
C ILE B 669 18.37 19.68 -23.06
N GLU B 670 18.86 20.01 -24.27
CA GLU B 670 19.76 21.14 -24.45
C GLU B 670 18.97 22.41 -24.76
N LYS B 671 17.63 22.30 -24.85
CA LYS B 671 16.76 23.47 -25.02
C LYS B 671 17.14 24.25 -26.28
N LYS B 672 17.18 23.55 -27.43
CA LYS B 672 17.61 24.13 -28.70
C LYS B 672 16.48 24.92 -29.36
N THR B 673 16.86 25.96 -30.11
CA THR B 673 15.95 26.71 -30.96
C THR B 673 16.17 26.31 -32.40
N PHE B 674 15.06 26.13 -33.15
CA PHE B 674 15.08 25.81 -34.56
C PHE B 674 14.32 26.90 -35.32
N VAL B 675 14.94 27.44 -36.40
CA VAL B 675 14.27 28.45 -37.22
C VAL B 675 14.17 27.90 -38.65
N LEU B 676 12.98 28.00 -39.25
CA LEU B 676 12.76 27.54 -40.62
C LEU B 676 12.14 28.67 -41.45
N THR B 677 12.61 28.80 -42.70
CA THR B 677 12.06 29.71 -43.69
C THR B 677 11.96 28.95 -45.02
N HIS B 678 11.34 29.60 -46.04
CA HIS B 678 11.35 29.07 -47.39
C HIS B 678 12.75 29.23 -47.99
N HIS C 20 -12.47 -49.68 -13.34
CA HIS C 20 -12.31 -48.33 -12.72
C HIS C 20 -10.83 -48.04 -12.39
N GLN C 21 -9.89 -48.64 -13.15
CA GLN C 21 -8.46 -48.45 -12.94
C GLN C 21 -7.77 -48.01 -14.22
N ASP C 22 -8.45 -47.15 -14.96
CA ASP C 22 -7.87 -46.42 -16.07
C ASP C 22 -6.77 -45.53 -15.50
N PRO C 23 -5.58 -45.45 -16.15
CA PRO C 23 -4.46 -44.67 -15.61
C PRO C 23 -4.63 -43.14 -15.70
N TRP C 24 -5.65 -42.70 -16.45
CA TRP C 24 -5.89 -41.29 -16.67
C TRP C 24 -7.25 -40.83 -16.16
N LYS C 25 -8.16 -41.74 -15.84
CA LYS C 25 -9.54 -41.37 -15.58
C LYS C 25 -10.04 -42.06 -14.32
N LEU C 26 -10.75 -41.30 -13.48
CA LEU C 26 -11.40 -41.86 -12.31
C LEU C 26 -12.88 -41.93 -12.66
N SER C 27 -13.52 -43.09 -12.44
CA SER C 27 -14.88 -43.33 -12.86
C SER C 27 -15.75 -43.82 -11.69
N ALA C 28 -17.02 -43.41 -11.70
CA ALA C 28 -18.01 -43.90 -10.77
C ALA C 28 -19.29 -44.24 -11.52
N ASP C 29 -19.83 -45.46 -11.30
CA ASP C 29 -21.17 -45.82 -11.75
C ASP C 29 -22.20 -45.49 -10.69
N LYS C 30 -23.34 -44.96 -11.13
CA LYS C 30 -24.50 -44.73 -10.29
C LYS C 30 -24.07 -44.14 -8.94
N PRO C 31 -23.64 -42.86 -8.90
CA PRO C 31 -23.32 -42.18 -7.66
C PRO C 31 -24.31 -42.47 -6.52
N ASP C 32 -23.77 -42.81 -5.36
CA ASP C 32 -24.58 -43.08 -4.18
C ASP C 32 -24.43 -41.91 -3.23
N SER C 33 -25.46 -41.06 -3.13
CA SER C 33 -25.35 -39.83 -2.35
C SER C 33 -25.20 -40.12 -0.85
N ASN C 34 -25.51 -41.34 -0.40
CA ASN C 34 -25.32 -41.73 0.99
C ASN C 34 -23.87 -42.09 1.28
N ASN C 35 -23.03 -42.27 0.25
CA ASN C 35 -21.63 -42.60 0.46
C ASN C 35 -20.77 -42.03 -0.68
N TYR C 36 -20.77 -40.71 -0.79
CA TYR C 36 -20.19 -40.03 -1.94
C TYR C 36 -19.33 -38.87 -1.47
N TYR C 37 -18.07 -38.87 -1.92
CA TYR C 37 -17.14 -37.77 -1.69
C TYR C 37 -16.71 -37.23 -3.04
N GLY C 38 -17.10 -35.98 -3.34
CA GLY C 38 -16.96 -35.44 -4.67
C GLY C 38 -15.50 -35.14 -4.98
N GLU C 39 -15.21 -35.14 -6.28
CA GLU C 39 -13.91 -34.82 -6.85
C GLU C 39 -13.91 -33.36 -7.31
N THR C 40 -12.68 -32.83 -7.45
CA THR C 40 -12.49 -31.41 -7.72
C THR C 40 -11.88 -31.25 -9.12
N VAL C 41 -12.34 -30.24 -9.84
CA VAL C 41 -11.57 -29.66 -10.92
C VAL C 41 -11.20 -28.23 -10.52
N ALA C 42 -10.00 -27.80 -10.90
CA ALA C 42 -9.48 -26.52 -10.47
C ALA C 42 -8.33 -26.10 -11.35
N ASN C 43 -8.08 -24.80 -11.37
CA ASN C 43 -7.04 -24.15 -12.14
C ASN C 43 -6.13 -23.31 -11.23
N GLY C 44 -6.11 -23.61 -9.93
CA GLY C 44 -5.31 -22.88 -8.95
C GLY C 44 -5.96 -21.58 -8.48
N MET C 45 -7.12 -21.23 -9.08
CA MET C 45 -7.85 -20.02 -8.68
C MET C 45 -9.27 -20.38 -8.30
N ILE C 46 -9.95 -21.18 -9.16
CA ILE C 46 -11.28 -21.68 -8.82
C ILE C 46 -11.23 -23.19 -8.68
N GLY C 47 -11.93 -23.71 -7.64
CA GLY C 47 -12.16 -25.12 -7.50
C GLY C 47 -13.65 -25.42 -7.55
N ILE C 48 -14.02 -26.50 -8.27
CA ILE C 48 -15.40 -26.94 -8.39
C ILE C 48 -15.44 -28.40 -7.94
N ILE C 49 -16.25 -28.68 -6.91
CA ILE C 49 -16.32 -30.00 -6.32
C ILE C 49 -17.67 -30.62 -6.68
N SER C 50 -17.65 -31.90 -7.05
CA SER C 50 -18.75 -32.56 -7.72
C SER C 50 -19.85 -32.88 -6.73
N SER C 51 -21.06 -32.93 -7.29
CA SER C 51 -22.26 -33.39 -6.61
C SER C 51 -22.62 -34.77 -7.18
N PRO C 52 -23.20 -35.68 -6.38
CA PRO C 52 -23.75 -36.92 -6.94
C PRO C 52 -24.95 -36.65 -7.86
N GLU C 53 -25.57 -35.47 -7.75
CA GLU C 53 -26.74 -35.14 -8.56
C GLU C 53 -26.31 -34.67 -9.96
N PRO C 54 -27.04 -35.06 -11.04
CA PRO C 54 -26.68 -34.61 -12.38
C PRO C 54 -26.83 -33.11 -12.57
N LEU C 55 -25.85 -32.50 -13.27
CA LEU C 55 -25.90 -31.10 -13.68
C LEU C 55 -25.94 -30.16 -12.47
N LYS C 56 -25.40 -30.62 -11.33
CA LYS C 56 -25.21 -29.79 -10.17
C LYS C 56 -23.75 -29.90 -9.75
N VAL C 57 -23.33 -28.89 -8.99
CA VAL C 57 -22.04 -28.96 -8.32
C VAL C 57 -22.26 -28.78 -6.83
N LYS C 58 -21.38 -29.38 -6.01
CA LYS C 58 -21.55 -29.31 -4.58
C LYS C 58 -21.13 -27.94 -4.05
N GLU C 59 -19.93 -27.48 -4.47
CA GLU C 59 -19.31 -26.32 -3.84
C GLU C 59 -18.31 -25.75 -4.85
N VAL C 60 -18.10 -24.43 -4.73
CA VAL C 60 -17.18 -23.68 -5.54
C VAL C 60 -16.38 -22.79 -4.61
N VAL C 61 -15.03 -22.83 -4.76
CA VAL C 61 -14.14 -22.08 -3.91
C VAL C 61 -13.23 -21.21 -4.78
N LEU C 62 -13.09 -19.95 -4.38
CA LEU C 62 -12.23 -18.99 -5.01
C LEU C 62 -11.03 -18.71 -4.10
N ALA C 63 -9.83 -19.00 -4.63
CA ALA C 63 -8.61 -18.74 -3.88
C ALA C 63 -8.46 -17.25 -3.60
N GLY C 64 -7.80 -16.91 -2.49
CA GLY C 64 -7.39 -15.54 -2.21
C GLY C 64 -8.47 -14.64 -1.63
N THR C 65 -9.63 -15.22 -1.40
CA THR C 65 -10.76 -14.51 -0.82
C THR C 65 -11.05 -15.10 0.56
N TYR C 66 -10.77 -14.30 1.58
CA TYR C 66 -10.94 -14.71 2.97
C TYR C 66 -11.82 -13.70 3.71
N ASP C 67 -12.66 -14.20 4.60
CA ASP C 67 -13.32 -13.39 5.59
C ASP C 67 -13.62 -14.23 6.81
N ILE C 68 -14.05 -13.57 7.91
CA ILE C 68 -14.54 -14.24 9.11
C ILE C 68 -15.80 -15.01 8.73
N TYR C 69 -15.79 -16.31 9.06
CA TYR C 69 -16.80 -17.26 8.63
C TYR C 69 -16.57 -18.58 9.35
N LYS C 70 -17.61 -18.97 10.10
CA LYS C 70 -17.70 -20.24 10.77
C LYS C 70 -16.43 -20.59 11.55
N ARG C 71 -15.77 -21.70 11.13
CA ARG C 71 -14.75 -22.33 11.96
C ARG C 71 -13.65 -21.36 12.43
N GLY C 72 -13.37 -21.40 13.72
CA GLY C 72 -12.12 -20.88 14.26
C GLY C 72 -12.12 -19.38 14.55
N ARG C 73 -13.20 -18.65 14.20
CA ARG C 73 -13.33 -17.25 14.50
C ARG C 73 -12.29 -16.39 13.78
N VAL C 74 -11.62 -16.99 12.78
CA VAL C 74 -10.58 -16.36 11.99
C VAL C 74 -10.97 -16.37 10.52
N SER C 75 -10.13 -15.76 9.67
CA SER C 75 -10.42 -15.64 8.25
C SER C 75 -10.55 -17.03 7.63
N SER C 76 -11.37 -17.13 6.57
CA SER C 76 -11.67 -18.41 5.95
C SER C 76 -12.00 -18.19 4.49
N PHE C 77 -11.67 -19.20 3.66
CA PHE C 77 -12.38 -19.41 2.41
C PHE C 77 -13.88 -19.37 2.65
N ILE C 78 -14.63 -18.95 1.62
CA ILE C 78 -16.05 -18.70 1.71
C ILE C 78 -16.73 -19.59 0.66
N PRO C 79 -17.78 -20.36 0.97
CA PRO C 79 -18.50 -21.09 -0.08
C PRO C 79 -19.03 -20.05 -1.08
N ASN C 80 -18.81 -20.29 -2.37
CA ASN C 80 -19.17 -19.29 -3.36
C ASN C 80 -20.35 -19.76 -4.20
N TYR C 81 -20.76 -18.92 -5.16
CA TYR C 81 -21.85 -19.26 -6.06
C TYR C 81 -21.58 -20.60 -6.75
N ASN C 82 -22.55 -21.52 -6.67
CA ASN C 82 -22.53 -22.74 -7.44
C ASN C 82 -23.00 -22.39 -8.85
N LEU C 83 -22.10 -21.79 -9.63
CA LEU C 83 -22.47 -21.01 -10.81
C LEU C 83 -22.91 -21.92 -11.96
N LEU C 84 -22.56 -23.23 -11.92
CA LEU C 84 -22.93 -24.16 -12.98
C LEU C 84 -24.27 -24.88 -12.78
N ASN C 85 -24.95 -24.57 -11.68
CA ASN C 85 -26.15 -25.28 -11.34
C ASN C 85 -27.19 -25.04 -12.44
N MET C 86 -27.71 -26.18 -12.91
CA MET C 86 -28.59 -26.21 -14.05
C MET C 86 -29.69 -27.21 -13.77
N LYS C 87 -30.90 -26.86 -14.20
CA LYS C 87 -32.05 -27.75 -14.25
C LYS C 87 -32.43 -28.02 -15.69
N LEU C 88 -32.65 -29.29 -16.00
CA LEU C 88 -33.06 -29.74 -17.31
C LEU C 88 -34.38 -30.49 -17.19
N ALA C 89 -35.35 -30.16 -18.04
CA ALA C 89 -36.60 -30.91 -18.16
C ALA C 89 -36.79 -31.34 -19.61
N PHE C 90 -37.43 -32.52 -19.76
CA PHE C 90 -37.80 -33.04 -21.06
C PHE C 90 -39.32 -33.11 -21.11
N ASN C 91 -39.91 -32.33 -22.00
CA ASN C 91 -41.35 -32.12 -22.08
C ASN C 91 -41.95 -31.79 -20.72
N GLY C 92 -41.29 -30.94 -19.93
CA GLY C 92 -41.82 -30.44 -18.68
C GLY C 92 -41.49 -31.34 -17.49
N GLU C 93 -40.92 -32.53 -17.77
CA GLU C 93 -40.57 -33.44 -16.71
C GLU C 93 -39.12 -33.19 -16.32
N SER C 94 -38.92 -32.75 -15.07
CA SER C 94 -37.62 -32.42 -14.55
C SER C 94 -36.76 -33.68 -14.42
N VAL C 95 -35.49 -33.56 -14.78
CA VAL C 95 -34.54 -34.67 -14.78
C VAL C 95 -33.97 -34.78 -13.39
N GLN C 96 -34.03 -35.98 -12.80
CA GLN C 96 -33.56 -36.19 -11.44
C GLN C 96 -32.85 -37.54 -11.35
N THR C 97 -32.07 -37.74 -10.28
CA THR C 97 -31.49 -39.05 -9.98
C THR C 97 -32.54 -40.15 -10.15
N TYR C 98 -33.78 -39.91 -9.75
CA TYR C 98 -34.73 -41.02 -9.62
C TYR C 98 -35.28 -41.47 -10.98
N ASN C 99 -35.27 -40.60 -12.02
CA ASN C 99 -35.93 -40.95 -13.29
C ASN C 99 -34.93 -41.06 -14.45
N ILE C 100 -33.64 -41.16 -14.13
CA ILE C 100 -32.63 -41.40 -15.17
C ILE C 100 -32.05 -42.79 -14.97
N ASN C 101 -31.34 -43.31 -15.97
CA ASN C 101 -30.66 -44.59 -15.79
C ASN C 101 -29.30 -44.54 -16.50
N ASN C 102 -28.49 -45.57 -16.23
CA ASN C 102 -27.13 -45.71 -16.74
C ASN C 102 -26.31 -44.48 -16.43
N TYR C 103 -26.48 -43.91 -15.21
CA TYR C 103 -25.82 -42.68 -14.81
C TYR C 103 -24.39 -43.00 -14.39
N LYS C 104 -23.43 -42.26 -14.97
CA LYS C 104 -22.01 -42.43 -14.71
C LYS C 104 -21.34 -41.06 -14.61
N GLN C 105 -20.32 -40.98 -13.75
CA GLN C 105 -19.45 -39.82 -13.67
C GLN C 105 -18.01 -40.25 -13.92
N GLU C 106 -17.22 -39.32 -14.47
CA GLU C 106 -15.83 -39.58 -14.80
C GLU C 106 -15.03 -38.29 -14.69
N LEU C 107 -13.85 -38.38 -14.04
CA LEU C 107 -12.88 -37.29 -14.02
C LEU C 107 -11.73 -37.67 -14.95
N ASP C 108 -11.52 -36.88 -16.01
CA ASP C 108 -10.38 -37.09 -16.89
C ASP C 108 -9.22 -36.23 -16.38
N MET C 109 -8.18 -36.90 -15.85
CA MET C 109 -7.10 -36.21 -15.17
C MET C 109 -6.18 -35.55 -16.20
N ARG C 110 -6.27 -35.98 -17.47
CA ARG C 110 -5.46 -35.39 -18.53
C ARG C 110 -5.80 -33.92 -18.71
N ASN C 111 -7.07 -33.52 -18.48
CA ASN C 111 -7.46 -32.16 -18.74
C ASN C 111 -8.43 -31.62 -17.71
N GLY C 112 -8.55 -32.28 -16.56
CA GLY C 112 -9.42 -31.81 -15.52
C GLY C 112 -10.86 -31.63 -15.99
N ALA C 113 -11.35 -32.56 -16.82
CA ALA C 113 -12.73 -32.53 -17.23
C ALA C 113 -13.54 -33.44 -16.31
N PHE C 114 -14.59 -32.90 -15.71
CA PHE C 114 -15.53 -33.73 -14.98
C PHE C 114 -16.76 -33.95 -15.87
N THR C 115 -17.11 -35.22 -16.13
CA THR C 115 -18.15 -35.54 -17.10
C THR C 115 -19.20 -36.43 -16.43
N GLY C 116 -20.48 -36.11 -16.63
CA GLY C 116 -21.55 -37.02 -16.27
C GLY C 116 -22.29 -37.43 -17.54
N SER C 117 -22.87 -38.62 -17.51
CA SER C 117 -23.65 -39.11 -18.65
C SER C 117 -24.78 -39.98 -18.14
N PHE C 118 -25.92 -39.91 -18.81
CA PHE C 118 -27.08 -40.68 -18.39
C PHE C 118 -28.09 -40.73 -19.52
N GLN C 119 -29.00 -41.70 -19.40
CA GLN C 119 -30.13 -41.85 -20.31
C GLN C 119 -31.38 -41.35 -19.58
N PHE C 120 -32.19 -40.56 -20.29
CA PHE C 120 -33.49 -40.14 -19.80
C PHE C 120 -34.57 -40.92 -20.54
N LYS C 121 -35.13 -41.92 -19.85
CA LYS C 121 -36.24 -42.73 -20.33
C LYS C 121 -35.98 -43.20 -21.77
N ASP C 122 -36.94 -42.93 -22.67
CA ASP C 122 -36.89 -43.34 -24.06
C ASP C 122 -36.56 -42.14 -24.95
N LEU C 123 -36.11 -41.02 -24.37
CA LEU C 123 -36.08 -39.74 -25.08
C LEU C 123 -34.66 -39.36 -25.53
N ALA C 124 -33.67 -39.41 -24.64
CA ALA C 124 -32.35 -38.85 -24.96
C ALA C 124 -31.28 -39.32 -23.99
N THR C 125 -30.05 -39.31 -24.53
CA THR C 125 -28.83 -39.43 -23.76
C THR C 125 -28.28 -38.02 -23.52
N VAL C 126 -27.81 -37.79 -22.29
CA VAL C 126 -27.28 -36.50 -21.89
C VAL C 126 -25.85 -36.70 -21.42
N THR C 127 -24.92 -35.88 -21.94
CA THR C 127 -23.58 -35.85 -21.43
C THR C 127 -23.23 -34.40 -21.13
N TYR C 128 -22.59 -34.19 -19.99
CA TYR C 128 -22.09 -32.87 -19.66
C TYR C 128 -20.68 -32.96 -19.12
N SER C 129 -19.85 -31.97 -19.50
CA SER C 129 -18.48 -31.90 -19.03
C SER C 129 -18.24 -30.49 -18.53
N TYR C 130 -17.58 -30.35 -17.39
CA TYR C 130 -17.20 -29.02 -16.95
C TYR C 130 -15.71 -28.94 -16.62
N TYR C 131 -15.26 -27.68 -16.59
CA TYR C 131 -13.85 -27.34 -16.57
C TYR C 131 -13.60 -26.03 -15.81
N ALA C 132 -12.51 -25.99 -15.06
CA ALA C 132 -11.97 -24.73 -14.54
C ALA C 132 -10.88 -24.33 -15.51
N LEU C 133 -11.15 -23.35 -16.38
CA LEU C 133 -10.29 -23.18 -17.54
C LEU C 133 -8.86 -22.87 -17.11
N ARG C 134 -7.88 -23.55 -17.73
CA ARG C 134 -6.54 -23.54 -17.17
C ARG C 134 -5.83 -22.22 -17.45
N HIS C 135 -6.13 -21.59 -18.59
CA HIS C 135 -5.51 -20.31 -18.97
C HIS C 135 -6.26 -19.08 -18.44
N LEU C 136 -7.54 -19.24 -18.05
CA LEU C 136 -8.38 -18.12 -17.65
C LEU C 136 -8.77 -18.37 -16.20
N PRO C 137 -8.00 -17.83 -15.23
CA PRO C 137 -8.12 -18.28 -13.84
C PRO C 137 -9.52 -18.06 -13.28
N HIS C 138 -10.22 -17.05 -13.84
CA HIS C 138 -11.53 -16.72 -13.26
C HIS C 138 -12.71 -17.24 -14.11
N CYS C 139 -12.48 -18.13 -15.06
CA CYS C 139 -13.53 -18.60 -15.96
C CYS C 139 -13.71 -20.12 -15.89
N ILE C 140 -14.99 -20.52 -15.95
CA ILE C 140 -15.42 -21.90 -15.87
C ILE C 140 -16.32 -22.14 -17.08
N MET C 141 -16.40 -23.41 -17.54
CA MET C 141 -17.30 -23.75 -18.63
C MET C 141 -17.87 -25.14 -18.41
N MET C 142 -19.16 -25.29 -18.74
CA MET C 142 -19.81 -26.59 -18.82
C MET C 142 -20.42 -26.74 -20.20
N VAL C 143 -20.15 -27.87 -20.85
CA VAL C 143 -20.67 -28.17 -22.18
C VAL C 143 -21.68 -29.29 -22.04
N VAL C 144 -22.89 -29.11 -22.58
CA VAL C 144 -23.92 -30.12 -22.53
C VAL C 144 -24.27 -30.59 -23.93
N ASN C 145 -24.35 -31.93 -24.10
CA ASN C 145 -24.77 -32.54 -25.35
C ASN C 145 -25.99 -33.43 -25.10
N ILE C 146 -26.98 -33.26 -25.95
CA ILE C 146 -28.21 -34.03 -25.87
C ILE C 146 -28.38 -34.78 -27.19
N ASN C 147 -28.44 -36.11 -27.10
CA ASN C 147 -28.61 -36.97 -28.24
C ASN C 147 -29.98 -37.64 -28.15
N THR C 148 -30.88 -37.34 -29.09
CA THR C 148 -32.26 -37.78 -28.95
C THR C 148 -32.48 -39.13 -29.63
N GLN C 149 -33.34 -39.94 -28.98
CA GLN C 149 -33.89 -41.14 -29.57
C GLN C 149 -35.35 -40.92 -30.00
N LYS C 150 -35.96 -39.84 -29.49
CA LYS C 150 -37.29 -39.44 -29.88
C LYS C 150 -37.36 -37.91 -29.93
N ASP C 151 -38.38 -37.40 -30.63
CA ASP C 151 -38.65 -35.98 -30.63
C ASP C 151 -38.84 -35.54 -29.17
N THR C 152 -38.20 -34.44 -28.80
CA THR C 152 -38.40 -33.95 -27.46
C THR C 152 -38.17 -32.44 -27.45
N GLU C 153 -38.58 -31.84 -26.35
CA GLU C 153 -38.41 -30.43 -26.11
C GLU C 153 -37.74 -30.32 -24.75
N ILE C 154 -36.60 -29.64 -24.72
CA ILE C 154 -35.91 -29.44 -23.47
C ILE C 154 -36.23 -28.04 -22.96
N ASN C 155 -36.31 -27.95 -21.63
CA ASN C 155 -36.26 -26.68 -20.91
C ASN C 155 -34.99 -26.72 -20.09
N VAL C 156 -34.19 -25.65 -20.20
CA VAL C 156 -32.94 -25.53 -19.50
C VAL C 156 -32.98 -24.27 -18.65
N GLU C 157 -32.53 -24.37 -17.42
CA GLU C 157 -32.47 -23.24 -16.53
C GLU C 157 -31.12 -23.24 -15.83
N ASN C 158 -30.44 -22.10 -15.86
CA ASN C 158 -29.22 -21.87 -15.10
C ASN C 158 -29.59 -20.96 -13.94
N LEU C 159 -29.33 -21.46 -12.72
CA LEU C 159 -29.66 -20.76 -11.50
C LEU C 159 -28.42 -20.12 -10.87
N LEU C 160 -28.53 -18.86 -10.46
CA LEU C 160 -27.55 -18.23 -9.60
C LEU C 160 -28.20 -18.01 -8.23
N GLU C 161 -27.99 -18.98 -7.35
CA GLU C 161 -28.38 -18.92 -5.96
C GLU C 161 -27.23 -18.28 -5.16
N THR C 162 -27.53 -17.19 -4.45
CA THR C 162 -26.57 -16.61 -3.54
C THR C 162 -26.41 -17.54 -2.35
N PRO C 163 -25.22 -18.08 -2.06
CA PRO C 163 -25.02 -18.92 -0.88
C PRO C 163 -25.25 -18.08 0.37
N SER C 164 -25.66 -18.75 1.47
CA SER C 164 -25.95 -18.03 2.69
C SER C 164 -24.66 -17.56 3.37
N SER C 165 -23.50 -17.90 2.81
CA SER C 165 -22.25 -17.32 3.24
C SER C 165 -22.09 -15.87 2.79
N LEU C 166 -22.91 -15.44 1.81
CA LEU C 166 -22.82 -14.11 1.25
C LEU C 166 -24.03 -13.30 1.67
N ASN C 167 -23.90 -11.98 1.53
CA ASN C 167 -25.01 -11.09 1.91
C ASN C 167 -25.11 -9.89 0.96
N ASN C 168 -26.21 -9.16 1.05
CA ASN C 168 -26.43 -7.91 0.32
C ASN C 168 -26.36 -8.13 -1.20
N GLN C 169 -26.87 -9.29 -1.65
CA GLN C 169 -26.78 -9.67 -3.05
C GLN C 169 -27.65 -8.80 -3.93
N GLN C 170 -27.25 -8.72 -5.20
CA GLN C 170 -27.99 -8.10 -6.27
C GLN C 170 -27.96 -9.04 -7.46
N ASN C 171 -29.12 -9.16 -8.11
CA ASN C 171 -29.37 -10.08 -9.22
C ASN C 171 -29.73 -9.30 -10.48
N TYR C 172 -28.83 -9.35 -11.48
CA TYR C 172 -28.97 -8.61 -12.73
C TYR C 172 -29.05 -9.52 -13.96
N PHE C 173 -29.58 -8.97 -15.05
CA PHE C 173 -29.65 -9.68 -16.33
C PHE C 173 -29.66 -8.65 -17.44
N GLN C 174 -28.87 -8.87 -18.50
CA GLN C 174 -28.93 -7.97 -19.64
C GLN C 174 -28.47 -8.69 -20.91
N ASN C 175 -28.80 -8.04 -22.03
CA ASN C 175 -28.40 -8.50 -23.35
C ASN C 175 -27.27 -7.60 -23.86
N ILE C 176 -26.12 -8.21 -24.16
CA ILE C 176 -25.00 -7.55 -24.86
C ILE C 176 -25.18 -7.91 -26.32
N THR C 177 -25.43 -6.90 -27.16
CA THR C 177 -25.74 -7.15 -28.56
C THR C 177 -24.87 -6.32 -29.48
N ASN C 178 -24.75 -6.82 -30.70
CA ASN C 178 -24.32 -6.07 -31.86
C ASN C 178 -24.94 -6.78 -33.07
N THR C 179 -24.47 -6.47 -34.29
CA THR C 179 -25.10 -7.03 -35.47
C THR C 179 -24.88 -8.54 -35.52
N HIS C 180 -23.87 -9.06 -34.81
CA HIS C 180 -23.51 -10.46 -34.90
C HIS C 180 -24.02 -11.30 -33.71
N VAL C 181 -24.14 -10.71 -32.52
CA VAL C 181 -24.36 -11.53 -31.32
C VAL C 181 -25.43 -10.93 -30.41
N ASN C 182 -26.02 -11.83 -29.62
CA ASN C 182 -26.83 -11.53 -28.46
C ASN C 182 -26.32 -12.45 -27.35
N ILE C 183 -25.51 -11.87 -26.46
CA ILE C 183 -24.94 -12.53 -25.30
C ILE C 183 -25.76 -12.17 -24.07
N PRO C 184 -26.64 -13.05 -23.59
CA PRO C 184 -27.42 -12.74 -22.37
C PRO C 184 -26.56 -13.03 -21.15
N LEU C 185 -26.37 -12.02 -20.29
CA LEU C 185 -25.56 -12.12 -19.09
C LEU C 185 -26.45 -12.22 -17.86
N LEU C 186 -26.24 -13.29 -17.12
CA LEU C 186 -26.86 -13.51 -15.80
C LEU C 186 -25.78 -13.17 -14.77
N THR C 187 -25.97 -12.10 -13.99
CA THR C 187 -24.91 -11.61 -13.12
C THR C 187 -25.46 -11.47 -11.69
N SER C 188 -24.64 -11.80 -10.71
CA SER C 188 -24.92 -11.53 -9.31
C SER C 188 -23.69 -10.85 -8.69
N VAL C 189 -23.93 -9.98 -7.72
CA VAL C 189 -22.88 -9.32 -6.95
C VAL C 189 -23.28 -9.45 -5.49
N ALA C 190 -22.35 -9.85 -4.64
CA ALA C 190 -22.67 -9.98 -3.22
C ALA C 190 -21.41 -9.81 -2.39
N PHE C 191 -21.55 -9.89 -1.07
CA PHE C 191 -20.49 -9.56 -0.13
C PHE C 191 -20.22 -10.71 0.83
N THR C 192 -18.95 -10.86 1.22
CA THR C 192 -18.58 -11.82 2.25
C THR C 192 -19.12 -11.33 3.61
N PRO C 193 -19.13 -12.20 4.64
CA PRO C 193 -19.86 -11.88 5.87
C PRO C 193 -19.62 -10.51 6.52
N THR C 194 -18.38 -10.04 6.61
CA THR C 194 -18.11 -8.75 7.27
C THR C 194 -18.02 -7.62 6.24
N GLY C 195 -18.30 -7.91 4.98
CA GLY C 195 -18.23 -6.85 3.99
C GLY C 195 -16.83 -6.76 3.37
N ARG C 196 -15.90 -7.64 3.78
CA ARG C 196 -14.48 -7.47 3.45
C ARG C 196 -14.24 -7.60 1.94
N SER C 197 -15.02 -8.45 1.27
CA SER C 197 -14.80 -8.73 -0.13
C SER C 197 -16.10 -8.71 -0.90
N LYS C 198 -16.04 -8.09 -2.09
CA LYS C 198 -17.16 -8.04 -3.00
C LYS C 198 -16.94 -9.09 -4.08
N ILE C 199 -17.93 -9.97 -4.28
CA ILE C 199 -17.88 -11.06 -5.22
C ILE C 199 -18.83 -10.74 -6.37
N ALA C 200 -18.33 -10.98 -7.61
CA ALA C 200 -19.16 -10.88 -8.81
C ALA C 200 -19.08 -12.17 -9.61
N VAL C 201 -20.24 -12.63 -10.10
CA VAL C 201 -20.35 -13.80 -10.97
C VAL C 201 -21.18 -13.41 -12.18
N SER C 202 -20.75 -13.76 -13.39
CA SER C 202 -21.53 -13.51 -14.58
C SER C 202 -21.48 -14.71 -15.54
N ASN C 203 -22.66 -15.20 -15.95
CA ASN C 203 -22.82 -16.42 -16.76
C ASN C 203 -23.50 -16.11 -18.08
N THR C 204 -23.20 -16.89 -19.13
CA THR C 204 -23.91 -16.79 -20.39
C THR C 204 -24.01 -18.18 -21.02
N PHE C 205 -25.00 -18.37 -21.87
CA PHE C 205 -25.11 -19.56 -22.71
C PHE C 205 -24.47 -19.30 -24.07
N LEU C 206 -23.77 -20.35 -24.56
CA LEU C 206 -23.23 -20.36 -25.90
C LEU C 206 -23.97 -21.39 -26.74
N PHE C 207 -24.39 -20.97 -27.93
CA PHE C 207 -25.11 -21.81 -28.88
C PHE C 207 -24.33 -21.90 -30.18
N ASP C 208 -24.58 -22.97 -30.97
CA ASP C 208 -23.90 -23.12 -32.25
C ASP C 208 -24.67 -22.43 -33.37
N GLU C 209 -25.99 -22.27 -33.23
CA GLU C 209 -26.85 -21.94 -34.36
C GLU C 209 -26.87 -20.45 -34.73
N GLY C 210 -26.34 -19.54 -33.91
CA GLY C 210 -26.23 -18.15 -34.38
C GLY C 210 -27.40 -17.29 -33.90
N LYS C 211 -27.23 -15.96 -33.98
CA LYS C 211 -28.05 -14.99 -33.28
C LYS C 211 -29.54 -15.13 -33.60
N LYS C 212 -29.88 -15.29 -34.87
CA LYS C 212 -31.27 -15.31 -35.29
C LYS C 212 -31.98 -16.59 -34.82
N LEU C 213 -31.25 -17.72 -34.81
CA LEU C 213 -31.89 -19.00 -34.56
C LEU C 213 -31.75 -19.45 -33.11
N GLN C 214 -30.87 -18.82 -32.32
CA GLN C 214 -30.65 -19.25 -30.93
C GLN C 214 -31.94 -19.07 -30.13
N PRO C 215 -32.14 -19.87 -29.05
CA PRO C 215 -33.33 -19.76 -28.22
C PRO C 215 -33.39 -18.38 -27.56
N GLU C 216 -34.60 -17.85 -27.41
CA GLU C 216 -34.84 -16.69 -26.59
C GLU C 216 -34.56 -17.05 -25.12
N ILE C 217 -33.86 -16.14 -24.42
CA ILE C 217 -33.47 -16.39 -23.04
C ILE C 217 -34.40 -15.58 -22.13
N LEU C 218 -35.07 -16.28 -21.24
CA LEU C 218 -35.92 -15.64 -20.25
C LEU C 218 -35.17 -15.47 -18.93
N HIS C 219 -35.55 -14.45 -18.15
CA HIS C 219 -34.93 -14.21 -16.86
C HIS C 219 -36.02 -14.12 -15.79
N ARG C 220 -35.84 -14.85 -14.70
CA ARG C 220 -36.76 -14.82 -13.57
C ARG C 220 -35.99 -14.48 -12.31
N MET C 221 -36.63 -13.70 -11.45
CA MET C 221 -36.08 -13.26 -10.17
C MET C 221 -37.12 -13.54 -9.08
N ASN C 222 -37.39 -14.82 -8.81
CA ASN C 222 -38.58 -15.09 -8.00
C ASN C 222 -38.28 -15.19 -6.50
N ASP C 223 -37.00 -15.34 -6.14
CA ASP C 223 -36.55 -15.47 -4.76
C ASP C 223 -35.59 -14.33 -4.40
N ALA C 224 -35.37 -14.14 -3.12
CA ALA C 224 -34.48 -13.14 -2.56
C ALA C 224 -33.05 -13.54 -2.87
N ASP C 225 -32.80 -14.85 -2.89
CA ASP C 225 -31.45 -15.38 -3.01
C ASP C 225 -31.25 -16.19 -4.29
N MET C 226 -32.15 -16.06 -5.26
CA MET C 226 -31.96 -16.80 -6.50
C MET C 226 -32.63 -16.12 -7.67
N HIS C 227 -31.90 -16.08 -8.80
CA HIS C 227 -32.47 -15.76 -10.08
C HIS C 227 -31.89 -16.72 -11.11
N ALA C 228 -32.48 -16.72 -12.30
CA ALA C 228 -32.21 -17.77 -13.27
C ALA C 228 -32.51 -17.33 -14.66
N MET C 229 -31.70 -17.84 -15.62
CA MET C 229 -32.02 -17.64 -17.01
C MET C 229 -32.37 -19.00 -17.63
N SER C 230 -33.21 -18.98 -18.64
CA SER C 230 -33.79 -20.23 -19.12
C SER C 230 -34.16 -20.11 -20.58
N PHE C 231 -34.31 -21.28 -21.21
CA PHE C 231 -34.81 -21.37 -22.56
C PHE C 231 -35.44 -22.75 -22.80
N ASP C 232 -36.17 -22.81 -23.90
CA ASP C 232 -36.67 -24.07 -24.45
C ASP C 232 -36.07 -24.31 -25.83
N LYS C 233 -35.97 -25.59 -26.20
CA LYS C 233 -35.51 -25.98 -27.52
C LYS C 233 -36.17 -27.30 -27.91
N LYS C 234 -36.84 -27.29 -29.06
CA LYS C 234 -37.35 -28.51 -29.67
C LYS C 234 -36.21 -29.20 -30.42
N ILE C 235 -36.06 -30.52 -30.19
CA ILE C 235 -35.02 -31.31 -30.86
C ILE C 235 -35.72 -32.53 -31.48
N LYS C 236 -35.54 -32.73 -32.77
CA LYS C 236 -36.12 -33.90 -33.45
C LYS C 236 -35.33 -35.15 -33.10
N ALA C 237 -35.99 -36.32 -33.17
CA ALA C 237 -35.34 -37.61 -32.96
C ALA C 237 -34.09 -37.72 -33.81
N GLY C 238 -33.03 -38.33 -33.29
CA GLY C 238 -31.86 -38.67 -34.11
C GLY C 238 -30.84 -37.54 -34.20
N LYS C 239 -31.02 -36.46 -33.44
CA LYS C 239 -30.18 -35.28 -33.56
C LYS C 239 -29.32 -35.12 -32.31
N THR C 240 -28.23 -34.35 -32.45
CA THR C 240 -27.45 -33.91 -31.31
C THR C 240 -27.65 -32.41 -31.18
N TYR C 241 -28.02 -31.96 -29.99
CA TYR C 241 -28.10 -30.54 -29.70
C TYR C 241 -27.10 -30.27 -28.60
N SER C 242 -26.31 -29.22 -28.78
CA SER C 242 -25.24 -28.89 -27.84
C SER C 242 -25.39 -27.43 -27.41
N PHE C 243 -25.05 -27.14 -26.16
CA PHE C 243 -24.95 -25.77 -25.69
C PHE C 243 -23.93 -25.74 -24.54
N ALA C 244 -23.41 -24.57 -24.26
CA ALA C 244 -22.42 -24.42 -23.20
C ALA C 244 -22.81 -23.28 -22.28
N LEU C 245 -22.44 -23.42 -21.00
CA LEU C 245 -22.54 -22.36 -20.03
C LEU C 245 -21.12 -21.91 -19.70
N ILE C 246 -20.86 -20.62 -19.86
CA ILE C 246 -19.62 -20.00 -19.46
C ILE C 246 -19.89 -19.05 -18.30
N GLY C 247 -19.00 -19.10 -17.31
CA GLY C 247 -19.16 -18.26 -16.12
C GLY C 247 -17.82 -17.72 -15.64
N SER C 248 -17.82 -16.47 -15.17
CA SER C 248 -16.66 -15.83 -14.58
C SER C 248 -16.97 -15.49 -13.14
N LEU C 249 -16.00 -15.70 -12.26
CA LEU C 249 -16.17 -15.52 -10.82
C LEU C 249 -14.91 -14.83 -10.31
N ILE C 250 -15.09 -13.62 -9.75
CA ILE C 250 -13.98 -12.78 -9.37
C ILE C 250 -14.39 -11.93 -8.18
N SER C 251 -13.41 -11.41 -7.44
CA SER C 251 -13.68 -10.61 -6.24
C SER C 251 -12.81 -9.36 -6.19
N SER C 252 -13.09 -8.51 -5.21
CA SER C 252 -12.32 -7.30 -4.91
C SER C 252 -10.93 -7.64 -4.37
N ASP C 253 -10.70 -8.90 -4.01
CA ASP C 253 -9.35 -9.36 -3.64
C ASP C 253 -8.48 -9.50 -4.87
N HIS C 254 -9.11 -9.67 -6.04
CA HIS C 254 -8.43 -9.95 -7.30
C HIS C 254 -8.42 -8.74 -8.23
N ILE C 255 -9.42 -7.85 -8.14
CA ILE C 255 -9.58 -6.77 -9.07
C ILE C 255 -10.38 -5.68 -8.39
N ASN C 256 -10.18 -4.42 -8.82
CA ASN C 256 -10.82 -3.28 -8.18
C ASN C 256 -12.34 -3.31 -8.39
N ASP C 257 -12.76 -3.68 -9.61
CA ASP C 257 -14.18 -3.55 -10.02
C ASP C 257 -14.62 -4.92 -10.49
N PRO C 258 -14.88 -5.86 -9.56
CA PRO C 258 -15.26 -7.23 -9.95
C PRO C 258 -16.55 -7.31 -10.75
N TYR C 259 -17.53 -6.40 -10.49
CA TYR C 259 -18.78 -6.43 -11.22
C TYR C 259 -18.56 -6.30 -12.72
N ASN C 260 -17.91 -5.21 -13.14
CA ASN C 260 -17.67 -4.93 -14.55
C ASN C 260 -16.70 -5.95 -15.11
N GLU C 261 -15.73 -6.32 -14.29
CA GLU C 261 -14.73 -7.25 -14.82
C GLU C 261 -15.32 -8.65 -15.08
N ALA C 262 -16.29 -9.11 -14.27
CA ALA C 262 -16.87 -10.42 -14.50
C ALA C 262 -17.61 -10.41 -15.83
N GLU C 263 -18.39 -9.32 -16.09
CA GLU C 263 -19.16 -9.23 -17.32
C GLU C 263 -18.21 -9.18 -18.49
N ARG C 264 -17.15 -8.38 -18.35
CA ARG C 264 -16.17 -8.27 -19.41
C ARG C 264 -15.59 -9.64 -19.77
N LEU C 265 -15.19 -10.39 -18.76
CA LEU C 265 -14.56 -11.70 -18.90
C LEU C 265 -15.52 -12.67 -19.58
N THR C 266 -16.79 -12.68 -19.13
CA THR C 266 -17.73 -13.62 -19.72
C THR C 266 -18.00 -13.27 -21.18
N ILE C 267 -18.08 -11.98 -21.53
CA ILE C 267 -18.27 -11.55 -22.91
C ILE C 267 -17.07 -12.04 -23.74
N TYR C 268 -15.88 -11.75 -23.23
CA TYR C 268 -14.66 -12.18 -23.90
C TYR C 268 -14.66 -13.68 -24.16
N ALA C 269 -14.90 -14.47 -23.11
CA ALA C 269 -14.90 -15.92 -23.24
C ALA C 269 -15.94 -16.39 -24.25
N ALA C 270 -17.16 -15.81 -24.22
CA ALA C 270 -18.21 -16.17 -25.16
C ALA C 270 -17.78 -15.95 -26.59
N LEU C 271 -17.03 -14.87 -26.80
CA LEU C 271 -16.63 -14.53 -28.16
C LEU C 271 -15.43 -15.37 -28.55
N GLU C 272 -14.62 -15.84 -27.60
CA GLU C 272 -13.61 -16.85 -27.94
C GLU C 272 -14.28 -18.14 -28.47
N GLY C 273 -15.35 -18.56 -27.77
CA GLY C 273 -16.08 -19.77 -28.13
C GLY C 273 -15.48 -21.05 -27.50
N LYS C 274 -16.34 -22.07 -27.39
CA LYS C 274 -16.03 -23.34 -26.78
C LYS C 274 -14.74 -23.95 -27.34
N SER C 275 -14.59 -24.00 -28.67
CA SER C 275 -13.49 -24.74 -29.27
C SER C 275 -12.14 -24.09 -28.94
N ARG C 276 -12.07 -22.77 -29.08
CA ARG C 276 -10.88 -22.01 -28.74
C ARG C 276 -10.53 -22.14 -27.25
N LEU C 277 -11.55 -22.06 -26.39
CA LEU C 277 -11.31 -22.14 -24.97
C LEU C 277 -10.71 -23.52 -24.61
N LEU C 278 -11.29 -24.58 -25.15
CA LEU C 278 -10.87 -25.93 -24.77
C LEU C 278 -9.49 -26.23 -25.34
N ASN C 279 -9.19 -25.69 -26.51
CA ASN C 279 -7.88 -25.89 -27.12
C ASN C 279 -6.78 -25.30 -26.23
N ARG C 280 -6.97 -24.06 -25.77
CA ARG C 280 -6.02 -23.38 -24.89
CA ARG C 280 -6.00 -23.43 -24.91
C ARG C 280 -5.90 -24.18 -23.58
N HIS C 281 -7.06 -24.51 -22.99
CA HIS C 281 -7.11 -25.34 -21.79
C HIS C 281 -6.29 -26.63 -21.95
N MET C 282 -6.47 -27.34 -23.08
CA MET C 282 -5.80 -28.61 -23.32
C MET C 282 -4.30 -28.41 -23.44
N GLN C 283 -3.88 -27.32 -24.11
CA GLN C 283 -2.47 -27.04 -24.30
C GLN C 283 -1.77 -26.83 -22.96
N GLU C 284 -2.43 -26.13 -22.03
CA GLU C 284 -1.85 -25.84 -20.72
C GLU C 284 -1.76 -27.13 -19.90
N TRP C 285 -2.77 -28.01 -20.01
CA TRP C 285 -2.76 -29.28 -19.28
C TRP C 285 -1.70 -30.21 -19.88
N ASN C 286 -1.58 -30.21 -21.20
CA ASN C 286 -0.52 -30.99 -21.85
C ASN C 286 0.86 -30.63 -21.29
N SER C 287 1.12 -29.33 -21.07
CA SER C 287 2.39 -28.86 -20.55
C SER C 287 2.59 -29.37 -19.12
N LEU C 288 1.54 -29.27 -18.31
CA LEU C 288 1.66 -29.77 -16.96
C LEU C 288 2.06 -31.24 -16.95
N TRP C 289 1.52 -32.07 -17.88
CA TRP C 289 1.74 -33.51 -17.83
C TRP C 289 3.03 -33.92 -18.54
N GLN C 290 3.80 -32.94 -19.03
CA GLN C 290 5.15 -33.23 -19.48
C GLN C 290 6.04 -33.65 -18.31
N SER C 291 5.66 -33.31 -17.08
CA SER C 291 6.22 -33.91 -15.87
C SER C 291 5.22 -34.91 -15.28
N ASP C 292 5.65 -36.17 -15.23
CA ASP C 292 4.75 -37.30 -15.04
C ASP C 292 5.51 -38.43 -14.33
N ILE C 293 4.73 -39.37 -13.80
CA ILE C 293 5.25 -40.55 -13.14
C ILE C 293 4.49 -41.74 -13.72
N GLN C 294 5.24 -42.69 -14.30
CA GLN C 294 4.68 -43.88 -14.90
C GLN C 294 5.17 -45.11 -14.14
N VAL C 295 4.23 -46.01 -13.80
CA VAL C 295 4.52 -47.22 -13.08
C VAL C 295 4.00 -48.39 -13.91
N GLU C 296 4.89 -49.33 -14.25
CA GLU C 296 4.50 -50.58 -14.87
C GLU C 296 4.36 -51.69 -13.81
N GLY C 297 3.25 -52.44 -13.90
CA GLY C 297 3.07 -53.64 -13.10
C GLY C 297 2.09 -53.43 -11.94
N ASP C 298 1.51 -52.22 -11.82
CA ASP C 298 0.61 -51.90 -10.73
C ASP C 298 -0.35 -50.80 -11.18
N PRO C 299 -1.41 -51.18 -11.93
CA PRO C 299 -2.39 -50.21 -12.40
C PRO C 299 -3.00 -49.35 -11.29
N GLN C 300 -3.18 -49.94 -10.11
CA GLN C 300 -3.77 -49.19 -9.01
C GLN C 300 -2.83 -48.07 -8.55
N ALA C 301 -1.55 -48.40 -8.32
CA ALA C 301 -0.57 -47.38 -7.97
C ALA C 301 -0.49 -46.31 -9.06
N GLN C 302 -0.47 -46.76 -10.34
CA GLN C 302 -0.37 -45.83 -11.44
C GLN C 302 -1.47 -44.78 -11.36
N GLN C 303 -2.71 -45.23 -11.20
CA GLN C 303 -3.86 -44.34 -11.08
C GLN C 303 -3.80 -43.46 -9.82
N ASP C 304 -3.44 -44.05 -8.68
CA ASP C 304 -3.35 -43.29 -7.43
C ASP C 304 -2.35 -42.15 -7.53
N ILE C 305 -1.19 -42.45 -8.11
CA ILE C 305 -0.11 -41.47 -8.23
C ILE C 305 -0.51 -40.36 -9.20
N ARG C 306 -1.16 -40.75 -10.30
CA ARG C 306 -1.67 -39.78 -11.25
C ARG C 306 -2.66 -38.85 -10.57
N SER C 307 -3.52 -39.40 -9.70
CA SER C 307 -4.45 -38.59 -8.95
C SER C 307 -3.69 -37.58 -8.08
N MET C 308 -2.61 -38.01 -7.42
CA MET C 308 -1.88 -37.11 -6.55
C MET C 308 -1.27 -35.95 -7.34
N LEU C 309 -0.65 -36.28 -8.49
CA LEU C 309 -0.10 -35.25 -9.34
C LEU C 309 -1.18 -34.31 -9.83
N TYR C 310 -2.33 -34.90 -10.25
CA TYR C 310 -3.47 -34.14 -10.74
C TYR C 310 -3.97 -33.13 -9.72
N HIS C 311 -4.09 -33.54 -8.45
CA HIS C 311 -4.55 -32.66 -7.42
C HIS C 311 -3.55 -31.54 -7.16
N LEU C 312 -2.25 -31.84 -7.08
CA LEU C 312 -1.29 -30.78 -6.85
C LEU C 312 -1.28 -29.80 -8.02
N TYR C 313 -1.35 -30.31 -9.24
CA TYR C 313 -1.36 -29.44 -10.39
C TYR C 313 -2.61 -28.57 -10.46
N SER C 314 -3.75 -29.15 -10.08
CA SER C 314 -5.01 -28.40 -10.02
C SER C 314 -5.08 -27.36 -8.90
N PHE C 315 -4.35 -27.57 -7.80
CA PHE C 315 -4.38 -26.72 -6.62
C PHE C 315 -3.19 -25.76 -6.52
N THR C 316 -2.42 -25.58 -7.60
CA THR C 316 -1.38 -24.57 -7.64
C THR C 316 -1.45 -23.85 -8.98
N ARG C 317 -0.68 -22.78 -9.13
CA ARG C 317 -0.68 -22.07 -10.39
C ARG C 317 0.66 -21.33 -10.55
N LYS C 318 1.35 -21.62 -11.64
CA LYS C 318 2.57 -20.88 -11.94
C LYS C 318 2.29 -19.40 -12.13
N SER C 319 3.36 -18.62 -11.99
CA SER C 319 3.34 -17.19 -12.27
C SER C 319 2.37 -16.44 -11.37
N THR C 320 2.27 -16.87 -10.10
CA THR C 320 1.39 -16.22 -9.14
C THR C 320 2.13 -16.07 -7.82
N SER C 321 1.38 -15.61 -6.79
CA SER C 321 1.82 -15.61 -5.39
C SER C 321 0.83 -16.40 -4.55
N LEU C 322 0.23 -17.43 -5.17
CA LEU C 322 -0.77 -18.26 -4.49
C LEU C 322 -0.05 -19.45 -3.88
N SER C 323 -0.54 -19.91 -2.73
CA SER C 323 -0.05 -21.10 -2.05
C SER C 323 -1.22 -21.96 -1.63
N PRO C 324 -1.11 -23.30 -1.71
CA PRO C 324 -2.26 -24.15 -1.38
C PRO C 324 -2.45 -24.32 0.13
N SER C 325 -3.71 -24.40 0.54
CA SER C 325 -4.05 -24.88 1.86
C SER C 325 -3.84 -26.38 1.93
N PRO C 326 -3.96 -27.02 3.13
CA PRO C 326 -3.89 -28.48 3.22
C PRO C 326 -4.90 -29.25 2.37
N MET C 327 -5.99 -28.57 1.97
CA MET C 327 -7.06 -29.16 1.17
C MET C 327 -7.19 -28.48 -0.16
N GLY C 328 -6.14 -27.72 -0.57
CA GLY C 328 -6.14 -27.04 -1.87
C GLY C 328 -7.46 -26.29 -2.11
N LEU C 329 -8.11 -26.56 -3.25
CA LEU C 329 -9.38 -25.94 -3.59
C LEU C 329 -10.48 -26.98 -3.61
N SER C 330 -10.36 -28.01 -2.75
CA SER C 330 -11.32 -29.10 -2.63
C SER C 330 -12.43 -28.73 -1.63
N GLY C 331 -12.31 -27.56 -1.00
CA GLY C 331 -13.29 -27.11 -0.03
C GLY C 331 -12.68 -26.14 0.97
N LEU C 332 -13.33 -25.97 2.12
CA LEU C 332 -12.92 -25.00 3.13
C LEU C 332 -12.01 -25.62 4.18
N GLY C 333 -11.46 -26.81 3.95
CA GLY C 333 -10.65 -27.48 4.98
C GLY C 333 -9.58 -26.56 5.58
N TYR C 334 -9.51 -26.48 6.92
CA TYR C 334 -8.52 -25.63 7.60
C TYR C 334 -8.56 -24.19 7.09
N ASN C 335 -9.77 -23.75 6.67
CA ASN C 335 -10.08 -22.36 6.42
C ASN C 335 -9.36 -21.82 5.19
N GLY C 336 -8.73 -22.69 4.39
CA GLY C 336 -7.99 -22.21 3.27
C GLY C 336 -6.61 -21.66 3.66
N HIS C 337 -6.20 -21.86 4.93
CA HIS C 337 -4.99 -21.23 5.40
C HIS C 337 -3.80 -22.01 4.87
N VAL C 338 -2.68 -21.32 4.84
CA VAL C 338 -1.39 -21.81 4.35
C VAL C 338 -0.51 -22.14 5.56
N PHE C 339 0.04 -23.37 5.55
CA PHE C 339 0.82 -23.95 6.61
C PHE C 339 2.16 -24.41 6.04
N TRP C 340 2.99 -24.95 6.91
CA TRP C 340 4.25 -25.57 6.45
C TRP C 340 3.96 -26.77 5.59
N ASP C 341 2.70 -27.27 5.56
CA ASP C 341 2.27 -28.22 4.54
C ASP C 341 2.74 -27.81 3.14
N THR C 342 2.78 -26.50 2.82
CA THR C 342 3.28 -26.12 1.52
C THR C 342 4.78 -26.38 1.49
N GLU C 343 5.54 -25.67 2.32
CA GLU C 343 7.00 -25.66 2.23
C GLU C 343 7.61 -27.09 2.24
N ILE C 344 7.16 -27.92 3.18
CA ILE C 344 7.80 -29.21 3.43
C ILE C 344 7.12 -30.39 2.72
N TRP C 345 5.82 -30.28 2.41
CA TRP C 345 5.05 -31.41 1.96
C TRP C 345 4.67 -31.26 0.48
N MET C 346 4.11 -30.13 0.03
CA MET C 346 3.65 -29.98 -1.36
C MET C 346 4.72 -29.39 -2.28
N PHE C 347 5.57 -28.52 -1.70
CA PHE C 347 6.56 -27.75 -2.44
C PHE C 347 7.61 -28.70 -3.01
N PRO C 348 8.24 -29.62 -2.25
CA PRO C 348 9.35 -30.38 -2.82
C PRO C 348 9.03 -31.15 -4.11
N PRO C 349 7.92 -31.89 -4.22
CA PRO C 349 7.59 -32.56 -5.48
C PRO C 349 7.37 -31.61 -6.64
N MET C 350 6.78 -30.46 -6.38
CA MET C 350 6.53 -29.44 -7.39
C MET C 350 7.83 -28.78 -7.80
N LEU C 351 8.76 -28.56 -6.84
CA LEU C 351 10.06 -27.99 -7.18
C LEU C 351 10.78 -28.87 -8.21
N LEU C 352 10.71 -30.21 -8.05
CA LEU C 352 11.44 -31.11 -8.96
C LEU C 352 10.78 -31.18 -10.34
N LEU C 353 9.44 -31.15 -10.39
CA LEU C 353 8.67 -31.44 -11.59
C LEU C 353 8.36 -30.17 -12.37
N HIS C 354 8.05 -29.06 -11.66
CA HIS C 354 7.64 -27.82 -12.28
C HIS C 354 8.12 -26.67 -11.42
N PRO C 355 9.39 -26.25 -11.50
CA PRO C 355 9.93 -25.24 -10.58
C PRO C 355 9.16 -23.91 -10.54
N GLU C 356 8.41 -23.62 -11.60
CA GLU C 356 7.63 -22.40 -11.69
C GLU C 356 6.48 -22.51 -10.71
N ILE C 357 6.09 -23.73 -10.37
CA ILE C 357 4.96 -23.86 -9.40
C ILE C 357 5.52 -23.59 -8.00
N ALA C 358 6.66 -24.21 -7.68
CA ALA C 358 7.36 -23.96 -6.43
C ALA C 358 7.61 -22.45 -6.27
N LYS C 359 7.96 -21.75 -7.38
CA LYS C 359 8.25 -20.32 -7.32
C LYS C 359 7.05 -19.51 -6.84
N SER C 360 5.87 -19.89 -7.28
CA SER C 360 4.62 -19.30 -6.77
C SER C 360 4.45 -19.49 -5.26
N MET C 361 4.67 -20.72 -4.81
CA MET C 361 4.55 -21.03 -3.39
C MET C 361 5.53 -20.19 -2.58
N ILE C 362 6.78 -20.05 -2.98
CA ILE C 362 7.70 -19.24 -2.18
C ILE C 362 7.38 -17.75 -2.33
N GLU C 363 6.83 -17.34 -3.49
CA GLU C 363 6.45 -15.96 -3.72
C GLU C 363 5.40 -15.54 -2.71
N TYR C 364 4.51 -16.47 -2.38
CA TYR C 364 3.47 -16.21 -1.39
C TYR C 364 4.08 -15.73 -0.07
N ARG C 365 5.17 -16.40 0.36
CA ARG C 365 5.81 -16.05 1.62
C ARG C 365 6.61 -14.75 1.41
N TYR C 366 7.31 -14.57 0.26
CA TYR C 366 8.13 -13.39 0.07
C TYR C 366 7.27 -12.13 0.19
N GLN C 367 6.09 -12.19 -0.42
CA GLN C 367 5.16 -11.07 -0.41
C GLN C 367 4.64 -10.80 0.99
N ARG C 368 4.79 -11.78 1.88
CA ARG C 368 4.27 -11.70 3.24
C ARG C 368 5.40 -11.54 4.26
N LEU C 369 6.60 -11.10 3.81
CA LEU C 369 7.72 -10.98 4.72
C LEU C 369 7.50 -9.84 5.71
N ASP C 370 6.87 -8.75 5.29
CA ASP C 370 6.62 -7.63 6.20
C ASP C 370 5.70 -8.06 7.34
N ALA C 371 4.66 -8.86 7.02
CA ALA C 371 3.76 -9.36 8.03
C ALA C 371 4.50 -10.26 9.03
N ALA C 372 5.47 -11.03 8.53
CA ALA C 372 6.26 -11.89 9.40
C ALA C 372 7.15 -11.03 10.30
N ARG C 373 7.66 -9.90 9.76
CA ARG C 373 8.46 -8.98 10.58
C ARG C 373 7.60 -8.41 11.71
N LYS C 374 6.34 -8.11 11.39
CA LYS C 374 5.42 -7.56 12.37
C LYS C 374 5.14 -8.57 13.48
N LYS C 375 4.90 -9.84 13.09
CA LYS C 375 4.62 -10.89 14.06
C LYS C 375 5.80 -11.02 15.01
N ALA C 376 7.03 -11.09 14.48
CA ALA C 376 8.18 -11.23 15.35
C ALA C 376 8.21 -10.11 16.39
N ALA C 377 7.95 -8.87 15.96
CA ALA C 377 8.05 -7.73 16.85
C ALA C 377 7.01 -7.82 17.97
N ILE C 378 5.79 -8.29 17.60
CA ILE C 378 4.72 -8.41 18.58
C ILE C 378 5.03 -9.47 19.64
N TYR C 379 5.76 -10.53 19.26
CA TYR C 379 6.08 -11.63 20.15
C TYR C 379 7.51 -11.52 20.74
N GLY C 380 8.21 -10.40 20.50
CA GLY C 380 9.40 -10.06 21.26
C GLY C 380 10.70 -10.54 20.61
N TYR C 381 10.66 -10.78 19.29
CA TYR C 381 11.80 -11.29 18.56
C TYR C 381 12.24 -10.36 17.44
N ASP C 382 13.41 -10.67 16.86
CA ASP C 382 13.97 -9.96 15.72
C ASP C 382 13.55 -10.63 14.42
N GLY C 383 13.81 -9.95 13.31
CA GLY C 383 13.68 -10.57 11.99
C GLY C 383 12.24 -10.88 11.59
N ALA C 384 12.07 -12.00 10.89
CA ALA C 384 10.79 -12.44 10.39
C ALA C 384 10.37 -13.76 11.05
N MET C 385 9.19 -13.73 11.65
CA MET C 385 8.59 -14.88 12.30
C MET C 385 7.35 -15.20 11.48
N PHE C 386 7.43 -16.20 10.62
CA PHE C 386 6.28 -16.56 9.80
C PHE C 386 5.20 -17.14 10.69
N PRO C 387 3.91 -16.86 10.36
CA PRO C 387 2.78 -17.39 11.16
C PRO C 387 2.63 -18.89 10.97
N TRP C 388 2.06 -19.55 11.98
CA TRP C 388 1.69 -20.95 11.87
C TRP C 388 0.66 -21.15 10.74
N GLU C 389 -0.35 -20.29 10.69
CA GLU C 389 -1.35 -20.31 9.64
C GLU C 389 -1.43 -18.92 9.03
N SER C 390 -1.42 -18.90 7.68
CA SER C 390 -1.39 -17.68 6.92
C SER C 390 -2.55 -17.65 5.94
N ALA C 391 -2.97 -16.43 5.58
CA ALA C 391 -4.05 -16.24 4.62
C ALA C 391 -3.77 -15.00 3.80
N ASP C 392 -4.63 -13.97 3.82
CA ASP C 392 -4.44 -12.83 2.93
C ASP C 392 -3.24 -11.98 3.35
N SER C 393 -3.19 -11.52 4.59
CA SER C 393 -2.23 -10.48 4.98
C SER C 393 -0.81 -11.03 5.18
N GLY C 394 -0.70 -12.30 5.58
CA GLY C 394 0.54 -12.88 6.07
C GLY C 394 0.71 -12.80 7.60
N ALA C 395 -0.28 -12.21 8.29
CA ALA C 395 -0.32 -12.23 9.74
C ALA C 395 -0.77 -13.60 10.23
N GLU C 396 -0.65 -13.83 11.54
CA GLU C 396 -1.15 -15.06 12.17
C GLU C 396 -2.68 -15.18 12.06
N GLU C 397 -3.14 -16.36 11.66
CA GLU C 397 -4.54 -16.67 11.45
C GLU C 397 -4.95 -17.97 12.14
N THR C 398 -4.06 -18.62 12.89
CA THR C 398 -4.47 -19.78 13.69
C THR C 398 -5.59 -19.44 14.65
N PRO C 399 -6.64 -20.26 14.75
CA PRO C 399 -7.62 -20.07 15.82
C PRO C 399 -6.96 -19.95 17.18
N VAL C 400 -7.49 -19.05 18.05
CA VAL C 400 -6.80 -18.72 19.28
C VAL C 400 -6.86 -19.89 20.28
N ASN C 401 -7.82 -20.82 20.11
CA ASN C 401 -7.93 -21.97 20.99
C ASN C 401 -6.88 -23.03 20.68
N ALA C 402 -6.11 -22.90 19.59
CA ALA C 402 -5.04 -23.85 19.27
C ALA C 402 -3.68 -23.25 19.60
N LEU C 403 -2.92 -23.91 20.48
CA LEU C 403 -1.66 -23.35 21.00
C LEU C 403 -0.59 -23.31 19.91
N THR C 404 -0.89 -23.93 18.78
CA THR C 404 0.06 -23.93 17.65
C THR C 404 0.36 -22.51 17.19
N GLY C 405 -0.66 -21.65 17.17
CA GLY C 405 -0.59 -20.30 16.65
C GLY C 405 0.49 -19.49 17.37
N ALA C 406 0.52 -19.59 18.69
CA ALA C 406 1.46 -18.83 19.49
C ALA C 406 2.81 -19.53 19.61
N PHE C 407 2.84 -20.87 19.55
CA PHE C 407 3.99 -21.65 20.05
C PHE C 407 4.63 -22.61 19.05
N GLU C 408 4.03 -22.92 17.90
CA GLU C 408 4.69 -23.88 17.01
C GLU C 408 5.52 -23.08 16.03
N HIS C 409 6.82 -22.92 16.32
CA HIS C 409 7.62 -21.90 15.67
C HIS C 409 8.47 -22.44 14.50
N HIS C 410 8.42 -23.76 14.27
CA HIS C 410 9.30 -24.33 13.24
C HIS C 410 8.96 -23.81 11.84
N VAL C 411 7.73 -23.33 11.61
CA VAL C 411 7.31 -22.78 10.32
C VAL C 411 8.29 -21.76 9.75
N THR C 412 8.93 -20.94 10.60
CA THR C 412 9.87 -19.96 10.13
C THR C 412 11.04 -20.67 9.45
N GLY C 413 11.52 -21.75 10.09
CA GLY C 413 12.64 -22.48 9.48
C GLY C 413 12.18 -23.22 8.22
N ASP C 414 10.92 -23.69 8.20
CA ASP C 414 10.38 -24.36 7.04
C ASP C 414 10.41 -23.46 5.81
N VAL C 415 10.09 -22.18 5.99
CA VAL C 415 10.03 -21.23 4.88
C VAL C 415 11.44 -20.98 4.36
N ALA C 416 12.39 -20.86 5.29
CA ALA C 416 13.79 -20.67 4.93
C ALA C 416 14.29 -21.87 4.12
N ILE C 417 13.98 -23.09 4.56
CA ILE C 417 14.46 -24.31 3.89
C ILE C 417 13.93 -24.32 2.46
N ALA C 418 12.64 -24.06 2.29
CA ALA C 418 12.10 -24.02 0.93
C ALA C 418 12.77 -22.94 0.08
N ALA C 419 13.04 -21.76 0.66
CA ALA C 419 13.63 -20.66 -0.09
C ALA C 419 14.99 -21.12 -0.63
N TRP C 420 15.79 -21.74 0.24
CA TRP C 420 17.12 -22.17 -0.13
C TRP C 420 17.04 -23.25 -1.20
N GLN C 421 16.15 -24.23 -1.00
CA GLN C 421 15.96 -25.27 -1.99
C GLN C 421 15.57 -24.71 -3.36
N TYR C 422 14.72 -23.69 -3.42
CA TYR C 422 14.35 -23.07 -4.68
C TYR C 422 15.63 -22.67 -5.43
N TYR C 423 16.54 -21.99 -4.73
CA TYR C 423 17.81 -21.60 -5.33
C TYR C 423 18.68 -22.79 -5.69
N LEU C 424 18.77 -23.81 -4.83
CA LEU C 424 19.58 -25.00 -5.15
C LEU C 424 19.13 -25.62 -6.48
N VAL C 425 17.82 -25.76 -6.69
CA VAL C 425 17.33 -26.49 -7.85
C VAL C 425 17.31 -25.63 -9.12
N THR C 426 17.05 -24.31 -9.01
CA THR C 426 17.01 -23.46 -10.20
C THR C 426 18.37 -22.85 -10.50
N GLY C 427 19.12 -22.56 -9.43
CA GLY C 427 20.38 -21.84 -9.59
C GLY C 427 20.16 -20.36 -9.95
N ASP C 428 18.97 -19.82 -9.67
CA ASP C 428 18.62 -18.46 -10.04
C ASP C 428 19.16 -17.48 -9.01
N LYS C 429 20.33 -16.90 -9.33
CA LYS C 429 21.04 -16.03 -8.38
C LYS C 429 20.37 -14.66 -8.29
N GLU C 430 19.63 -14.25 -9.32
CA GLU C 430 18.92 -12.98 -9.29
C GLU C 430 17.77 -13.09 -8.30
N TRP C 431 17.05 -14.21 -8.38
CA TRP C 431 16.01 -14.50 -7.40
C TRP C 431 16.59 -14.59 -5.99
N LEU C 432 17.78 -15.20 -5.86
CA LEU C 432 18.38 -15.34 -4.54
C LEU C 432 18.63 -13.95 -3.96
N LYS C 433 19.15 -13.01 -4.76
CA LYS C 433 19.41 -11.64 -4.31
C LYS C 433 18.12 -10.90 -3.99
N GLU C 434 17.08 -11.04 -4.83
CA GLU C 434 15.93 -10.16 -4.72
C GLU C 434 14.97 -10.67 -3.65
N LYS C 435 14.91 -12.00 -3.50
CA LYS C 435 13.82 -12.62 -2.75
C LYS C 435 14.31 -13.61 -1.70
N GLY C 436 15.11 -14.59 -2.10
CA GLY C 436 15.58 -15.61 -1.19
C GLY C 436 16.40 -15.06 -0.01
N TRP C 437 17.35 -14.14 -0.25
CA TRP C 437 18.16 -13.57 0.82
C TRP C 437 17.30 -12.77 1.80
N PRO C 438 16.45 -11.82 1.34
CA PRO C 438 15.51 -11.17 2.25
C PRO C 438 14.82 -12.17 3.19
N ILE C 439 14.35 -13.30 2.65
CA ILE C 439 13.73 -14.31 3.49
C ILE C 439 14.77 -14.94 4.44
N LEU C 440 15.90 -15.41 3.87
CA LEU C 440 16.88 -16.15 4.66
C LEU C 440 17.49 -15.25 5.74
N LYS C 441 17.80 -13.99 5.40
CA LYS C 441 18.40 -13.07 6.35
C LYS C 441 17.45 -12.86 7.54
N ALA C 442 16.19 -12.51 7.24
CA ALA C 442 15.22 -12.15 8.27
C ALA C 442 14.86 -13.33 9.17
N THR C 443 14.69 -14.50 8.55
CA THR C 443 14.42 -15.72 9.29
C THR C 443 15.61 -16.13 10.14
N ALA C 444 16.86 -15.97 9.64
CA ALA C 444 17.97 -16.24 10.51
C ALA C 444 18.04 -15.28 11.70
N GLU C 445 17.71 -14.00 11.48
CA GLU C 445 17.69 -13.00 12.55
C GLU C 445 16.67 -13.41 13.64
N PHE C 446 15.58 -13.99 13.18
CA PHE C 446 14.58 -14.51 14.11
C PHE C 446 15.18 -15.58 15.01
N TRP C 447 15.78 -16.61 14.40
CA TRP C 447 16.33 -17.72 15.17
C TRP C 447 17.43 -17.26 16.11
N ALA C 448 18.31 -16.35 15.61
CA ALA C 448 19.36 -15.81 16.46
C ALA C 448 18.81 -15.16 17.73
N SER C 449 17.58 -14.59 17.66
CA SER C 449 16.94 -13.90 18.77
C SER C 449 16.08 -14.86 19.60
N ARG C 450 15.77 -16.04 19.03
CA ARG C 450 14.82 -16.99 19.62
C ARG C 450 15.54 -17.97 20.55
N VAL C 451 16.81 -18.29 20.24
CA VAL C 451 17.57 -19.21 21.06
C VAL C 451 17.92 -18.55 22.39
N GLU C 452 18.21 -19.39 23.39
CA GLU C 452 18.80 -19.00 24.67
C GLU C 452 20.08 -19.80 24.91
N LYS C 453 21.19 -19.10 25.19
CA LYS C 453 22.43 -19.79 25.53
C LYS C 453 22.40 -20.23 26.99
N ASN C 454 22.84 -21.46 27.27
CA ASN C 454 22.83 -21.97 28.63
C ASN C 454 24.25 -21.90 29.21
N ASP C 455 24.42 -22.44 30.43
CA ASP C 455 25.66 -22.40 31.17
C ASP C 455 26.78 -23.18 30.48
N LYS C 456 26.41 -24.18 29.69
CA LYS C 456 27.39 -25.04 29.04
C LYS C 456 27.76 -24.52 27.66
N GLY C 457 27.19 -23.37 27.27
CA GLY C 457 27.46 -22.78 25.96
C GLY C 457 26.62 -23.39 24.85
N GLU C 458 25.60 -24.18 25.21
CA GLU C 458 24.70 -24.75 24.21
C GLU C 458 23.56 -23.76 23.98
N TYR C 459 22.88 -23.87 22.83
CA TYR C 459 21.77 -22.99 22.51
C TYR C 459 20.48 -23.81 22.53
N GLU C 460 19.50 -23.31 23.30
CA GLU C 460 18.24 -23.99 23.46
C GLU C 460 17.12 -23.17 22.83
N ILE C 461 16.04 -23.87 22.45
CA ILE C 461 14.81 -23.25 22.01
C ILE C 461 13.70 -23.79 22.89
N LYS C 462 13.26 -22.97 23.86
CA LYS C 462 12.42 -23.42 24.96
C LYS C 462 10.97 -22.97 24.73
N ASN C 463 10.04 -23.78 25.21
CA ASN C 463 8.59 -23.53 25.23
C ASN C 463 8.05 -23.36 23.81
N VAL C 464 7.89 -24.49 23.12
CA VAL C 464 7.30 -24.55 21.79
C VAL C 464 6.26 -25.66 21.79
N VAL C 465 5.47 -25.67 20.74
CA VAL C 465 4.67 -26.82 20.34
C VAL C 465 5.49 -27.55 19.30
N ALA C 466 5.66 -28.85 19.53
CA ALA C 466 6.46 -29.69 18.63
C ALA C 466 5.76 -29.95 17.29
N ALA C 467 6.56 -30.31 16.24
CA ALA C 467 6.00 -30.85 15.02
C ALA C 467 5.04 -31.99 15.38
N ASP C 468 5.43 -32.82 16.35
CA ASP C 468 4.49 -33.68 17.05
C ASP C 468 3.58 -32.80 17.92
N GLU C 469 2.44 -32.38 17.36
CA GLU C 469 1.67 -31.29 17.95
C GLU C 469 1.03 -31.70 19.28
N TRP C 470 1.06 -33.02 19.60
CA TRP C 470 0.56 -33.47 20.89
C TRP C 470 1.46 -33.07 22.05
N ALA C 471 2.71 -32.72 21.74
CA ALA C 471 3.67 -32.25 22.73
C ALA C 471 3.65 -30.73 22.72
N GLU C 472 3.03 -30.16 23.76
CA GLU C 472 2.78 -28.73 23.84
C GLU C 472 3.58 -28.10 24.99
N ASN C 473 4.27 -26.97 24.68
CA ASN C 473 4.94 -26.18 25.70
C ASN C 473 6.05 -27.01 26.31
N ILE C 474 6.89 -27.55 25.42
CA ILE C 474 8.03 -28.38 25.76
C ILE C 474 9.28 -27.71 25.22
N ASP C 475 10.46 -28.26 25.57
CA ASP C 475 11.71 -27.58 25.26
C ASP C 475 12.55 -28.42 24.32
N ASN C 476 13.24 -27.74 23.40
CA ASN C 476 14.22 -28.37 22.54
C ASN C 476 13.62 -29.52 21.73
N ASN C 477 12.49 -29.24 21.08
CA ASN C 477 11.95 -30.16 20.07
C ASN C 477 13.00 -30.45 18.97
N ALA C 478 13.17 -31.74 18.64
CA ALA C 478 14.14 -32.23 17.64
C ALA C 478 13.87 -31.55 16.29
N TYR C 479 12.63 -31.59 15.77
CA TYR C 479 12.38 -31.00 14.48
C TYR C 479 12.62 -29.49 14.52
N THR C 480 12.06 -28.78 15.50
CA THR C 480 12.15 -27.33 15.56
C THR C 480 13.61 -26.90 15.63
N ASN C 481 14.35 -27.53 16.51
CA ASN C 481 15.79 -27.23 16.62
C ASN C 481 16.53 -27.50 15.31
N GLY C 482 16.21 -28.60 14.65
CA GLY C 482 16.76 -28.92 13.36
C GLY C 482 16.47 -27.84 12.33
N THR C 483 15.23 -27.35 12.26
CA THR C 483 14.89 -26.30 11.30
C THR C 483 15.67 -25.01 11.57
N ALA C 484 15.92 -24.70 12.85
CA ALA C 484 16.68 -23.52 13.22
C ALA C 484 18.12 -23.67 12.72
N ILE C 485 18.68 -24.85 12.93
CA ILE C 485 20.05 -25.11 12.48
C ILE C 485 20.12 -24.87 10.97
N ARG C 486 19.25 -25.53 10.21
CA ARG C 486 19.28 -25.40 8.77
C ARG C 486 19.09 -23.95 8.31
N ASN C 487 18.11 -23.24 8.89
CA ASN C 487 17.86 -21.87 8.52
C ASN C 487 19.10 -21.01 8.72
N LEU C 488 19.79 -21.18 9.84
CA LEU C 488 20.99 -20.39 10.09
C LEU C 488 22.11 -20.77 9.11
N GLN C 489 22.24 -22.07 8.82
CA GLN C 489 23.29 -22.52 7.90
C GLN C 489 23.01 -22.02 6.48
N TYR C 490 21.74 -22.13 6.03
CA TYR C 490 21.41 -21.77 4.66
C TYR C 490 21.56 -20.25 4.47
N ALA C 491 21.20 -19.47 5.51
CA ALA C 491 21.31 -18.02 5.43
C ALA C 491 22.78 -17.65 5.28
N SER C 492 23.63 -18.37 6.01
CA SER C 492 25.07 -18.12 5.99
C SER C 492 25.65 -18.48 4.62
N LYS C 493 25.23 -19.62 4.06
CA LYS C 493 25.62 -20.04 2.72
C LYS C 493 25.13 -19.03 1.68
N CYS C 494 23.88 -18.58 1.83
CA CYS C 494 23.32 -17.62 0.90
C CYS C 494 24.21 -16.37 0.83
N ALA C 495 24.57 -15.86 2.01
CA ALA C 495 25.37 -14.65 2.17
C ALA C 495 26.67 -14.81 1.38
N THR C 496 27.28 -15.99 1.49
CA THR C 496 28.53 -16.27 0.78
C THR C 496 28.33 -16.21 -0.74
N VAL C 497 27.25 -16.83 -1.25
CA VAL C 497 26.95 -16.83 -2.67
C VAL C 497 26.86 -15.39 -3.18
N LEU C 498 26.25 -14.49 -2.41
CA LEU C 498 26.00 -13.12 -2.83
C LEU C 498 27.15 -12.19 -2.45
N GLY C 499 28.17 -12.72 -1.77
CA GLY C 499 29.37 -11.97 -1.46
C GLY C 499 29.15 -10.97 -0.33
N VAL C 500 28.24 -11.31 0.59
CA VAL C 500 27.94 -10.47 1.73
C VAL C 500 28.48 -11.18 2.96
N ILE C 501 28.73 -10.40 4.02
CA ILE C 501 29.24 -10.95 5.26
C ILE C 501 28.05 -11.29 6.14
N ALA C 502 27.94 -12.56 6.54
CA ALA C 502 26.85 -13.00 7.40
C ALA C 502 27.30 -12.89 8.85
N PRO C 503 26.44 -12.49 9.81
CA PRO C 503 26.79 -12.50 11.22
C PRO C 503 27.44 -13.83 11.62
N LYS C 504 28.65 -13.77 12.18
CA LYS C 504 29.32 -15.01 12.58
C LYS C 504 28.52 -15.74 13.66
N GLU C 505 27.62 -15.04 14.33
CA GLU C 505 26.79 -15.67 15.38
C GLU C 505 25.90 -16.76 14.78
N TRP C 506 25.51 -16.64 13.51
CA TRP C 506 24.59 -17.63 12.92
C TRP C 506 25.22 -19.01 12.90
N THR C 507 26.51 -19.10 12.49
CA THR C 507 27.23 -20.36 12.46
C THR C 507 27.50 -20.85 13.90
N LEU C 508 27.89 -19.92 14.80
CA LEU C 508 28.17 -20.29 16.17
C LEU C 508 26.94 -20.94 16.79
N ILE C 509 25.78 -20.33 16.54
CA ILE C 509 24.54 -20.81 17.12
C ILE C 509 24.15 -22.15 16.48
N ALA C 510 24.18 -22.22 15.14
CA ALA C 510 23.78 -23.42 14.45
C ALA C 510 24.55 -24.64 14.98
N ASP C 511 25.84 -24.45 15.31
CA ASP C 511 26.70 -25.57 15.64
C ASP C 511 26.51 -26.03 17.07
N LYS C 512 25.71 -25.31 17.87
CA LYS C 512 25.57 -25.61 19.29
C LYS C 512 24.11 -25.68 19.71
N ILE C 513 23.18 -25.58 18.74
CA ILE C 513 21.78 -25.88 19.03
C ILE C 513 21.66 -27.34 19.44
N LEU C 514 21.02 -27.57 20.59
CA LEU C 514 20.93 -28.88 21.21
C LEU C 514 20.04 -29.83 20.42
N ILE C 515 20.58 -31.00 20.08
CA ILE C 515 19.79 -32.14 19.68
C ILE C 515 20.30 -33.34 20.48
N SER C 516 19.39 -33.95 21.25
CA SER C 516 19.77 -34.87 22.30
C SER C 516 19.37 -36.29 21.94
N LYS C 517 20.06 -37.25 22.54
CA LYS C 517 19.76 -38.66 22.40
C LYS C 517 19.40 -39.22 23.78
N MET C 518 18.49 -40.18 23.77
CA MET C 518 18.11 -40.92 24.95
C MET C 518 19.18 -41.99 25.20
N SER C 519 19.07 -42.70 26.32
CA SER C 519 20.16 -43.60 26.70
C SER C 519 20.24 -44.79 25.75
N ASN C 520 19.16 -45.09 25.02
CA ASN C 520 19.15 -46.15 24.01
C ASN C 520 19.72 -45.65 22.67
N GLY C 521 20.26 -44.43 22.62
CA GLY C 521 20.88 -43.90 21.40
C GLY C 521 19.86 -43.34 20.40
N VAL C 522 18.58 -43.26 20.76
CA VAL C 522 17.56 -42.75 19.87
C VAL C 522 17.44 -41.23 20.06
N THR C 523 17.26 -40.50 18.94
CA THR C 523 17.06 -39.06 18.99
C THR C 523 15.84 -38.74 19.85
N ARG C 524 15.99 -37.88 20.85
CA ARG C 524 14.92 -37.55 21.78
C ARG C 524 14.02 -36.46 21.18
N GLU C 525 12.69 -36.65 21.17
CA GLU C 525 11.85 -35.72 20.46
C GLU C 525 11.85 -34.33 21.11
N HIS C 526 11.84 -34.31 22.46
CA HIS C 526 11.94 -33.07 23.23
C HIS C 526 12.41 -33.43 24.64
N ASP C 527 12.60 -32.39 25.50
CA ASP C 527 13.30 -32.59 26.76
C ASP C 527 12.48 -33.41 27.75
N SER C 528 11.17 -33.53 27.53
CA SER C 528 10.25 -34.26 28.41
C SER C 528 9.81 -35.58 27.80
N TYR C 529 10.47 -36.01 26.73
CA TYR C 529 10.04 -37.16 25.96
C TYR C 529 10.72 -38.41 26.53
N THR C 530 9.95 -39.49 26.70
CA THR C 530 10.48 -40.81 27.02
C THR C 530 9.91 -41.83 26.04
N ASP C 531 8.59 -42.07 26.10
CA ASP C 531 7.97 -43.08 25.28
C ASP C 531 6.52 -42.77 24.92
N GLN C 532 6.13 -41.48 24.94
CA GLN C 532 4.78 -41.07 24.61
C GLN C 532 4.45 -41.41 23.15
N ASN C 533 3.20 -41.75 22.88
CA ASN C 533 2.67 -41.70 21.53
C ASN C 533 2.82 -40.29 20.99
N ILE C 534 3.08 -40.21 19.66
CA ILE C 534 3.30 -38.94 18.94
C ILE C 534 2.31 -38.84 17.79
N LYS C 535 2.03 -37.58 17.38
CA LYS C 535 0.95 -37.34 16.44
C LYS C 535 1.38 -37.73 15.04
N GLN C 536 2.69 -37.54 14.80
CA GLN C 536 3.23 -37.54 13.47
C GLN C 536 4.74 -37.51 13.60
N ALA C 537 5.40 -37.73 12.46
CA ALA C 537 6.84 -37.76 12.42
C ALA C 537 7.40 -36.41 12.88
N ASP C 538 8.50 -36.49 13.63
CA ASP C 538 9.18 -35.34 14.22
C ASP C 538 10.68 -35.65 14.19
N ALA C 539 11.16 -36.51 15.07
CA ALA C 539 12.56 -36.84 15.15
C ALA C 539 13.03 -37.47 13.83
N ASN C 540 12.18 -38.28 13.20
CA ASN C 540 12.52 -38.91 11.92
C ASN C 540 12.69 -37.88 10.82
N LEU C 541 12.07 -36.68 10.96
CA LEU C 541 12.23 -35.63 9.96
C LEU C 541 13.67 -35.10 9.88
N LEU C 542 14.47 -35.35 10.94
CA LEU C 542 15.88 -34.99 10.96
C LEU C 542 16.65 -35.79 9.91
N ALA C 543 16.18 -37.02 9.63
CA ALA C 543 16.80 -37.82 8.59
C ALA C 543 16.34 -37.33 7.21
N TYR C 544 15.03 -37.21 7.01
CA TYR C 544 14.48 -36.67 5.77
C TYR C 544 13.24 -35.88 6.19
N PRO C 545 13.07 -34.59 5.81
CA PRO C 545 13.93 -33.89 4.84
C PRO C 545 15.23 -33.19 5.25
N LEU C 546 15.52 -33.03 6.53
CA LEU C 546 16.56 -32.11 6.96
C LEU C 546 17.95 -32.66 6.63
N LYS C 547 18.12 -33.99 6.69
CA LYS C 547 19.39 -34.64 6.41
C LYS C 547 20.48 -34.22 7.42
N LEU C 548 20.07 -33.87 8.62
CA LEU C 548 20.96 -33.68 9.75
C LEU C 548 21.44 -35.02 10.29
N ILE C 549 20.62 -36.08 10.12
CA ILE C 549 21.03 -37.43 10.49
C ILE C 549 21.22 -38.24 9.22
N THR C 550 22.47 -38.61 8.90
CA THR C 550 22.78 -39.33 7.66
C THR C 550 23.33 -40.74 7.97
N ASP C 551 23.77 -40.96 9.22
CA ASP C 551 24.27 -42.27 9.62
C ASP C 551 23.14 -43.31 9.54
N LYS C 552 23.35 -44.38 8.75
CA LYS C 552 22.26 -45.32 8.47
C LYS C 552 21.79 -46.05 9.74
N GLU C 553 22.71 -46.37 10.66
CA GLU C 553 22.35 -47.01 11.91
C GLU C 553 21.50 -46.09 12.80
N GLN C 554 21.82 -44.79 12.82
CA GLN C 554 21.02 -43.83 13.58
C GLN C 554 19.65 -43.70 12.94
N ILE C 555 19.58 -43.64 11.60
CA ILE C 555 18.29 -43.50 10.93
C ILE C 555 17.39 -44.67 11.32
N GLU C 556 18.01 -45.86 11.32
CA GLU C 556 17.33 -47.11 11.59
C GLU C 556 16.84 -47.17 13.05
N ARG C 557 17.68 -46.74 13.99
CA ARG C 557 17.33 -46.75 15.41
C ARG C 557 16.12 -45.86 15.65
N ASP C 558 16.13 -44.69 15.00
CA ASP C 558 15.06 -43.71 15.20
C ASP C 558 13.77 -44.27 14.59
N LEU C 559 13.86 -44.91 13.43
CA LEU C 559 12.70 -45.57 12.82
C LEU C 559 12.15 -46.64 13.76
N LYS C 560 13.02 -47.52 14.28
CA LYS C 560 12.56 -48.62 15.11
C LYS C 560 11.84 -48.09 16.33
N TYR C 561 12.37 -47.02 16.94
CA TYR C 561 11.82 -46.51 18.17
C TYR C 561 10.48 -45.79 17.92
N TYR C 562 10.41 -44.96 16.87
CA TYR C 562 9.27 -44.08 16.73
C TYR C 562 8.19 -44.65 15.81
N GLN C 563 8.48 -45.64 14.94
CA GLN C 563 7.50 -46.00 13.91
C GLN C 563 6.16 -46.49 14.51
N THR C 564 6.19 -47.16 15.67
CA THR C 564 4.99 -47.64 16.33
C THR C 564 4.42 -46.62 17.30
N LYS C 565 4.99 -45.40 17.40
CA LYS C 565 4.52 -44.39 18.32
C LYS C 565 3.34 -43.59 17.75
N ILE C 566 3.07 -43.70 16.44
CA ILE C 566 1.95 -42.98 15.85
C ILE C 566 0.70 -43.87 15.91
N PRO C 567 -0.34 -43.47 16.67
CA PRO C 567 -1.57 -44.27 16.67
C PRO C 567 -2.27 -44.35 15.31
N GLN C 568 -3.16 -45.33 15.19
CA GLN C 568 -3.94 -45.49 13.98
C GLN C 568 -4.96 -44.35 13.82
N SER C 569 -5.59 -43.92 14.92
CA SER C 569 -6.65 -42.92 14.82
C SER C 569 -6.14 -41.50 15.07
N ASP C 570 -6.73 -40.57 14.31
CA ASP C 570 -6.64 -39.14 14.55
C ASP C 570 -5.23 -38.65 14.32
N THR C 571 -4.50 -39.33 13.42
CA THR C 571 -3.13 -38.96 13.11
C THR C 571 -3.03 -38.62 11.61
N PRO C 572 -2.48 -37.45 11.24
CA PRO C 572 -2.53 -36.97 9.86
C PRO C 572 -1.56 -37.69 8.94
N ALA C 573 -1.79 -37.55 7.63
CA ALA C 573 -0.97 -38.21 6.63
C ALA C 573 0.31 -37.41 6.40
N MET C 574 1.11 -37.35 7.49
CA MET C 574 2.37 -36.61 7.46
C MET C 574 3.45 -37.41 8.21
N THR C 575 3.50 -38.72 7.95
CA THR C 575 4.34 -39.62 8.72
C THR C 575 4.80 -40.77 7.82
N GLN C 576 3.87 -41.61 7.36
CA GLN C 576 4.23 -42.88 6.75
C GLN C 576 4.97 -42.70 5.43
N ALA C 577 4.69 -41.58 4.72
CA ALA C 577 5.42 -41.34 3.48
C ALA C 577 6.90 -41.12 3.76
N ILE C 578 7.22 -40.51 4.90
CA ILE C 578 8.59 -40.27 5.29
C ILE C 578 9.25 -41.61 5.65
N PHE C 579 8.53 -42.44 6.42
CA PHE C 579 9.01 -43.78 6.76
C PHE C 579 9.32 -44.56 5.47
N SER C 580 8.44 -44.46 4.48
CA SER C 580 8.63 -45.18 3.22
C SER C 580 9.91 -44.71 2.54
N LEU C 581 10.03 -43.39 2.42
CA LEU C 581 11.18 -42.78 1.77
C LEU C 581 12.49 -43.22 2.45
N LEU C 582 12.50 -43.17 3.79
CA LEU C 582 13.69 -43.54 4.54
C LEU C 582 14.01 -45.02 4.35
N TYR C 583 13.01 -45.90 4.35
CA TYR C 583 13.26 -47.31 4.10
C TYR C 583 13.72 -47.54 2.65
N SER C 584 13.25 -46.74 1.69
CA SER C 584 13.78 -46.82 0.33
C SER C 584 15.26 -46.44 0.30
N ARG C 585 15.65 -45.39 1.04
CA ARG C 585 17.04 -44.94 1.08
C ARG C 585 17.92 -45.99 1.78
N LEU C 586 17.33 -46.78 2.69
CA LEU C 586 18.01 -47.90 3.34
C LEU C 586 17.90 -49.19 2.51
N GLU C 587 17.25 -49.12 1.34
CA GLU C 587 17.18 -50.22 0.38
C GLU C 587 16.37 -51.39 0.94
N ASP C 588 15.30 -51.08 1.66
CA ASP C 588 14.42 -52.09 2.21
C ASP C 588 13.09 -52.00 1.48
N SER C 589 12.92 -52.83 0.44
CA SER C 589 11.76 -52.75 -0.44
C SER C 589 10.46 -53.08 0.31
N ASP C 590 10.47 -54.15 1.12
CA ASP C 590 9.23 -54.60 1.77
C ASP C 590 8.69 -53.52 2.71
N GLN C 591 9.58 -52.94 3.52
CA GLN C 591 9.17 -51.92 4.49
C GLN C 591 8.80 -50.65 3.74
N ALA C 592 9.60 -50.27 2.71
CA ALA C 592 9.29 -49.08 1.96
C ALA C 592 7.89 -49.17 1.35
N TYR C 593 7.54 -50.34 0.82
CA TYR C 593 6.26 -50.50 0.14
C TYR C 593 5.13 -50.53 1.17
N HIS C 594 5.36 -51.21 2.29
CA HIS C 594 4.37 -51.26 3.37
C HIS C 594 3.95 -49.84 3.76
N TRP C 595 4.94 -48.99 4.02
CA TRP C 595 4.65 -47.64 4.49
C TRP C 595 4.06 -46.75 3.39
N PHE C 596 4.47 -46.95 2.13
CA PHE C 596 3.87 -46.24 1.00
C PHE C 596 2.35 -46.46 0.99
N LYS C 597 1.93 -47.72 1.10
CA LYS C 597 0.50 -48.04 1.05
C LYS C 597 -0.21 -47.49 2.29
N ASP C 598 0.42 -47.67 3.45
CA ASP C 598 -0.19 -47.21 4.70
C ASP C 598 -0.35 -45.70 4.74
N ALA C 599 0.47 -44.97 3.98
CA ALA C 599 0.43 -43.52 3.98
C ALA C 599 -0.88 -42.94 3.44
N TYR C 600 -1.60 -43.66 2.57
CA TYR C 600 -2.79 -43.06 1.96
C TYR C 600 -3.95 -44.03 1.74
N GLN C 601 -3.69 -45.34 1.53
CA GLN C 601 -4.78 -46.28 1.25
C GLN C 601 -5.79 -46.36 2.40
N PRO C 602 -5.39 -46.33 3.69
CA PRO C 602 -6.37 -46.26 4.78
C PRO C 602 -7.14 -44.95 4.94
N ASN C 603 -6.85 -43.94 4.10
CA ASN C 603 -7.42 -42.59 4.24
C ASN C 603 -8.39 -42.31 3.08
N LEU C 604 -8.68 -43.30 2.25
CA LEU C 604 -9.43 -43.05 1.02
C LEU C 604 -10.93 -42.96 1.25
N ASN C 605 -11.59 -42.16 0.41
CA ASN C 605 -13.04 -42.02 0.39
C ASN C 605 -13.57 -42.33 -1.01
N PRO C 606 -14.73 -43.03 -1.13
CA PRO C 606 -15.29 -43.34 -2.45
C PRO C 606 -16.11 -42.20 -3.03
N PRO C 607 -16.44 -42.23 -4.33
CA PRO C 607 -16.02 -43.31 -5.24
C PRO C 607 -14.75 -43.07 -6.05
N PHE C 608 -14.07 -41.94 -5.80
CA PHE C 608 -12.93 -41.52 -6.62
C PHE C 608 -11.59 -41.70 -5.90
N ARG C 609 -11.54 -42.39 -4.75
CA ARG C 609 -10.30 -42.58 -4.01
C ARG C 609 -9.63 -41.25 -3.68
N VAL C 610 -10.43 -40.28 -3.21
CA VAL C 610 -9.85 -39.05 -2.69
C VAL C 610 -9.29 -39.35 -1.28
N ILE C 611 -8.35 -38.50 -0.82
CA ILE C 611 -7.57 -38.74 0.38
C ILE C 611 -8.03 -37.81 1.50
N SER C 612 -8.39 -38.42 2.64
CA SER C 612 -8.68 -37.69 3.85
C SER C 612 -7.42 -37.49 4.70
N GLU C 613 -7.51 -36.58 5.67
CA GLU C 613 -6.37 -36.20 6.50
C GLU C 613 -5.86 -37.40 7.31
N CYS C 614 -6.80 -38.14 7.91
CA CYS C 614 -6.46 -39.24 8.80
C CYS C 614 -7.08 -40.56 8.33
N LYS C 615 -6.58 -41.67 8.89
CA LYS C 615 -7.11 -43.00 8.59
C LYS C 615 -8.61 -43.05 8.90
N GLY C 616 -9.40 -43.52 7.94
CA GLY C 616 -10.84 -43.62 8.08
C GLY C 616 -11.53 -42.26 8.21
N GLY C 617 -10.83 -41.20 7.82
CA GLY C 617 -11.38 -39.84 7.90
C GLY C 617 -12.32 -39.56 6.73
N THR C 618 -13.03 -38.42 6.85
CA THR C 618 -14.09 -38.05 5.93
C THR C 618 -14.01 -36.55 5.62
N ASN C 619 -12.78 -36.03 5.41
CA ASN C 619 -12.57 -34.63 5.11
C ASN C 619 -11.59 -34.46 3.94
N PRO C 620 -11.81 -35.11 2.79
CA PRO C 620 -10.92 -34.93 1.64
C PRO C 620 -11.04 -33.53 1.05
N TYR C 621 -10.12 -33.12 0.20
CA TYR C 621 -8.91 -33.83 -0.27
C TYR C 621 -7.65 -33.25 0.34
N PHE C 622 -6.87 -34.09 1.04
CA PHE C 622 -5.78 -33.64 1.86
C PHE C 622 -4.54 -33.64 0.96
N SER C 623 -4.35 -32.52 0.26
CA SER C 623 -3.26 -32.41 -0.72
C SER C 623 -1.89 -32.49 -0.04
N THR C 624 -1.81 -32.13 1.25
CA THR C 624 -0.59 -32.34 2.01
C THR C 624 -0.14 -33.80 1.95
N GLY C 625 -1.09 -34.73 2.18
CA GLY C 625 -0.83 -36.17 2.17
C GLY C 625 -0.28 -36.63 0.81
N ALA C 626 -0.92 -36.12 -0.26
CA ALA C 626 -0.48 -36.39 -1.61
C ALA C 626 0.96 -35.94 -1.83
N GLY C 627 1.27 -34.77 -1.33
CA GLY C 627 2.59 -34.17 -1.45
C GLY C 627 3.66 -35.08 -0.85
N GLY C 628 3.40 -35.53 0.36
CA GLY C 628 4.30 -36.44 1.03
C GLY C 628 4.47 -37.76 0.27
N VAL C 629 3.36 -38.35 -0.19
CA VAL C 629 3.38 -39.63 -0.85
C VAL C 629 4.18 -39.46 -2.14
N LEU C 630 4.03 -38.32 -2.81
CA LEU C 630 4.77 -38.03 -4.04
C LEU C 630 6.27 -37.98 -3.76
N GLN C 631 6.67 -37.47 -2.58
CA GLN C 631 8.07 -37.49 -2.20
C GLN C 631 8.51 -38.94 -1.97
N ALA C 632 7.65 -39.77 -1.37
CA ALA C 632 8.02 -41.16 -1.18
C ALA C 632 8.30 -41.82 -2.54
N VAL C 633 7.53 -41.45 -3.56
CA VAL C 633 7.73 -42.01 -4.90
C VAL C 633 8.96 -41.43 -5.59
N ILE C 634 9.07 -40.09 -5.61
CA ILE C 634 10.09 -39.42 -6.40
C ILE C 634 11.44 -39.48 -5.69
N MET C 635 11.43 -39.07 -4.40
CA MET C 635 12.68 -39.02 -3.66
C MET C 635 13.00 -40.40 -3.07
N GLY C 636 11.98 -41.22 -2.79
CA GLY C 636 12.27 -42.52 -2.20
C GLY C 636 12.56 -43.59 -3.26
N PHE C 637 11.50 -44.03 -3.93
CA PHE C 637 11.60 -45.07 -4.94
C PHE C 637 12.49 -44.59 -6.08
N GLY C 638 12.38 -43.32 -6.45
CA GLY C 638 13.16 -42.76 -7.54
C GLY C 638 14.59 -42.40 -7.14
N GLY C 639 14.83 -42.29 -5.83
CA GLY C 639 16.14 -41.96 -5.30
C GLY C 639 16.56 -40.51 -5.56
N LEU C 640 15.63 -39.65 -6.01
CA LEU C 640 15.98 -38.30 -6.40
C LEU C 640 16.14 -37.43 -5.17
N ASP C 641 17.06 -36.46 -5.25
CA ASP C 641 17.44 -35.71 -4.07
C ASP C 641 17.93 -34.33 -4.50
N ILE C 642 17.66 -33.33 -3.68
CA ILE C 642 18.22 -32.00 -3.87
C ILE C 642 19.64 -32.01 -3.31
N ASP C 643 20.60 -31.80 -4.21
CA ASP C 643 22.02 -31.79 -3.88
C ASP C 643 22.37 -30.49 -3.16
N ALA C 644 23.00 -30.62 -1.98
CA ALA C 644 23.27 -29.48 -1.11
C ALA C 644 24.20 -28.47 -1.80
N ALA C 645 24.89 -28.91 -2.86
CA ALA C 645 25.76 -28.03 -3.62
C ALA C 645 25.12 -27.56 -4.91
N GLY C 646 23.85 -27.90 -5.17
CA GLY C 646 23.14 -27.41 -6.35
C GLY C 646 22.61 -28.54 -7.24
N GLY C 647 21.38 -28.38 -7.75
CA GLY C 647 20.78 -29.29 -8.71
C GLY C 647 20.17 -30.53 -8.07
N ILE C 648 19.85 -31.51 -8.92
CA ILE C 648 19.25 -32.77 -8.51
C ILE C 648 20.25 -33.89 -8.75
N LYS C 649 20.38 -34.79 -7.76
CA LYS C 649 21.20 -35.98 -7.86
C LYS C 649 20.33 -37.20 -7.58
N GLN C 650 20.89 -38.39 -7.79
CA GLN C 650 20.17 -39.62 -7.55
C GLN C 650 20.98 -40.49 -6.60
N VAL C 651 20.35 -40.94 -5.50
CA VAL C 651 21.01 -41.82 -4.55
C VAL C 651 20.40 -43.22 -4.70
N LYS C 652 20.97 -44.19 -3.97
CA LYS C 652 20.47 -45.56 -4.05
C LYS C 652 19.01 -45.64 -3.58
N SER C 653 18.25 -46.53 -4.23
CA SER C 653 16.85 -46.75 -3.92
C SER C 653 16.44 -48.17 -4.26
N VAL C 654 15.19 -48.51 -3.95
CA VAL C 654 14.57 -49.76 -4.34
C VAL C 654 13.14 -49.48 -4.78
N LEU C 655 12.57 -50.41 -5.55
CA LEU C 655 11.17 -50.35 -5.93
C LEU C 655 10.37 -51.39 -5.15
N PRO C 656 9.04 -51.22 -5.02
CA PRO C 656 8.17 -52.32 -4.64
C PRO C 656 8.45 -53.54 -5.54
N LYS C 657 8.34 -54.73 -4.95
CA LYS C 657 8.58 -55.99 -5.64
C LYS C 657 7.77 -56.06 -6.94
N ASN C 658 6.50 -55.65 -6.84
CA ASN C 658 5.50 -55.80 -7.90
C ASN C 658 5.62 -54.69 -8.95
N TRP C 659 6.45 -53.66 -8.71
CA TRP C 659 6.67 -52.63 -9.73
C TRP C 659 7.80 -53.06 -10.68
N LYS C 660 7.44 -53.27 -11.95
CA LYS C 660 8.40 -53.63 -12.98
C LYS C 660 9.26 -52.45 -13.42
N LYS C 661 8.67 -51.25 -13.46
CA LYS C 661 9.42 -50.08 -13.90
C LYS C 661 8.79 -48.81 -13.32
N LEU C 662 9.68 -47.86 -12.98
CA LEU C 662 9.28 -46.53 -12.53
C LEU C 662 9.97 -45.50 -13.43
N THR C 663 9.16 -44.69 -14.11
CA THR C 663 9.65 -43.63 -14.98
C THR C 663 9.16 -42.27 -14.49
N ILE C 664 10.10 -41.35 -14.23
CA ILE C 664 9.81 -40.01 -13.74
C ILE C 664 10.36 -39.00 -14.76
N THR C 665 9.48 -38.14 -15.31
CA THR C 665 9.89 -37.25 -16.40
C THR C 665 9.81 -35.79 -15.94
N GLY C 666 10.60 -34.94 -16.61
CA GLY C 666 10.57 -33.50 -16.44
C GLY C 666 11.22 -33.02 -15.14
N ILE C 667 12.27 -33.71 -14.69
CA ILE C 667 12.89 -33.42 -13.40
C ILE C 667 14.01 -32.39 -13.55
N GLY C 668 13.98 -31.33 -12.72
CA GLY C 668 15.06 -30.36 -12.62
C GLY C 668 15.03 -29.38 -13.80
N ILE C 669 15.95 -28.40 -13.83
CA ILE C 669 15.83 -27.40 -14.88
C ILE C 669 16.26 -28.00 -16.23
N GLU C 670 16.94 -29.15 -16.22
CA GLU C 670 17.37 -29.84 -17.44
C GLU C 670 16.25 -30.78 -17.94
N LYS C 671 15.18 -30.93 -17.17
CA LYS C 671 14.02 -31.72 -17.56
C LYS C 671 14.42 -33.15 -17.85
N LYS C 672 15.11 -33.79 -16.91
CA LYS C 672 15.65 -35.12 -17.09
C LYS C 672 14.59 -36.18 -16.85
N THR C 673 14.72 -37.30 -17.56
CA THR C 673 13.95 -38.51 -17.33
C THR C 673 14.78 -39.51 -16.56
N PHE C 674 14.17 -40.11 -15.53
CA PHE C 674 14.79 -41.16 -14.74
C PHE C 674 13.97 -42.44 -14.86
N VAL C 675 14.67 -43.56 -15.18
CA VAL C 675 14.01 -44.85 -15.30
C VAL C 675 14.62 -45.81 -14.28
N LEU C 676 13.77 -46.51 -13.53
CA LEU C 676 14.20 -47.44 -12.51
C LEU C 676 13.54 -48.79 -12.74
N THR C 677 14.34 -49.86 -12.64
CA THR C 677 13.88 -51.23 -12.73
C THR C 677 14.54 -52.05 -11.62
N HIS C 678 14.10 -53.30 -11.45
CA HIS C 678 14.79 -54.22 -10.55
C HIS C 678 16.09 -54.70 -11.23
#